data_7BSH
# 
_entry.id   7BSH 
# 
_audit_conform.dict_name       mmcif_pdbx.dic 
_audit_conform.dict_version    5.380 
_audit_conform.dict_location   http://mmcif.pdb.org/dictionaries/ascii/mmcif_pdbx.dic 
# 
loop_
_database_2.database_id 
_database_2.database_code 
_database_2.pdbx_database_accession 
_database_2.pdbx_DOI 
PDB   7BSH         pdb_00007bsh 10.2210/pdb7bsh/pdb 
WWPDB D_1300016353 ?            ?                   
# 
_pdbx_database_related.db_name        PDB 
_pdbx_database_related.details        'Original sequence' 
_pdbx_database_related.db_id          6JR4 
_pdbx_database_related.content_type   unspecified 
# 
_pdbx_database_status.status_code                     REL 
_pdbx_database_status.status_code_sf                  REL 
_pdbx_database_status.status_code_mr                  ? 
_pdbx_database_status.entry_id                        7BSH 
_pdbx_database_status.recvd_initial_deposition_date   2020-03-30 
_pdbx_database_status.SG_entry                        N 
_pdbx_database_status.deposit_site                    PDBJ 
_pdbx_database_status.process_site                    PDBJ 
_pdbx_database_status.status_code_cs                  ? 
_pdbx_database_status.status_code_nmr_data            ? 
_pdbx_database_status.methods_development_category    ? 
_pdbx_database_status.pdb_format_compatible           Y 
# 
loop_
_audit_author.name 
_audit_author.pdbx_ordinal 
_audit_author.identifier_ORCID 
'Kondo, J.'     1 ? 
'Cerretani, C.' 2 ? 
'Vosch, T.'     3 ? 
# 
_citation.abstract                  ? 
_citation.abstract_id_CAS           ? 
_citation.book_id_ISBN              ? 
_citation.book_publisher            ? 
_citation.book_publisher_city       ? 
_citation.book_title                ? 
_citation.coordinate_linkage        ? 
_citation.country                   UK 
_citation.database_id_Medline       ? 
_citation.details                   ? 
_citation.id                        primary 
_citation.journal_abbrev            CrystEngComm 
_citation.journal_id_ASTM           ? 
_citation.journal_id_CSD            0353 
_citation.journal_id_ISSN           1466-8033 
_citation.journal_full              ? 
_citation.journal_issue             ? 
_citation.journal_volume            22 
_citation.language                  ? 
_citation.page_first                8136 
_citation.page_last                 8141 
_citation.title                     
'Mutation of position 5 as a crystal engineering tool for a NIR-emitting DNA-stabilized Ag16 nanocluster.' 
_citation.year                      2020 
_citation.database_id_CSD           ? 
_citation.pdbx_database_id_DOI      10.1039/D0CE01225D 
_citation.pdbx_database_id_PubMed   ? 
_citation.unpublished_flag          ? 
# 
loop_
_citation_author.citation_id 
_citation_author.name 
_citation_author.ordinal 
_citation_author.identifier_ORCID 
primary 'Cerretani, C.' 1 ? 
primary 'Kondo, J.'     2 ? 
primary 'Vosch, T.'     3 ? 
# 
_cell.angle_alpha                  90.000 
_cell.angle_alpha_esd              ? 
_cell.angle_beta                   90.000 
_cell.angle_beta_esd               ? 
_cell.angle_gamma                  90.000 
_cell.angle_gamma_esd              ? 
_cell.entry_id                     7BSH 
_cell.details                      ? 
_cell.formula_units_Z              ? 
_cell.length_a                     28.223 
_cell.length_a_esd                 ? 
_cell.length_b                     35.960 
_cell.length_b_esd                 ? 
_cell.length_c                     43.482 
_cell.length_c_esd                 ? 
_cell.volume                       ? 
_cell.volume_esd                   ? 
_cell.Z_PDB                        8 
_cell.reciprocal_angle_alpha       ? 
_cell.reciprocal_angle_beta        ? 
_cell.reciprocal_angle_gamma       ? 
_cell.reciprocal_angle_alpha_esd   ? 
_cell.reciprocal_angle_beta_esd    ? 
_cell.reciprocal_angle_gamma_esd   ? 
_cell.reciprocal_length_a          ? 
_cell.reciprocal_length_b          ? 
_cell.reciprocal_length_c          ? 
_cell.reciprocal_length_a_esd      ? 
_cell.reciprocal_length_b_esd      ? 
_cell.reciprocal_length_c_esd      ? 
_cell.pdbx_unique_axis             ? 
# 
_symmetry.entry_id                         7BSH 
_symmetry.cell_setting                     ? 
_symmetry.Int_Tables_number                19 
_symmetry.space_group_name_Hall            ? 
_symmetry.space_group_name_H-M             'P 21 21 21' 
_symmetry.pdbx_full_space_group_name_H-M   ? 
# 
loop_
_entity.id 
_entity.type 
_entity.src_method 
_entity.pdbx_description 
_entity.formula_weight 
_entity.pdbx_number_of_molecules 
_entity.pdbx_ec 
_entity.pdbx_mutation 
_entity.pdbx_fragment 
_entity.details 
1 polymer     syn 
;DNA (5'-D(*CP*AP*CP*CP*(3DR)P*AP*GP*CP*GP*A)-3')
;
2889.897 2  ? ? ? 'SF file contains Friedel pairs.' 
2 non-polymer syn 'SILVER ION'                                       107.868  18 ? ? ? ?                                 
3 water       nat water                                              18.015   33 ? ? ? ?                                 
# 
_entity_poly.entity_id                      1 
_entity_poly.type                           polydeoxyribonucleotide 
_entity_poly.nstd_linkage                   no 
_entity_poly.nstd_monomer                   yes 
_entity_poly.pdbx_seq_one_letter_code       '(DC)(DA)(DC)(DC)(3DR)(DA)(DG)(DC)(DG)(DA)' 
_entity_poly.pdbx_seq_one_letter_code_can   CACCNAGCGA 
_entity_poly.pdbx_strand_id                 A,B 
_entity_poly.pdbx_target_identifier         ? 
# 
loop_
_entity_poly_seq.entity_id 
_entity_poly_seq.num 
_entity_poly_seq.mon_id 
_entity_poly_seq.hetero 
1 1  DC  n 
1 2  DA  n 
1 3  DC  n 
1 4  DC  n 
1 5  3DR n 
1 6  DA  n 
1 7  DG  n 
1 8  DC  n 
1 9  DG  n 
1 10 DA  n 
# 
_pdbx_entity_src_syn.entity_id              1 
_pdbx_entity_src_syn.pdbx_src_id            1 
_pdbx_entity_src_syn.pdbx_alt_source_flag   sample 
_pdbx_entity_src_syn.pdbx_beg_seq_num       1 
_pdbx_entity_src_syn.pdbx_end_seq_num       10 
_pdbx_entity_src_syn.organism_scientific    'synthetic construct' 
_pdbx_entity_src_syn.organism_common_name   ? 
_pdbx_entity_src_syn.ncbi_taxonomy_id       32630 
_pdbx_entity_src_syn.details                ? 
# 
_struct_ref.id                         1 
_struct_ref.db_name                    PDB 
_struct_ref.db_code                    7BSH 
_struct_ref.pdbx_db_accession          7BSH 
_struct_ref.pdbx_db_isoform            ? 
_struct_ref.entity_id                  1 
_struct_ref.pdbx_seq_one_letter_code   ? 
_struct_ref.pdbx_align_begin           1 
# 
loop_
_struct_ref_seq.align_id 
_struct_ref_seq.ref_id 
_struct_ref_seq.pdbx_PDB_id_code 
_struct_ref_seq.pdbx_strand_id 
_struct_ref_seq.seq_align_beg 
_struct_ref_seq.pdbx_seq_align_beg_ins_code 
_struct_ref_seq.seq_align_end 
_struct_ref_seq.pdbx_seq_align_end_ins_code 
_struct_ref_seq.pdbx_db_accession 
_struct_ref_seq.db_align_beg 
_struct_ref_seq.pdbx_db_align_beg_ins_code 
_struct_ref_seq.db_align_end 
_struct_ref_seq.pdbx_db_align_end_ins_code 
_struct_ref_seq.pdbx_auth_seq_align_beg 
_struct_ref_seq.pdbx_auth_seq_align_end 
1 1 7BSH A 1 ? 10 ? 7BSH 1 ? 10 ? 1 10 
2 1 7BSH B 1 ? 10 ? 7BSH 1 ? 10 ? 1 10 
# 
loop_
_chem_comp.id 
_chem_comp.type 
_chem_comp.mon_nstd_flag 
_chem_comp.name 
_chem_comp.pdbx_synonyms 
_chem_comp.formula 
_chem_comp.formula_weight 
3DR 'DNA linking' . "1',2'-DIDEOXYRIBOFURANOSE-5'-PHOSPHATE" 'ABASIC DIDEOXYRIBOSE' 'C5 H11 O6 P'     198.111 
AG  non-polymer   . 'SILVER ION'                             ?                      'Ag 1'            107.868 
DA  'DNA linking' y "2'-DEOXYADENOSINE-5'-MONOPHOSPHATE"     ?                      'C10 H14 N5 O6 P' 331.222 
DC  'DNA linking' y "2'-DEOXYCYTIDINE-5'-MONOPHOSPHATE"      ?                      'C9 H14 N3 O7 P'  307.197 
DG  'DNA linking' y "2'-DEOXYGUANOSINE-5'-MONOPHOSPHATE"     ?                      'C10 H14 N5 O7 P' 347.221 
HOH non-polymer   . WATER                                    ?                      'H2 O'            18.015  
# 
_exptl.absorpt_coefficient_mu     ? 
_exptl.absorpt_correction_T_max   ? 
_exptl.absorpt_correction_T_min   ? 
_exptl.absorpt_correction_type    ? 
_exptl.absorpt_process_details    ? 
_exptl.entry_id                   7BSH 
_exptl.crystals_number            1 
_exptl.details                    ? 
_exptl.method                     'X-RAY DIFFRACTION' 
_exptl.method_details             ? 
# 
_exptl_crystal.colour                      ? 
_exptl_crystal.density_diffrn              ? 
_exptl_crystal.density_Matthews            1.90 
_exptl_crystal.density_method              ? 
_exptl_crystal.density_percent_sol         35.20 
_exptl_crystal.description                 ? 
_exptl_crystal.F_000                       ? 
_exptl_crystal.id                          1 
_exptl_crystal.preparation                 ? 
_exptl_crystal.size_max                    ? 
_exptl_crystal.size_mid                    ? 
_exptl_crystal.size_min                    ? 
_exptl_crystal.size_rad                    ? 
_exptl_crystal.colour_lustre               ? 
_exptl_crystal.colour_modifier             ? 
_exptl_crystal.colour_primary              ? 
_exptl_crystal.density_meas                ? 
_exptl_crystal.density_meas_esd            ? 
_exptl_crystal.density_meas_gt             ? 
_exptl_crystal.density_meas_lt             ? 
_exptl_crystal.density_meas_temp           ? 
_exptl_crystal.density_meas_temp_esd       ? 
_exptl_crystal.density_meas_temp_gt        ? 
_exptl_crystal.density_meas_temp_lt        ? 
_exptl_crystal.pdbx_crystal_image_url      ? 
_exptl_crystal.pdbx_crystal_image_format   ? 
_exptl_crystal.pdbx_mosaicity              ? 
_exptl_crystal.pdbx_mosaicity_esd          ? 
# 
_exptl_crystal_grow.apparatus       ? 
_exptl_crystal_grow.atmosphere      ? 
_exptl_crystal_grow.crystal_id      1 
_exptl_crystal_grow.details         ? 
_exptl_crystal_grow.method          'VAPOR DIFFUSION, HANGING DROP' 
_exptl_crystal_grow.method_ref      ? 
_exptl_crystal_grow.pH              ? 
_exptl_crystal_grow.pressure        ? 
_exptl_crystal_grow.pressure_esd    ? 
_exptl_crystal_grow.seeding         ? 
_exptl_crystal_grow.seeding_ref     ? 
_exptl_crystal_grow.temp            293 
_exptl_crystal_grow.temp_details    ? 
_exptl_crystal_grow.temp_esd        ? 
_exptl_crystal_grow.time            ? 
_exptl_crystal_grow.pdbx_details    'MOPS, Spermine, calcium nitrate, MPD' 
_exptl_crystal_grow.pdbx_pH_range   ? 
# 
_diffrn.ambient_environment              ? 
_diffrn.ambient_temp                     100 
_diffrn.ambient_temp_details             ? 
_diffrn.ambient_temp_esd                 ? 
_diffrn.crystal_id                       1 
_diffrn.crystal_support                  ? 
_diffrn.crystal_treatment                ? 
_diffrn.details                          ? 
_diffrn.id                               1 
_diffrn.ambient_pressure                 ? 
_diffrn.ambient_pressure_esd             ? 
_diffrn.ambient_pressure_gt              ? 
_diffrn.ambient_pressure_lt              ? 
_diffrn.ambient_temp_gt                  ? 
_diffrn.ambient_temp_lt                  ? 
_diffrn.pdbx_serial_crystal_experiment   N 
# 
_diffrn_detector.details                      ? 
_diffrn_detector.detector                     PIXEL 
_diffrn_detector.diffrn_id                    1 
_diffrn_detector.type                         'DECTRIS EIGER X 16M' 
_diffrn_detector.area_resol_mean              ? 
_diffrn_detector.dtime                        ? 
_diffrn_detector.pdbx_frames_total            ? 
_diffrn_detector.pdbx_collection_time_total   ? 
_diffrn_detector.pdbx_collection_date         2020-02-25 
_diffrn_detector.pdbx_frequency               ? 
# 
_diffrn_radiation.collimation                      ? 
_diffrn_radiation.diffrn_id                        1 
_diffrn_radiation.filter_edge                      ? 
_diffrn_radiation.inhomogeneity                    ? 
_diffrn_radiation.monochromator                    ? 
_diffrn_radiation.polarisn_norm                    ? 
_diffrn_radiation.polarisn_ratio                   ? 
_diffrn_radiation.probe                            ? 
_diffrn_radiation.type                             ? 
_diffrn_radiation.xray_symbol                      ? 
_diffrn_radiation.wavelength_id                    1 
_diffrn_radiation.pdbx_monochromatic_or_laue_m_l   M 
_diffrn_radiation.pdbx_wavelength_list             ? 
_diffrn_radiation.pdbx_wavelength                  ? 
_diffrn_radiation.pdbx_diffrn_protocol             'SINGLE WAVELENGTH' 
_diffrn_radiation.pdbx_analyzer                    ? 
_diffrn_radiation.pdbx_scattering_type             x-ray 
# 
_diffrn_radiation_wavelength.id           1 
_diffrn_radiation_wavelength.wavelength   0.98 
_diffrn_radiation_wavelength.wt           1.0 
# 
_diffrn_source.current                     ? 
_diffrn_source.details                     ? 
_diffrn_source.diffrn_id                   1 
_diffrn_source.power                       ? 
_diffrn_source.size                        ? 
_diffrn_source.source                      SYNCHROTRON 
_diffrn_source.target                      ? 
_diffrn_source.type                        'PHOTON FACTORY BEAMLINE BL-17A' 
_diffrn_source.voltage                     ? 
_diffrn_source.take-off_angle              ? 
_diffrn_source.pdbx_wavelength_list        0.98 
_diffrn_source.pdbx_wavelength             ? 
_diffrn_source.pdbx_synchrotron_beamline   BL-17A 
_diffrn_source.pdbx_synchrotron_site       'Photon Factory' 
# 
_reflns.B_iso_Wilson_estimate            12.492 
_reflns.entry_id                         7BSH 
_reflns.data_reduction_details           ? 
_reflns.data_reduction_method            ? 
_reflns.d_resolution_high                1.200 
_reflns.d_resolution_low                 27.710 
_reflns.details                          ? 
_reflns.limit_h_max                      ? 
_reflns.limit_h_min                      ? 
_reflns.limit_k_max                      ? 
_reflns.limit_k_min                      ? 
_reflns.limit_l_max                      ? 
_reflns.limit_l_min                      ? 
_reflns.number_all                       ? 
_reflns.number_obs                       26773 
_reflns.observed_criterion               ? 
_reflns.observed_criterion_F_max         ? 
_reflns.observed_criterion_F_min         ? 
_reflns.observed_criterion_I_max         ? 
_reflns.observed_criterion_I_min         ? 
_reflns.observed_criterion_sigma_F       ? 
_reflns.observed_criterion_sigma_I       ? 
_reflns.percent_possible_obs             99.900 
_reflns.R_free_details                   ? 
_reflns.Rmerge_F_all                     ? 
_reflns.Rmerge_F_obs                     ? 
_reflns.Friedel_coverage                 ? 
_reflns.number_gt                        ? 
_reflns.threshold_expression             ? 
_reflns.pdbx_redundancy                  6.772 
_reflns.pdbx_Rmerge_I_obs                0.060 
_reflns.pdbx_Rmerge_I_all                ? 
_reflns.pdbx_Rsym_value                  ? 
_reflns.pdbx_netI_over_av_sigmaI         ? 
_reflns.pdbx_netI_over_sigmaI            18.840 
_reflns.pdbx_res_netI_over_av_sigmaI_2   ? 
_reflns.pdbx_res_netI_over_sigmaI_2      ? 
_reflns.pdbx_chi_squared                 1.178 
_reflns.pdbx_scaling_rejects             7 
_reflns.pdbx_d_res_high_opt              ? 
_reflns.pdbx_d_res_low_opt               ? 
_reflns.pdbx_d_res_opt_method            ? 
_reflns.phase_calculation_details        ? 
_reflns.pdbx_Rrim_I_all                  0.065 
_reflns.pdbx_Rpim_I_all                  ? 
_reflns.pdbx_d_opt                       ? 
_reflns.pdbx_number_measured_all         181315 
_reflns.pdbx_diffrn_id                   1 
_reflns.pdbx_ordinal                     1 
_reflns.pdbx_CC_half                     0.999 
_reflns.pdbx_CC_star                     ? 
_reflns.pdbx_R_split                     ? 
# 
loop_
_reflns_shell.d_res_high 
_reflns_shell.d_res_low 
_reflns_shell.meanI_over_sigI_all 
_reflns_shell.meanI_over_sigI_obs 
_reflns_shell.number_measured_all 
_reflns_shell.number_measured_obs 
_reflns_shell.number_possible 
_reflns_shell.number_unique_all 
_reflns_shell.number_unique_obs 
_reflns_shell.percent_possible_all 
_reflns_shell.percent_possible_obs 
_reflns_shell.Rmerge_F_all 
_reflns_shell.Rmerge_F_obs 
_reflns_shell.Rmerge_I_all 
_reflns_shell.Rmerge_I_obs 
_reflns_shell.meanI_over_sigI_gt 
_reflns_shell.meanI_over_uI_all 
_reflns_shell.meanI_over_uI_gt 
_reflns_shell.number_measured_gt 
_reflns_shell.number_unique_gt 
_reflns_shell.percent_possible_gt 
_reflns_shell.Rmerge_F_gt 
_reflns_shell.Rmerge_I_gt 
_reflns_shell.pdbx_redundancy 
_reflns_shell.pdbx_Rsym_value 
_reflns_shell.pdbx_chi_squared 
_reflns_shell.pdbx_netI_over_sigmaI_all 
_reflns_shell.pdbx_netI_over_sigmaI_obs 
_reflns_shell.pdbx_Rrim_I_all 
_reflns_shell.pdbx_Rpim_I_all 
_reflns_shell.pdbx_rejects 
_reflns_shell.pdbx_ordinal 
_reflns_shell.pdbx_diffrn_id 
_reflns_shell.pdbx_CC_half 
_reflns_shell.pdbx_CC_star 
_reflns_shell.pdbx_R_split 
1.200 1.230  ? 6.190  ? 12745 1984 ? 1968 99.200  ? ? ? ? 0.292 ? ? ? ? ? ? ? ? 6.476 ? ? ? ? 0.318 ? ? 1  1 0.972 ? ? 
1.230 1.260  ? 7.280  ? 12672 1931 ? 1931 100.000 ? ? ? ? 0.245 ? ? ? ? ? ? ? ? 6.562 ? ? ? ? 0.266 ? ? 2  1 0.983 ? ? 
1.260 1.300  ? 8.540  ? 12093 1850 ? 1850 100.000 ? ? ? ? 0.205 ? ? ? ? ? ? ? ? 6.537 ? ? ? ? 0.222 ? ? 3  1 0.987 ? ? 
1.300 1.340  ? 9.560  ? 12194 1878 ? 1878 100.000 ? ? ? ? 0.180 ? ? ? ? ? ? ? ? 6.493 ? ? ? ? 0.196 ? ? 4  1 0.992 ? ? 
1.340 1.380  ? 9.980  ? 10565 1756 ? 1754 99.900  ? ? ? ? 0.167 ? ? ? ? ? ? ? ? 6.023 ? ? ? ? 0.183 ? ? 5  1 0.989 ? ? 
1.380 1.430  ? 10.910 ? 10809 1708 ? 1707 99.900  ? ? ? ? 0.150 ? ? ? ? ? ? ? ? 6.332 ? ? ? ? 0.164 ? ? 6  1 0.991 ? ? 
1.430 1.490  ? 12.760 ? 11923 1672 ? 1672 100.000 ? ? ? ? 0.121 ? ? ? ? ? ? ? ? 7.131 ? ? ? ? 0.131 ? ? 7  1 0.997 ? ? 
1.490 1.550  ? 14.610 ? 11283 1561 ? 1561 100.000 ? ? ? ? 0.104 ? ? ? ? ? ? ? ? 7.228 ? ? ? ? 0.112 ? ? 8  1 0.998 ? ? 
1.550 1.620  ? 15.710 ? 11181 1543 ? 1543 100.000 ? ? ? ? 0.103 ? ? ? ? ? ? ? ? 7.246 ? ? ? ? 0.111 ? ? 9  1 0.998 ? ? 
1.620 1.700  ? 17.590 ? 10353 1439 ? 1438 99.900  ? ? ? ? 0.097 ? ? ? ? ? ? ? ? 7.200 ? ? ? ? 0.105 ? ? 10 1 0.998 ? ? 
1.700 1.790  ? 21.080 ? 9873  1383 ? 1383 100.000 ? ? ? ? 0.083 ? ? ? ? ? ? ? ? 7.139 ? ? ? ? 0.089 ? ? 11 1 0.998 ? ? 
1.790 1.900  ? 25.610 ? 9344  1322 ? 1322 100.000 ? ? ? ? 0.065 ? ? ? ? ? ? ? ? 7.068 ? ? ? ? 0.070 ? ? 12 1 0.998 ? ? 
1.900 2.030  ? 28.780 ? 8470  1231 ? 1231 100.000 ? ? ? ? 0.054 ? ? ? ? ? ? ? ? 6.881 ? ? ? ? 0.059 ? ? 13 1 0.998 ? ? 
2.030 2.190  ? 33.030 ? 7509  1134 ? 1134 100.000 ? ? ? ? 0.043 ? ? ? ? ? ? ? ? 6.622 ? ? ? ? 0.047 ? ? 14 1 0.999 ? ? 
2.190 2.400  ? 35.760 ? 6290  1057 ? 1056 99.900  ? ? ? ? 0.039 ? ? ? ? ? ? ? ? 5.956 ? ? ? ? 0.043 ? ? 15 1 0.999 ? ? 
2.400 2.680  ? 39.650 ? 6448  951  ? 950  99.900  ? ? ? ? 0.037 ? ? ? ? ? ? ? ? 6.787 ? ? ? ? 0.040 ? ? 16 1 0.999 ? ? 
2.680 3.100  ? 41.660 ? 6221  842  ? 842  100.000 ? ? ? ? 0.038 ? ? ? ? ? ? ? ? 7.388 ? ? ? ? 0.041 ? ? 17 1 0.999 ? ? 
3.100 3.790  ? 42.640 ? 5277  713  ? 712  99.900  ? ? ? ? 0.038 ? ? ? ? ? ? ? ? 7.412 ? ? ? ? 0.041 ? ? 18 1 0.999 ? ? 
3.790 5.360  ? 43.750 ? 3970  542  ? 542  100.000 ? ? ? ? 0.037 ? ? ? ? ? ? ? ? 7.325 ? ? ? ? 0.040 ? ? 19 1 0.999 ? ? 
5.360 27.710 ? 47.660 ? 2095  303  ? 299  98.700  ? ? ? ? 0.034 ? ? ? ? ? ? ? ? 7.007 ? ? ? ? 0.038 ? ? 20 1 0.999 ? ? 
# 
_refine.aniso_B[1][1]                            ? 
_refine.aniso_B[1][2]                            ? 
_refine.aniso_B[1][3]                            ? 
_refine.aniso_B[2][2]                            ? 
_refine.aniso_B[2][3]                            ? 
_refine.aniso_B[3][3]                            ? 
_refine.B_iso_max                                37.360 
_refine.B_iso_mean                               16.8346 
_refine.B_iso_min                                9.310 
_refine.correlation_coeff_Fo_to_Fc               ? 
_refine.correlation_coeff_Fo_to_Fc_free          ? 
_refine.details                                  ? 
_refine.diff_density_max                         ? 
_refine.diff_density_max_esd                     ? 
_refine.diff_density_min                         ? 
_refine.diff_density_min_esd                     ? 
_refine.diff_density_rms                         ? 
_refine.diff_density_rms_esd                     ? 
_refine.entry_id                                 7BSH 
_refine.pdbx_refine_id                           'X-RAY DIFFRACTION' 
_refine.ls_abs_structure_details                 ? 
_refine.ls_abs_structure_Flack                   ? 
_refine.ls_abs_structure_Flack_esd               ? 
_refine.ls_abs_structure_Rogers                  ? 
_refine.ls_abs_structure_Rogers_esd              ? 
_refine.ls_d_res_high                            1.2000 
_refine.ls_d_res_low                             27.7100 
_refine.ls_extinction_coef                       ? 
_refine.ls_extinction_coef_esd                   ? 
_refine.ls_extinction_expression                 ? 
_refine.ls_extinction_method                     ? 
_refine.ls_goodness_of_fit_all                   ? 
_refine.ls_goodness_of_fit_all_esd               ? 
_refine.ls_goodness_of_fit_obs                   ? 
_refine.ls_goodness_of_fit_obs_esd               ? 
_refine.ls_hydrogen_treatment                    ? 
_refine.ls_matrix_type                           ? 
_refine.ls_number_constraints                    ? 
_refine.ls_number_parameters                     ? 
_refine.ls_number_reflns_all                     ? 
_refine.ls_number_reflns_obs                     26741 
_refine.ls_number_reflns_R_free                  2682 
_refine.ls_number_reflns_R_work                  ? 
_refine.ls_number_restraints                     ? 
_refine.ls_percent_reflns_obs                    99.7200 
_refine.ls_percent_reflns_R_free                 10.0300 
_refine.ls_R_factor_all                          ? 
_refine.ls_R_factor_obs                          0.0783 
_refine.ls_R_factor_R_free                       0.0884 
_refine.ls_R_factor_R_free_error                 ? 
_refine.ls_R_factor_R_free_error_details         ? 
_refine.ls_R_factor_R_work                       0.0772 
_refine.ls_R_Fsqd_factor_obs                     ? 
_refine.ls_R_I_factor_obs                        ? 
_refine.ls_redundancy_reflns_all                 ? 
_refine.ls_redundancy_reflns_obs                 ? 
_refine.ls_restrained_S_all                      ? 
_refine.ls_restrained_S_obs                      ? 
_refine.ls_shift_over_esd_max                    ? 
_refine.ls_shift_over_esd_mean                   ? 
_refine.ls_structure_factor_coef                 ? 
_refine.ls_weighting_details                     ? 
_refine.ls_weighting_scheme                      ? 
_refine.ls_wR_factor_all                         ? 
_refine.ls_wR_factor_obs                         ? 
_refine.ls_wR_factor_R_free                      ? 
_refine.ls_wR_factor_R_work                      ? 
_refine.occupancy_max                            ? 
_refine.occupancy_min                            ? 
_refine.solvent_model_details                    ? 
_refine.solvent_model_param_bsol                 ? 
_refine.solvent_model_param_ksol                 ? 
_refine.pdbx_R_complete                          ? 
_refine.ls_R_factor_gt                           ? 
_refine.ls_goodness_of_fit_gt                    ? 
_refine.ls_goodness_of_fit_ref                   ? 
_refine.ls_shift_over_su_max                     ? 
_refine.ls_shift_over_su_max_lt                  ? 
_refine.ls_shift_over_su_mean                    ? 
_refine.ls_shift_over_su_mean_lt                 ? 
_refine.pdbx_ls_sigma_I                          ? 
_refine.pdbx_ls_sigma_F                          1.390 
_refine.pdbx_ls_sigma_Fsqd                       ? 
_refine.pdbx_data_cutoff_high_absF               ? 
_refine.pdbx_data_cutoff_high_rms_absF           ? 
_refine.pdbx_data_cutoff_low_absF                ? 
_refine.pdbx_isotropic_thermal_model             ? 
_refine.pdbx_ls_cross_valid_method               THROUGHOUT 
_refine.pdbx_method_to_determine_struct          'MOLECULAR REPLACEMENT' 
_refine.pdbx_starting_model                      6JR4 
_refine.pdbx_stereochemistry_target_values       ? 
_refine.pdbx_R_Free_selection_details            ? 
_refine.pdbx_stereochem_target_val_spec_case     ? 
_refine.pdbx_overall_ESU_R                       ? 
_refine.pdbx_overall_ESU_R_Free                  ? 
_refine.pdbx_solvent_vdw_probe_radii             1.1100 
_refine.pdbx_solvent_ion_probe_radii             ? 
_refine.pdbx_solvent_shrinkage_radii             0.9000 
_refine.pdbx_real_space_R                        ? 
_refine.pdbx_density_correlation                 ? 
_refine.pdbx_pd_number_of_powder_patterns        ? 
_refine.pdbx_pd_number_of_points                 ? 
_refine.pdbx_pd_meas_number_of_points            ? 
_refine.pdbx_pd_proc_ls_prof_R_factor            ? 
_refine.pdbx_pd_proc_ls_prof_wR_factor           ? 
_refine.pdbx_pd_Marquardt_correlation_coeff      ? 
_refine.pdbx_pd_Fsqrd_R_factor                   ? 
_refine.pdbx_pd_ls_matrix_band_width             ? 
_refine.pdbx_overall_phase_error                 6.6800 
_refine.pdbx_overall_SU_R_free_Cruickshank_DPI   ? 
_refine.pdbx_overall_SU_R_free_Blow_DPI          ? 
_refine.pdbx_overall_SU_R_Blow_DPI               ? 
_refine.pdbx_TLS_residual_ADP_flag               ? 
_refine.pdbx_diffrn_id                           1 
_refine.overall_SU_B                             ? 
_refine.overall_SU_ML                            0.0400 
_refine.overall_SU_R_Cruickshank_DPI             ? 
_refine.overall_SU_R_free                        ? 
_refine.overall_FOM_free_R_set                   ? 
_refine.overall_FOM_work_R_set                   ? 
_refine.pdbx_average_fsc_overall                 ? 
_refine.pdbx_average_fsc_work                    ? 
_refine.pdbx_average_fsc_free                    ? 
# 
_refine_hist.pdbx_refine_id                   'X-RAY DIFFRACTION' 
_refine_hist.cycle_id                         final 
_refine_hist.details                          ? 
_refine_hist.d_res_high                       1.2000 
_refine_hist.d_res_low                        27.7100 
_refine_hist.number_atoms_solvent             33 
_refine_hist.number_atoms_total               433 
_refine_hist.number_reflns_all                ? 
_refine_hist.number_reflns_obs                ? 
_refine_hist.number_reflns_R_free             ? 
_refine_hist.number_reflns_R_work             ? 
_refine_hist.R_factor_all                     ? 
_refine_hist.R_factor_obs                     ? 
_refine_hist.R_factor_R_free                  ? 
_refine_hist.R_factor_R_work                  ? 
_refine_hist.pdbx_number_residues_total       20 
_refine_hist.pdbx_B_iso_mean_ligand           10.37 
_refine_hist.pdbx_B_iso_mean_solvent          23.31 
_refine_hist.pdbx_number_atoms_protein        0 
_refine_hist.pdbx_number_atoms_nucleic_acid   382 
_refine_hist.pdbx_number_atoms_ligand         18 
_refine_hist.pdbx_number_atoms_lipid          ? 
_refine_hist.pdbx_number_atoms_carb           ? 
_refine_hist.pdbx_pseudo_atom_details         ? 
# 
loop_
_refine_ls_shell.pdbx_refine_id 
_refine_ls_shell.d_res_high 
_refine_ls_shell.d_res_low 
_refine_ls_shell.number_reflns_all 
_refine_ls_shell.number_reflns_obs 
_refine_ls_shell.number_reflns_R_free 
_refine_ls_shell.number_reflns_R_work 
_refine_ls_shell.percent_reflns_obs 
_refine_ls_shell.percent_reflns_R_free 
_refine_ls_shell.R_factor_all 
_refine_ls_shell.R_factor_obs 
_refine_ls_shell.R_factor_R_free 
_refine_ls_shell.R_factor_R_free_error 
_refine_ls_shell.R_factor_R_work 
_refine_ls_shell.redundancy_reflns_all 
_refine_ls_shell.redundancy_reflns_obs 
_refine_ls_shell.wR_factor_all 
_refine_ls_shell.wR_factor_obs 
_refine_ls_shell.wR_factor_R_free 
_refine_ls_shell.wR_factor_R_work 
_refine_ls_shell.pdbx_R_complete 
_refine_ls_shell.pdbx_total_number_of_bins_used 
_refine_ls_shell.pdbx_phase_error 
_refine_ls_shell.pdbx_fsc_work 
_refine_ls_shell.pdbx_fsc_free 
'X-RAY DIFFRACTION' 1.2000 1.2200  1347 . 133 1214 98.0000  . . . 0.1084 0.0000 0.1195 . . . . . . . 19 . . . 
'X-RAY DIFFRACTION' 1.2200 1.2400  1426 . 142 1284 100.0000 . . . 0.1024 0.0000 0.1070 . . . . . . . 19 . . . 
'X-RAY DIFFRACTION' 1.2400 1.2700  1423 . 142 1281 100.0000 . . . 0.0802 0.0000 0.0911 . . . . . . . 19 . . . 
'X-RAY DIFFRACTION' 1.2700 1.3000  1398 . 140 1258 100.0000 . . . 0.0916 0.0000 0.0841 . . . . . . . 19 . . . 
'X-RAY DIFFRACTION' 1.3000 1.3300  1403 . 141 1262 100.0000 . . . 0.0826 0.0000 0.0774 . . . . . . . 19 . . . 
'X-RAY DIFFRACTION' 1.3300 1.3600  1419 . 144 1275 100.0000 . . . 0.0724 0.0000 0.0711 . . . . . . . 19 . . . 
'X-RAY DIFFRACTION' 1.3600 1.4000  1418 . 141 1277 100.0000 . . . 0.0769 0.0000 0.0748 . . . . . . . 19 . . . 
'X-RAY DIFFRACTION' 1.4000 1.4400  1414 . 144 1270 100.0000 . . . 0.1000 0.0000 0.0693 . . . . . . . 19 . . . 
'X-RAY DIFFRACTION' 1.4400 1.4800  1423 . 137 1286 100.0000 . . . 0.0904 0.0000 0.0692 . . . . . . . 19 . . . 
'X-RAY DIFFRACTION' 1.4800 1.5400  1388 . 143 1245 100.0000 . . . 0.0738 0.0000 0.0603 . . . . . . . 19 . . . 
'X-RAY DIFFRACTION' 1.5400 1.6000  1380 . 137 1243 99.0000  . . . 0.0851 0.0000 0.0671 . . . . . . . 19 . . . 
'X-RAY DIFFRACTION' 1.6000 1.6700  1442 . 150 1292 100.0000 . . . 0.1024 0.0000 0.0671 . . . . . . . 19 . . . 
'X-RAY DIFFRACTION' 1.6700 1.7600  1417 . 139 1278 100.0000 . . . 0.0797 0.0000 0.0694 . . . . . . . 19 . . . 
'X-RAY DIFFRACTION' 1.7600 1.8700  1389 . 142 1247 100.0000 . . . 0.0779 0.0000 0.0627 . . . . . . . 19 . . . 
'X-RAY DIFFRACTION' 1.8700 2.0100  1415 . 143 1272 100.0000 . . . 0.0687 0.0000 0.0652 . . . . . . . 19 . . . 
'X-RAY DIFFRACTION' 2.0200 2.2200  1409 . 140 1269 100.0000 . . . 0.0561 0.0000 0.0590 . . . . . . . 19 . . . 
'X-RAY DIFFRACTION' 2.2200 2.5400  1428 . 141 1287 100.0000 . . . 0.0730 0.0000 0.0590 . . . . . . . 19 . . . 
'X-RAY DIFFRACTION' 2.5400 3.2000  1394 . 139 1255 100.0000 . . . 0.1019 0.0000 0.0864 . . . . . . . 19 . . . 
'X-RAY DIFFRACTION' 3.2000 27.7100 1408 . 144 1264 99.0000  . . . 0.1325 0.0000 0.1157 . . . . . . . 19 . . . 
# 
_struct.entry_id                     7BSH 
_struct.title                        'Crystal structure of a NIR-emitting DNA-stabilized Ag16 nanocluster (Abasic mutant)' 
_struct.pdbx_model_details           ? 
_struct.pdbx_formula_weight          ? 
_struct.pdbx_formula_weight_method   ? 
_struct.pdbx_model_type_details      ? 
_struct.pdbx_CASP_flag               N 
# 
_struct_keywords.entry_id        7BSH 
_struct_keywords.text            'Nanocluster, Silver, DNA' 
_struct_keywords.pdbx_keywords   DNA 
# 
loop_
_struct_asym.id 
_struct_asym.pdbx_blank_PDB_chainid_flag 
_struct_asym.pdbx_modified 
_struct_asym.entity_id 
_struct_asym.details 
A N N 1 ? 
B N N 1 ? 
C N N 2 ? 
D N N 2 ? 
E N N 2 ? 
F N N 2 ? 
G N N 2 ? 
H N N 2 ? 
I N N 2 ? 
J N N 2 ? 
K N N 2 ? 
L N N 2 ? 
M N N 2 ? 
N N N 2 ? 
O N N 2 ? 
P N N 2 ? 
Q N N 2 ? 
R N N 2 ? 
S N N 2 ? 
T N N 2 ? 
U N N 3 ? 
V N N 3 ? 
# 
loop_
_struct_conn.id 
_struct_conn.conn_type_id 
_struct_conn.pdbx_leaving_atom_flag 
_struct_conn.pdbx_PDB_id 
_struct_conn.ptnr1_label_asym_id 
_struct_conn.ptnr1_label_comp_id 
_struct_conn.ptnr1_label_seq_id 
_struct_conn.ptnr1_label_atom_id 
_struct_conn.pdbx_ptnr1_label_alt_id 
_struct_conn.pdbx_ptnr1_PDB_ins_code 
_struct_conn.pdbx_ptnr1_standard_comp_id 
_struct_conn.ptnr1_symmetry 
_struct_conn.ptnr2_label_asym_id 
_struct_conn.ptnr2_label_comp_id 
_struct_conn.ptnr2_label_seq_id 
_struct_conn.ptnr2_label_atom_id 
_struct_conn.pdbx_ptnr2_label_alt_id 
_struct_conn.pdbx_ptnr2_PDB_ins_code 
_struct_conn.ptnr1_auth_asym_id 
_struct_conn.ptnr1_auth_comp_id 
_struct_conn.ptnr1_auth_seq_id 
_struct_conn.ptnr2_auth_asym_id 
_struct_conn.ptnr2_auth_comp_id 
_struct_conn.ptnr2_auth_seq_id 
_struct_conn.ptnr2_symmetry 
_struct_conn.pdbx_ptnr3_label_atom_id 
_struct_conn.pdbx_ptnr3_label_seq_id 
_struct_conn.pdbx_ptnr3_label_comp_id 
_struct_conn.pdbx_ptnr3_label_asym_id 
_struct_conn.pdbx_ptnr3_label_alt_id 
_struct_conn.pdbx_ptnr3_PDB_ins_code 
_struct_conn.details 
_struct_conn.pdbx_dist_value 
_struct_conn.pdbx_value_order 
_struct_conn.pdbx_role 
covale1  covale both ? A DC  4 "O3'" ? ? ? 1_555 A 3DR 5  P   ? ? A DC  4   A 3DR 5   1_555 ? ? ? ? ? ? ?               1.613 ? ? 
covale2  covale both ? A 3DR 5 "O3'" ? ? ? 1_555 A DA  6  P   ? ? A 3DR 5   A DA  6   1_555 ? ? ? ? ? ? ?               1.598 ? ? 
covale3  covale both ? B DC  4 "O3'" ? ? ? 1_555 B 3DR 5  P   ? ? B DC  4   B 3DR 5   1_555 ? ? ? ? ? ? ?               1.608 ? ? 
covale4  covale both ? B 3DR 5 "O3'" ? ? ? 1_555 B DA  6  P   ? ? B 3DR 5   B DA  6   1_555 ? ? ? ? ? ? ?               1.606 ? ? 
metalc1  metalc ?    ? A DC  1 O2    ? ? ? 1_555 C AG  .  AG  ? ? A DC  1   A AG  101 1_555 ? ? ? ? ? ? ?               2.444 ? ? 
metalc2  metalc ?    ? A DC  1 N3    ? ? ? 1_555 G AG  .  AG  ? ? A DC  1   A AG  105 1_555 ? ? ? ? ? ? ?               2.292 ? ? 
metalc3  metalc ?    ? A DC  3 N3    ? ? ? 1_555 C AG  .  AG  ? ? A DC  3   A AG  101 1_555 ? ? ? ? ? ? ?               2.286 ? ? 
metalc4  metalc ?    ? A DC  4 N3    ? ? ? 1_555 D AG  .  AG  ? ? A DC  4   A AG  102 1_555 ? ? ? ? ? ? ?               2.419 ? ? 
metalc5  metalc ?    ? A DC  4 O2    ? ? ? 1_555 L AG  .  AG  ? ? A DC  4   A AG  110 1_555 ? ? ? ? ? ? ?               2.483 ? ? 
metalc6  metalc ?    ? A DC  4 O2    ? ? ? 1_555 M AG  .  AG  ? ? A DC  4   A AG  111 1_555 ? ? ? ? ? ? ?               2.670 ? ? 
metalc7  metalc ?    ? A DA  6 OP1   ? ? ? 1_555 F AG  .  AG  ? ? A DA  6   A AG  104 1_555 ? ? ? ? ? ? ?               2.352 ? ? 
metalc8  metalc ?    ? A DA  6 N7    ? ? ? 1_555 J AG  .  AG  ? ? A DA  6   A AG  108 1_555 ? ? ? ? ? ? ?               2.249 ? ? 
metalc9  metalc ?    ? A DA  6 OP2   ? ? ? 1_555 N AG  .  AG  ? ? A DA  6   A AG  112 1_555 ? ? ? ? ? ? ?               2.315 ? ? 
metalc10 metalc ?    ? A DG  7 N7    ? ? ? 1_555 F AG  .  AG  ? ? A DG  7   A AG  104 1_555 ? ? ? ? ? ? ?               2.322 ? ? 
metalc11 metalc ?    ? A DG  7 O6    ? ? ? 1_555 I AG  .  AG  ? ? A DG  7   A AG  107 1_555 ? ? ? ? ? ? ?               2.598 ? ? 
metalc12 metalc ?    ? A DG  7 O6    ? ? ? 1_555 J AG  .  AG  ? ? A DG  7   A AG  108 1_555 ? ? ? ? ? ? ?               2.450 ? ? 
metalc13 metalc ?    ? A DC  8 N3    ? ? ? 1_555 E AG  .  AG  ? ? A DC  8   A AG  103 1_555 ? ? ? ? ? ? ?               2.219 ? ? 
metalc14 metalc ?    ? A DC  8 O2    ? ? ? 1_555 I AG  .  AG  ? ? A DC  8   A AG  107 1_555 ? ? ? ? ? ? ?               2.666 ? ? 
metalc15 metalc ?    ? A DG  9 O6    ? ? ? 1_555 D AG  .  AG  ? ? A DG  9   A AG  102 1_555 ? ? ? ? ? ? ?               2.309 ? ? 
metalc16 metalc ?    ? A DG  9 N1    ? ? ? 1_555 H AG  .  AG  ? ? A DG  9   A AG  106 1_555 ? ? ? ? ? ? ?               2.263 ? ? 
metalc17 metalc ?    ? C AG  . AG    ? ? ? 1_555 B DA  2  N1  ? ? A AG  101 B DA  2   1_555 ? ? ? ? ? ? ?               2.451 ? ? 
metalc18 metalc ?    ? G AG  . AG    ? ? ? 1_555 B DC  3  O2  ? ? A AG  105 B DC  3   1_555 ? ? ? ? ? ? ?               2.656 ? ? 
metalc19 metalc ?    ? G AG  . AG    ? ? ? 1_555 B DC  4  O2  ? ? A AG  105 B DC  4   1_555 ? ? ? ? ? ? ?               2.532 ? ? 
metalc20 metalc ?    ? H AG  . AG    ? ? ? 1_555 B DC  4  O2  ? ? A AG  106 B DC  4   1_555 ? ? ? ? ? ? ?               2.592 ? ? 
metalc21 metalc ?    ? J AG  . AG    ? ? ? 1_555 B DA  6  OP2 ? ? A AG  108 B DA  6   1_555 ? ? ? ? ? ? ?               2.339 ? ? 
metalc22 metalc ?    ? L AG  . AG    ? ? ? 1_555 B DC  1  N3  ? ? A AG  110 B DC  1   1_555 ? ? ? ? ? ? ?               2.272 ? ? 
metalc23 metalc ?    ? M AG  . AG    ? ? ? 1_555 B DG  9  N1  ? ? A AG  111 B DG  9   1_555 ? ? ? ? ? ? ?               2.254 ? ? 
metalc24 metalc ?    ? N AG  . AG    ? ? ? 1_555 B DA  6  N7  ? ? A AG  112 B DA  6   1_555 ? ? ? ? ? ? ?               2.273 ? ? 
metalc25 metalc ?    ? N AG  . AG    ? ? ? 1_555 B DG  7  O6  ? ? A AG  112 B DG  7   1_555 ? ? ? ? ? ? ?               2.396 ? ? 
metalc26 metalc ?    ? B DC  1 O2    ? ? ? 1_555 O AG  .  AG  ? ? B DC  1   B AG  101 1_555 ? ? ? ? ? ? ?               2.372 ? ? 
metalc27 metalc ?    ? B DC  3 N3    ? ? ? 1_555 O AG  .  AG  ? ? B DC  3   B AG  101 1_555 ? ? ? ? ? ? ?               2.232 ? ? 
metalc28 metalc ?    ? B DC  4 N3    ? ? ? 1_555 P AG  .  AG  ? ? B DC  4   B AG  102 1_555 ? ? ? ? ? ? ?               2.357 ? ? 
metalc29 metalc ?    ? B DA  6 OP1   ? ? ? 1_555 R AG  .  AG  ? ? B DA  6   B AG  104 1_555 ? ? ? ? ? ? ?               2.350 ? ? 
metalc30 metalc ?    ? B DG  7 N7    ? ? ? 1_555 R AG  .  AG  ? ? B DG  7   B AG  104 1_555 ? ? ? ? ? ? ?               2.339 ? ? 
metalc31 metalc ?    ? B DC  8 N3    ? ? ? 1_555 Q AG  .  AG  ? ? B DC  8   B AG  103 1_555 ? ? ? ? ? ? ?               2.212 ? ? 
metalc32 metalc ?    ? B DC  8 O2    ? ? ? 1_555 S AG  .  AG  ? ? B DC  8   B AG  105 1_555 ? ? ? ? ? ? ?               2.577 ? ? 
metalc33 metalc ?    ? B DG  9 O6    ? ? ? 1_555 P AG  .  AG  ? ? B DG  9   B AG  102 1_555 ? ? ? ? ? ? ?               2.410 ? ? 
hydrog1  hydrog ?    ? A DC  1 O2    ? ? ? 1_555 A DC  3  N4  ? ? A DC  1   A DC  3   1_555 ? ? ? ? ? ? 'DC-DC MISPAIR' ?     ? ? 
hydrog2  hydrog ?    ? A DC  1 N4    ? ? ? 1_555 B DC  3  O2  ? ? A DC  1   B DC  3   1_555 ? ? ? ? ? ? 'DC-DC MISPAIR' ?     ? ? 
hydrog3  hydrog ?    ? A DC  1 N4    ? ? ? 1_555 B DC  4  O2  ? ? A DC  1   B DC  4   1_555 ? ? ? ? ? ? 'DC-DC MISPAIR' ?     ? ? 
hydrog4  hydrog ?    ? A DC  3 O2    ? ? ? 1_555 B DA  2  N6  ? ? A DC  3   B DA  2   1_555 ? ? ? ? ? ? 'DC-DA MISPAIR' ?     ? ? 
hydrog5  hydrog ?    ? A DC  4 N4    ? ? ? 1_555 A DG  9  O6  ? ? A DC  4   A DG  9   1_555 ? ? ? ? ? ? 'DC-DG PAIR'    ?     ? ? 
hydrog6  hydrog ?    ? A DC  4 O2    ? ? ? 1_555 B DC  1  N4  ? ? A DC  4   B DC  1   1_555 ? ? ? ? ? ? 'DC-DC MISPAIR' ?     ? ? 
hydrog7  hydrog ?    ? A DC  4 O2    ? ? ? 1_555 B DG  9  N2  ? ? A DC  4   B DG  9   1_555 ? ? ? ? ? ? 'DC-DG PAIR'    ?     ? ? 
hydrog8  hydrog ?    ? A DG  9 N2    ? ? ? 1_555 B DC  4  O2  ? ? A DG  9   B DC  4   1_555 ? ? ? ? ? ? 'DG-DC PAIR'    ?     ? ? 
hydrog9  hydrog ?    ? B DC  1 O2    ? ? ? 1_555 B DC  3  N4  ? ? B DC  1   B DC  3   1_555 ? ? ? ? ? ? 'DC-DC MISPAIR' ?     ? ? 
hydrog10 hydrog ?    ? B DC  4 N4    ? ? ? 1_555 B DG  9  O6  ? ? B DC  4   B DG  9   1_555 ? ? ? ? ? ? 'DC-DG PAIR'    ?     ? ? 
hydrog11 hydrog ?    ? B DG  7 N1    ? ? ? 1_555 B DA  10 N1  ? ? B DG  7   B DA  10  1_555 ? ? ? ? ? ? 'DG-DA MISPAIR' ?     ? ? 
# 
loop_
_struct_conn_type.id 
_struct_conn_type.criteria 
_struct_conn_type.reference 
covale ? ? 
metalc ? ? 
hydrog ? ? 
# 
loop_
_struct_site.id 
_struct_site.pdbx_evidence_code 
_struct_site.pdbx_auth_asym_id 
_struct_site.pdbx_auth_comp_id 
_struct_site.pdbx_auth_seq_id 
_struct_site.pdbx_auth_ins_code 
_struct_site.pdbx_num_residues 
_struct_site.details 
AC1 Software A AG  101 ? 7  'binding site for residue AG A 101'                 
AC2 Software A AG  102 ? 9  'binding site for residue AG A 102'                 
AC3 Software A AG  103 ? 10 'binding site for residue AG A 103'                 
AC4 Software A AG  104 ? 9  'binding site for residue AG A 104'                 
AC5 Software A AG  105 ? 9  'binding site for residue AG A 105'                 
AC6 Software A AG  106 ? 10 'binding site for residue AG A 106'                 
AC7 Software A AG  107 ? 10 'binding site for residue AG A 107'                 
AC8 Software A AG  108 ? 7  'binding site for residue AG A 108'                 
AC9 Software A AG  109 ? 8  'binding site for residue AG A 109'                 
AD1 Software A AG  110 ? 9  'binding site for residue AG A 110'                 
AD2 Software A AG  111 ? 10 'binding site for residue AG A 111'                 
AD3 Software A AG  112 ? 7  'binding site for residue AG A 112'                 
AD4 Software B AG  101 ? 9  'binding site for residue AG B 101'                 
AD5 Software B AG  102 ? 9  'binding site for residue AG B 102'                 
AD6 Software B AG  103 ? 10 'binding site for residue AG B 103'                 
AD7 Software B AG  104 ? 9  'binding site for residue AG B 104'                 
AD8 Software B AG  105 ? 10 'binding site for residue AG B 105'                 
AD9 Software B AG  106 ? 8  'binding site for residue AG B 106'                 
AE1 Software B DC  4   ? 16 'binding site for Di-nucleotide DC B 4 and 3DR B 5' 
AE2 Software B 3DR 5   ? 14 'binding site for Di-nucleotide 3DR B 5 and DA B 6' 
# 
loop_
_struct_site_gen.id 
_struct_site_gen.site_id 
_struct_site_gen.pdbx_num_res 
_struct_site_gen.label_comp_id 
_struct_site_gen.label_asym_id 
_struct_site_gen.label_seq_id 
_struct_site_gen.pdbx_auth_ins_code 
_struct_site_gen.auth_comp_id 
_struct_site_gen.auth_asym_id 
_struct_site_gen.auth_seq_id 
_struct_site_gen.label_atom_id 
_struct_site_gen.label_alt_id 
_struct_site_gen.symmetry 
_struct_site_gen.details 
1   AC1 7  DC  A 1  ? DC  A 1   . ? 1_555 ? 
2   AC1 7  DC  A 3  ? DC  A 3   . ? 1_555 ? 
3   AC1 7  AG  D .  ? AG  A 102 . ? 1_555 ? 
4   AC1 7  AG  G .  ? AG  A 105 . ? 1_555 ? 
5   AC1 7  AG  L .  ? AG  A 110 . ? 1_555 ? 
6   AC1 7  DA  B 2  ? DA  B 2   . ? 1_555 ? 
7   AC1 7  AG  O .  ? AG  B 101 . ? 1_555 ? 
8   AC2 9  DC  A 4  ? DC  A 4   . ? 1_555 ? 
9   AC2 9  DG  A 9  ? DG  A 9   . ? 1_555 ? 
10  AC2 9  AG  C .  ? AG  A 101 . ? 1_555 ? 
11  AC2 9  AG  E .  ? AG  A 103 . ? 1_555 ? 
12  AC2 9  AG  G .  ? AG  A 105 . ? 1_555 ? 
13  AC2 9  AG  H .  ? AG  A 106 . ? 1_555 ? 
14  AC2 9  AG  L .  ? AG  A 110 . ? 1_555 ? 
15  AC2 9  AG  M .  ? AG  A 111 . ? 1_555 ? 
16  AC2 9  AG  P .  ? AG  B 102 . ? 1_555 ? 
17  AC3 10 DC  A 4  ? DC  A 4   . ? 1_555 ? 
18  AC3 10 DC  A 8  ? DC  A 8   . ? 1_555 ? 
19  AC3 10 AG  D .  ? AG  A 102 . ? 1_555 ? 
20  AC3 10 AG  F .  ? AG  A 104 . ? 1_555 ? 
21  AC3 10 AG  H .  ? AG  A 106 . ? 1_555 ? 
22  AC3 10 AG  I .  ? AG  A 107 . ? 1_555 ? 
23  AC3 10 AG  K .  ? AG  A 109 . ? 1_555 ? 
24  AC3 10 AG  M .  ? AG  A 111 . ? 1_555 ? 
25  AC3 10 AG  Q .  ? AG  B 103 . ? 1_555 ? 
26  AC3 10 AG  S .  ? AG  B 105 . ? 1_555 ? 
27  AC4 9  DA  A 6  ? DA  A 6   . ? 1_555 ? 
28  AC4 9  DG  A 7  ? DG  A 7   . ? 1_555 ? 
29  AC4 9  DC  A 8  ? DC  A 8   . ? 1_555 ? 
30  AC4 9  AG  E .  ? AG  A 103 . ? 1_555 ? 
31  AC4 9  AG  I .  ? AG  A 107 . ? 1_555 ? 
32  AC4 9  AG  J .  ? AG  A 108 . ? 1_555 ? 
33  AC4 9  AG  N .  ? AG  A 112 . ? 1_555 ? 
34  AC4 9  AG  R .  ? AG  B 104 . ? 1_555 ? 
35  AC4 9  AG  S .  ? AG  B 105 . ? 1_555 ? 
36  AC5 9  DC  A 1  ? DC  A 1   . ? 1_555 ? 
37  AC5 9  DG  A 9  ? DG  A 9   . ? 1_555 ? 
38  AC5 9  AG  C .  ? AG  A 101 . ? 1_555 ? 
39  AC5 9  AG  D .  ? AG  A 102 . ? 1_555 ? 
40  AC5 9  AG  H .  ? AG  A 106 . ? 1_555 ? 
41  AC5 9  DC  B 3  ? DC  B 3   . ? 1_555 ? 
42  AC5 9  DC  B 4  ? DC  B 4   . ? 1_555 ? 
43  AC5 9  AG  O .  ? AG  B 101 . ? 1_555 ? 
44  AC5 9  AG  P .  ? AG  B 102 . ? 1_555 ? 
45  AC6 10 DC  A 8  ? DC  A 8   . ? 1_555 ? 
46  AC6 10 DG  A 9  ? DG  A 9   . ? 1_555 ? 
47  AC6 10 AG  D .  ? AG  A 102 . ? 1_555 ? 
48  AC6 10 AG  E .  ? AG  A 103 . ? 1_555 ? 
49  AC6 10 AG  G .  ? AG  A 105 . ? 1_555 ? 
50  AC6 10 AG  I .  ? AG  A 107 . ? 1_555 ? 
51  AC6 10 DC  B 4  ? DC  B 4   . ? 1_555 ? 
52  AC6 10 AG  P .  ? AG  B 102 . ? 1_555 ? 
53  AC6 10 AG  Q .  ? AG  B 103 . ? 1_555 ? 
54  AC6 10 AG  T .  ? AG  B 106 . ? 1_555 ? 
55  AC7 10 DG  A 7  ? DG  A 7   . ? 1_555 ? 
56  AC7 10 DC  A 8  ? DC  A 8   . ? 1_555 ? 
57  AC7 10 AG  E .  ? AG  A 103 . ? 1_555 ? 
58  AC7 10 AG  F .  ? AG  A 104 . ? 1_555 ? 
59  AC7 10 AG  H .  ? AG  A 106 . ? 1_555 ? 
60  AC7 10 AG  J .  ? AG  A 108 . ? 1_555 ? 
61  AC7 10 AG  Q .  ? AG  B 103 . ? 1_555 ? 
62  AC7 10 AG  R .  ? AG  B 104 . ? 1_555 ? 
63  AC7 10 AG  S .  ? AG  B 105 . ? 1_555 ? 
64  AC7 10 AG  T .  ? AG  B 106 . ? 1_555 ? 
65  AC8 7  DA  A 6  ? DA  A 6   . ? 1_555 ? 
66  AC8 7  DG  A 7  ? DG  A 7   . ? 1_555 ? 
67  AC8 7  AG  F .  ? AG  A 104 . ? 1_555 ? 
68  AC8 7  AG  I .  ? AG  A 107 . ? 1_555 ? 
69  AC8 7  AG  N .  ? AG  A 112 . ? 1_555 ? 
70  AC8 7  DA  B 6  ? DA  B 6   . ? 1_555 ? 
71  AC8 7  AG  R .  ? AG  B 104 . ? 1_555 ? 
72  AC9 8  DC  A 4  ? DC  A 4   . ? 1_555 ? 
73  AC9 8  3DR A 5  ? 3DR A 5   . ? 1_555 ? 
74  AC9 8  DA  A 6  ? DA  A 6   . ? 1_555 ? 
75  AC9 8  DC  A 8  ? DC  A 8   . ? 1_555 ? 
76  AC9 8  AG  E .  ? AG  A 103 . ? 1_555 ? 
77  AC9 8  AG  M .  ? AG  A 111 . ? 1_555 ? 
78  AC9 8  DG  B 9  ? DG  B 9   . ? 1_555 ? 
79  AC9 8  AG  S .  ? AG  B 105 . ? 1_555 ? 
80  AD1 9  DC  A 3  ? DC  A 3   . ? 1_555 ? 
81  AD1 9  DC  A 4  ? DC  A 4   . ? 1_555 ? 
82  AD1 9  AG  C .  ? AG  A 101 . ? 1_555 ? 
83  AD1 9  AG  D .  ? AG  A 102 . ? 1_555 ? 
84  AD1 9  AG  M .  ? AG  A 111 . ? 1_555 ? 
85  AD1 9  DC  B 1  ? DC  B 1   . ? 1_555 ? 
86  AD1 9  DG  B 9  ? DG  B 9   . ? 1_555 ? 
87  AD1 9  AG  O .  ? AG  B 101 . ? 1_555 ? 
88  AD1 9  AG  P .  ? AG  B 102 . ? 1_555 ? 
89  AD2 10 DC  A 4  ? DC  A 4   . ? 1_555 ? 
90  AD2 10 AG  D .  ? AG  A 102 . ? 1_555 ? 
91  AD2 10 AG  E .  ? AG  A 103 . ? 1_555 ? 
92  AD2 10 AG  K .  ? AG  A 109 . ? 1_555 ? 
93  AD2 10 AG  L .  ? AG  A 110 . ? 1_555 ? 
94  AD2 10 DC  B 8  ? DC  B 8   . ? 1_555 ? 
95  AD2 10 DG  B 9  ? DG  B 9   . ? 1_555 ? 
96  AD2 10 AG  P .  ? AG  B 102 . ? 1_555 ? 
97  AD2 10 AG  Q .  ? AG  B 103 . ? 1_555 ? 
98  AD2 10 AG  S .  ? AG  B 105 . ? 1_555 ? 
99  AD3 7  DA  A 6  ? DA  A 6   . ? 1_555 ? 
100 AD3 7  AG  F .  ? AG  A 104 . ? 1_555 ? 
101 AD3 7  AG  J .  ? AG  A 108 . ? 1_555 ? 
102 AD3 7  DA  B 6  ? DA  B 6   . ? 1_555 ? 
103 AD3 7  DG  B 7  ? DG  B 7   . ? 1_555 ? 
104 AD3 7  AG  R .  ? AG  B 104 . ? 1_555 ? 
105 AD3 7  AG  S .  ? AG  B 105 . ? 1_555 ? 
106 AD4 9  AG  C .  ? AG  A 101 . ? 1_555 ? 
107 AD4 9  AG  G .  ? AG  A 105 . ? 1_555 ? 
108 AD4 9  AG  L .  ? AG  A 110 . ? 1_555 ? 
109 AD4 9  DC  B 1  ? DC  B 1   . ? 1_555 ? 
110 AD4 9  DA  B 2  ? DA  B 2   . ? 1_555 ? 
111 AD4 9  DC  B 3  ? DC  B 3   . ? 1_555 ? 
112 AD4 9  DC  B 4  ? DC  B 4   . ? 1_555 ? 
113 AD4 9  DG  B 9  ? DG  B 9   . ? 1_555 ? 
114 AD4 9  AG  P .  ? AG  B 102 . ? 1_555 ? 
115 AD5 9  AG  D .  ? AG  A 102 . ? 1_555 ? 
116 AD5 9  AG  G .  ? AG  A 105 . ? 1_555 ? 
117 AD5 9  AG  H .  ? AG  A 106 . ? 1_555 ? 
118 AD5 9  AG  L .  ? AG  A 110 . ? 1_555 ? 
119 AD5 9  AG  M .  ? AG  A 111 . ? 1_555 ? 
120 AD5 9  DC  B 4  ? DC  B 4   . ? 1_555 ? 
121 AD5 9  DG  B 9  ? DG  B 9   . ? 1_555 ? 
122 AD5 9  AG  O .  ? AG  B 101 . ? 1_555 ? 
123 AD5 9  AG  Q .  ? AG  B 103 . ? 1_555 ? 
124 AD6 10 AG  E .  ? AG  A 103 . ? 1_555 ? 
125 AD6 10 AG  H .  ? AG  A 106 . ? 1_555 ? 
126 AD6 10 AG  I .  ? AG  A 107 . ? 1_555 ? 
127 AD6 10 AG  M .  ? AG  A 111 . ? 1_555 ? 
128 AD6 10 DC  B 4  ? DC  B 4   . ? 1_555 ? 
129 AD6 10 DC  B 8  ? DC  B 8   . ? 1_555 ? 
130 AD6 10 AG  P .  ? AG  B 102 . ? 1_555 ? 
131 AD6 10 AG  R .  ? AG  B 104 . ? 1_555 ? 
132 AD6 10 AG  S .  ? AG  B 105 . ? 1_555 ? 
133 AD6 10 AG  T .  ? AG  B 106 . ? 1_555 ? 
134 AD7 9  AG  F .  ? AG  A 104 . ? 1_555 ? 
135 AD7 9  AG  I .  ? AG  A 107 . ? 1_555 ? 
136 AD7 9  AG  J .  ? AG  A 108 . ? 1_555 ? 
137 AD7 9  AG  N .  ? AG  A 112 . ? 1_555 ? 
138 AD7 9  DA  B 6  ? DA  B 6   . ? 1_555 ? 
139 AD7 9  DG  B 7  ? DG  B 7   . ? 1_555 ? 
140 AD7 9  DC  B 8  ? DC  B 8   . ? 1_555 ? 
141 AD7 9  AG  Q .  ? AG  B 103 . ? 1_555 ? 
142 AD7 9  AG  S .  ? AG  B 105 . ? 1_555 ? 
143 AD8 10 AG  E .  ? AG  A 103 . ? 1_555 ? 
144 AD8 10 AG  F .  ? AG  A 104 . ? 1_555 ? 
145 AD8 10 AG  I .  ? AG  A 107 . ? 1_555 ? 
146 AD8 10 AG  K .  ? AG  A 109 . ? 1_555 ? 
147 AD8 10 AG  M .  ? AG  A 111 . ? 1_555 ? 
148 AD8 10 AG  N .  ? AG  A 112 . ? 1_555 ? 
149 AD8 10 DG  B 7  ? DG  B 7   . ? 1_555 ? 
150 AD8 10 DC  B 8  ? DC  B 8   . ? 1_555 ? 
151 AD8 10 AG  Q .  ? AG  B 103 . ? 1_555 ? 
152 AD8 10 AG  R .  ? AG  B 104 . ? 1_555 ? 
153 AD9 8  DG  A 9  ? DG  A 9   . ? 1_555 ? 
154 AD9 8  AG  H .  ? AG  A 106 . ? 1_555 ? 
155 AD9 8  AG  I .  ? AG  A 107 . ? 1_555 ? 
156 AD9 8  DC  B 4  ? DC  B 4   . ? 1_555 ? 
157 AD9 8  3DR B 5  ? 3DR B 5   . ? 1_555 ? 
158 AD9 8  DA  B 6  ? DA  B 6   . ? 1_555 ? 
159 AD9 8  DC  B 8  ? DC  B 8   . ? 1_555 ? 
160 AD9 8  AG  Q .  ? AG  B 103 . ? 1_555 ? 
161 AE1 16 DC  A 1  ? DC  A 1   . ? 1_555 ? 
162 AE1 16 DA  A 6  ? DA  A 6   . ? 1_555 ? 
163 AE1 16 DG  A 9  ? DG  A 9   . ? 1_555 ? 
164 AE1 16 AG  G .  ? AG  A 105 . ? 1_555 ? 
165 AE1 16 AG  H .  ? AG  A 106 . ? 1_555 ? 
166 AE1 16 DC  B 3  ? DC  B 3   . ? 1_555 ? 
167 AE1 16 DA  B 6  ? DA  B 6   . ? 1_555 ? 
168 AE1 16 DC  B 8  ? DC  B 8   . ? 1_555 ? 
169 AE1 16 DG  B 9  ? DG  B 9   . ? 1_555 ? 
170 AE1 16 AG  O .  ? AG  B 101 . ? 1_555 ? 
171 AE1 16 AG  P .  ? AG  B 102 . ? 1_555 ? 
172 AE1 16 AG  Q .  ? AG  B 103 . ? 1_555 ? 
173 AE1 16 AG  T .  ? AG  B 106 . ? 1_555 ? 
174 AE1 16 HOH V .  ? HOH B 207 . ? 1_555 ? 
175 AE1 16 HOH V .  ? HOH B 212 . ? 1_555 ? 
176 AE1 16 HOH V .  ? HOH B 214 . ? 1_555 ? 
177 AE2 14 DA  A 6  ? DA  A 6   . ? 1_555 ? 
178 AE2 14 DG  A 7  ? DG  A 7   . ? 1_555 ? 
179 AE2 14 DA  A 10 ? DA  A 10  . ? 3_455 ? 
180 AE2 14 AG  J .  ? AG  A 108 . ? 1_555 ? 
181 AE2 14 AG  N .  ? AG  A 112 . ? 1_555 ? 
182 AE2 14 DC  B 4  ? DC  B 4   . ? 1_555 ? 
183 AE2 14 DG  B 7  ? DG  B 7   . ? 1_555 ? 
184 AE2 14 DC  B 8  ? DC  B 8   . ? 1_555 ? 
185 AE2 14 AG  R .  ? AG  B 104 . ? 1_555 ? 
186 AE2 14 AG  T .  ? AG  B 106 . ? 1_555 ? 
187 AE2 14 HOH V .  ? HOH B 205 . ? 1_555 ? 
188 AE2 14 HOH V .  ? HOH B 207 . ? 1_555 ? 
189 AE2 14 HOH V .  ? HOH B 209 . ? 3_555 ? 
190 AE2 14 HOH V .  ? HOH B 211 . ? 1_555 ? 
# 
_atom_sites.entry_id                    7BSH 
_atom_sites.Cartn_transf_matrix[1][1]   ? 
_atom_sites.Cartn_transf_matrix[1][2]   ? 
_atom_sites.Cartn_transf_matrix[1][3]   ? 
_atom_sites.Cartn_transf_matrix[2][1]   ? 
_atom_sites.Cartn_transf_matrix[2][2]   ? 
_atom_sites.Cartn_transf_matrix[2][3]   ? 
_atom_sites.Cartn_transf_matrix[3][1]   ? 
_atom_sites.Cartn_transf_matrix[3][2]   ? 
_atom_sites.Cartn_transf_matrix[3][3]   ? 
_atom_sites.Cartn_transf_vector[1]      ? 
_atom_sites.Cartn_transf_vector[2]      ? 
_atom_sites.Cartn_transf_vector[3]      ? 
_atom_sites.fract_transf_matrix[1][1]   -0.03280050 
_atom_sites.fract_transf_matrix[1][2]   0.00171212 
_atom_sites.fract_transf_matrix[1][3]   0.01328993 
_atom_sites.fract_transf_matrix[2][1]   -0.01047072 
_atom_sites.fract_transf_matrix[2][2]   -0.00069358 
_atom_sites.fract_transf_matrix[2][3]   -0.02575313 
_atom_sites.fract_transf_matrix[3][1]   -0.00081399 
_atom_sites.fract_transf_matrix[3][2]   -0.02296397 
_atom_sites.fract_transf_matrix[3][3]   0.00094942 
_atom_sites.fract_transf_vector[1]      -0.214931 
_atom_sites.fract_transf_vector[2]      -0.163307 
_atom_sites.fract_transf_vector[3]      0.244655 
_atom_sites.solution_primary            ? 
_atom_sites.solution_secondary          ? 
_atom_sites.solution_hydrogens          ? 
_atom_sites.special_details             ? 
# 
loop_
_atom_type.symbol 
AG 
C  
H  
N  
O  
P  
# 
loop_
_atom_site.group_PDB 
_atom_site.id 
_atom_site.type_symbol 
_atom_site.label_atom_id 
_atom_site.label_alt_id 
_atom_site.label_comp_id 
_atom_site.label_asym_id 
_atom_site.label_entity_id 
_atom_site.label_seq_id 
_atom_site.pdbx_PDB_ins_code 
_atom_site.Cartn_x 
_atom_site.Cartn_y 
_atom_site.Cartn_z 
_atom_site.occupancy 
_atom_site.B_iso_or_equiv 
_atom_site.pdbx_formal_charge 
_atom_site.auth_seq_id 
_atom_site.auth_comp_id 
_atom_site.auth_asym_id 
_atom_site.auth_atom_id 
_atom_site.pdbx_PDB_model_num 
ATOM   1   O  "O5'"  . DC  A 1 1  ? 8.190   -4.064  6.271   1.00 22.69 ? 1   DC  A "O5'"  1 
ATOM   2   C  "C5'"  . DC  A 1 1  ? 7.799   -3.803  7.617   1.00 20.10 ? 1   DC  A "C5'"  1 
ATOM   3   C  "C4'"  . DC  A 1 1  ? 6.285   -3.848  7.756   1.00 17.34 ? 1   DC  A "C4'"  1 
ATOM   4   O  "O4'"  . DC  A 1 1  ? 5.705   -2.656  7.168   1.00 15.86 ? 1   DC  A "O4'"  1 
ATOM   5   C  "C3'"  . DC  A 1 1  ? 5.597   -4.999  7.036   1.00 16.48 ? 1   DC  A "C3'"  1 
ATOM   6   O  "O3'"  . DC  A 1 1  ? 4.410   -5.346  7.716   1.00 17.08 ? 1   DC  A "O3'"  1 
ATOM   7   C  "C2'"  . DC  A 1 1  ? 5.312   -4.403  5.666   1.00 15.70 ? 1   DC  A "C2'"  1 
ATOM   8   C  "C1'"  . DC  A 1 1  ? 4.872   -3.021  6.066   1.00 14.70 ? 1   DC  A "C1'"  1 
ATOM   9   N  N1     . DC  A 1 1  ? 5.022   -1.967  5.046   1.00 12.35 ? 1   DC  A N1     1 
ATOM   10  C  C2     . DC  A 1 1  ? 3.886   -1.405  4.483   1.00 11.16 ? 1   DC  A C2     1 
ATOM   11  O  O2     . DC  A 1 1  ? 2.784   -1.861  4.790   1.00 12.07 ? 1   DC  A O2     1 
ATOM   12  N  N3     . DC  A 1 1  ? 4.027   -0.378  3.630   1.00 10.54 ? 1   DC  A N3     1 
ATOM   13  C  C4     . DC  A 1 1  ? 5.244   0.080   3.332   1.00 12.11 ? 1   DC  A C4     1 
ATOM   14  N  N4     . DC  A 1 1  ? 5.336   1.073   2.474   1.00 14.43 ? 1   DC  A N4     1 
ATOM   15  C  C5     . DC  A 1 1  ? 6.412   -0.476  3.897   1.00 13.08 ? 1   DC  A C5     1 
ATOM   16  C  C6     . DC  A 1 1  ? 6.257   -1.476  4.760   1.00 13.19 ? 1   DC  A C6     1 
ATOM   17  H  "H5'"  . DC  A 1 1  ? 8.120   -2.926  7.879   1.00 24.13 ? 1   DC  A "H5'"  1 
ATOM   18  H  "H5''" . DC  A 1 1  ? 8.195   -4.470  8.200   1.00 24.13 ? 1   DC  A "H5''" 1 
ATOM   19  H  "H4'"  . DC  A 1 1  ? 6.069   -3.884  8.702   1.00 20.81 ? 1   DC  A "H4'"  1 
ATOM   20  H  "H3'"  . DC  A 1 1  ? 6.186   -5.765  6.959   1.00 19.77 ? 1   DC  A "H3'"  1 
ATOM   21  H  "H2'"  . DC  A 1 1  ? 6.105   -4.383  5.108   1.00 18.85 ? 1   DC  A "H2'"  1 
ATOM   22  H  "H2''" . DC  A 1 1  ? 4.611   -4.886  5.201   1.00 18.85 ? 1   DC  A "H2''" 1 
ATOM   23  H  "H1'"  . DC  A 1 1  ? 3.936   -3.071  6.317   1.00 17.65 ? 1   DC  A "H1'"  1 
ATOM   24  H  H41    . DC  A 1 1  ? 6.107   1.389   2.263   1.00 17.32 ? 1   DC  A H41    1 
ATOM   25  H  H42    . DC  A 1 1  ? 4.624   1.406   2.124   1.00 17.32 ? 1   DC  A H42    1 
ATOM   26  H  H5     . DC  A 1 1  ? 7.257   -0.156  3.675   1.00 15.70 ? 1   DC  A H5     1 
ATOM   27  H  H6     . DC  A 1 1  ? 7.003   -1.844  5.174   1.00 15.83 ? 1   DC  A H6     1 
ATOM   28  H  "HO5'" . DC  A 1 1  ? 9.002   -4.129  6.072   1.00 27.24 ? 1   DC  A "HO5'" 1 
ATOM   29  P  P      . DA  A 1 2  ? 4.058   -6.875  8.030   1.00 19.88 ? 2   DA  A P      1 
ATOM   30  O  OP1    . DA  A 1 2  ? 5.032   -7.422  9.006   1.00 22.41 ? 2   DA  A OP1    1 
ATOM   31  O  OP2    . DA  A 1 2  ? 3.860   -7.562  6.741   1.00 22.33 ? 2   DA  A OP2    1 
ATOM   32  O  "O5'"  . DA  A 1 2  ? 2.645   -6.769  8.752   1.00 18.32 ? 2   DA  A "O5'"  1 
ATOM   33  C  "C5'"  . DA  A 1 2  ? 1.530   -6.197  8.092   1.00 15.42 ? 2   DA  A "C5'"  1 
ATOM   34  C  "C4'"  . DA  A 1 2  ? 0.491   -5.770  9.108   1.00 15.52 ? 2   DA  A "C4'"  1 
ATOM   35  O  "O4'"  . DA  A 1 2  ? 1.027   -4.695  9.915   1.00 15.02 ? 2   DA  A "O4'"  1 
ATOM   36  C  "C3'"  . DA  A 1 2  ? -0.795  -5.217  8.522   1.00 13.45 ? 2   DA  A "C3'"  1 
ATOM   37  O  "O3'"  . DA  A 1 2  ? -1.876  -5.472  9.389   1.00 13.27 ? 2   DA  A "O3'"  1 
ATOM   38  C  "C2'"  . DA  A 1 2  ? -0.496  -3.733  8.411   1.00 13.70 ? 2   DA  A "C2'"  1 
ATOM   39  C  "C1'"  . DA  A 1 2  ? 0.303   -3.495  9.679   1.00 14.04 ? 2   DA  A "C1'"  1 
ATOM   40  N  N9     . DA  A 1 2  ? 1.280   -2.425  9.638   1.00 13.92 ? 2   DA  A N9     1 
ATOM   41  C  C8     . DA  A 1 2  ? 2.459   -2.421  8.948   1.00 15.79 ? 2   DA  A C8     1 
ATOM   42  N  N7     . DA  A 1 2  ? 3.188   -1.359  9.156   1.00 16.75 ? 2   DA  A N7     1 
ATOM   43  C  C5     . DA  A 1 2  ? 2.443   -0.615  10.052  1.00 15.29 ? 2   DA  A C5     1 
ATOM   44  C  C6     . DA  A 1 2  ? 2.673   0.626   10.668  1.00 16.39 ? 2   DA  A C6     1 
ATOM   45  N  N6     . DA  A 1 2  ? 3.769   1.359   10.442  1.00 17.52 ? 2   DA  A N6     1 
ATOM   46  N  N1     . DA  A 1 2  ? 1.729   1.090   11.522  1.00 14.72 ? 2   DA  A N1     1 
ATOM   47  C  C2     . DA  A 1 2  ? 0.632   0.345   11.735  1.00 15.51 ? 2   DA  A C2     1 
ATOM   48  N  N3     . DA  A 1 2  ? 0.309   -0.839  11.213  1.00 14.19 ? 2   DA  A N3     1 
ATOM   49  C  C4     . DA  A 1 2  ? 1.270   -1.267  10.374  1.00 14.43 ? 2   DA  A C4     1 
ATOM   50  H  "H5'"  . DA  A 1 2  ? 1.142   -6.849  7.488   1.00 18.51 ? 2   DA  A "H5'"  1 
ATOM   51  H  "H5''" . DA  A 1 2  ? 1.818   -5.425  7.581   1.00 18.51 ? 2   DA  A "H5''" 1 
ATOM   52  H  "H4'"  . DA  A 1 2  ? 0.278   -6.528  9.676   1.00 18.63 ? 2   DA  A "H4'"  1 
ATOM   53  H  "H3'"  . DA  A 1 2  ? -0.964  -5.596  7.645   1.00 16.15 ? 2   DA  A "H3'"  1 
ATOM   54  H  "H2'"  . DA  A 1 2  ? 0.024   -3.531  7.618   1.00 16.45 ? 2   DA  A "H2'"  1 
ATOM   55  H  "H2''" . DA  A 1 2  ? -1.309  -3.205  8.397   1.00 16.45 ? 2   DA  A "H2''" 1 
ATOM   56  H  "H1'"  . DA  A 1 2  ? -0.333  -3.307  10.387  1.00 16.85 ? 2   DA  A "H1'"  1 
ATOM   57  H  H8     . DA  A 1 2  ? 2.719   -3.113  8.382   1.00 18.95 ? 2   DA  A H8     1 
ATOM   58  H  H61    . DA  A 1 2  ? 3.869   2.116   10.837  1.00 21.03 ? 2   DA  A H61    1 
ATOM   59  H  H62    . DA  A 1 2  ? 4.375   1.073   9.902   1.00 21.03 ? 2   DA  A H62    1 
ATOM   60  H  H2     . DA  A 1 2  ? 0.013   0.703   12.330  1.00 18.62 ? 2   DA  A H2     1 
ATOM   61  P  P      . DC  A 1 3  ? -2.617  -6.891  9.372   1.00 13.61 ? 3   DC  A P      1 
ATOM   62  O  OP1    . DC  A 1 3  ? -3.304  -6.978  10.680  1.00 14.04 ? 3   DC  A OP1    1 
ATOM   63  O  OP2    . DC  A 1 3  ? -1.678  -7.943  8.938   1.00 15.25 ? 3   DC  A OP2    1 
ATOM   64  O  "O5'"  . DC  A 1 3  ? -3.674  -6.758  8.182   1.00 13.72 ? 3   DC  A "O5'"  1 
ATOM   65  C  "C5'"  . DC  A 1 3  ? -4.814  -5.937  8.331   1.00 14.75 ? 3   DC  A "C5'"  1 
ATOM   66  C  "C4'"  . DC  A 1 3  ? -5.095  -5.184  7.051   1.00 14.03 ? 3   DC  A "C4'"  1 
ATOM   67  O  "O4'"  . DC  A 1 3  ? -3.976  -4.337  6.772   1.00 13.59 ? 3   DC  A "O4'"  1 
ATOM   68  C  "C3'"  . DC  A 1 3  ? -5.257  -6.064  5.819   1.00 14.73 ? 3   DC  A "C3'"  1 
ATOM   69  O  "O3'"  . DC  A 1 3  ? -6.630  -6.329  5.561   1.00 17.41 ? 3   DC  A "O3'"  1 
ATOM   70  C  "C2'"  . DC  A 1 3  ? -4.638  -5.266  4.690   1.00 15.34 ? 3   DC  A "C2'"  1 
ATOM   71  C  "C1'"  . DC  A 1 3  ? -3.778  -4.223  5.380   1.00 13.69 ? 3   DC  A "C1'"  1 
ATOM   72  N  N1     . DC  A 1 3  ? -2.324  -4.353  5.118   1.00 12.17 ? 3   DC  A N1     1 
ATOM   73  C  C2     . DC  A 1 3  ? -1.580  -3.190  5.024   1.00 12.69 ? 3   DC  A C2     1 
ATOM   74  O  O2     . DC  A 1 3  ? -2.164  -2.108  5.134   1.00 12.41 ? 3   DC  A O2     1 
ATOM   75  N  N3     . DC  A 1 3  ? -0.248  -3.275  4.810   1.00 10.94 ? 3   DC  A N3     1 
ATOM   76  C  C4     . DC  A 1 3  ? 0.336   -4.475  4.713   1.00 11.55 ? 3   DC  A C4     1 
ATOM   77  N  N4     . DC  A 1 3  ? 1.651   -4.514  4.505   1.00 12.09 ? 3   DC  A N4     1 
ATOM   78  C  C5     . DC  A 1 3  ? -0.410  -5.685  4.816   1.00 12.14 ? 3   DC  A C5     1 
ATOM   79  C  C6     . DC  A 1 3  ? -1.726  -5.579  5.022   1.00 12.51 ? 3   DC  A C6     1 
ATOM   80  H  "H5'"  . DC  A 1 3  ? -4.661  -5.304  9.049   1.00 17.70 ? 3   DC  A "H5'"  1 
ATOM   81  H  "H5''" . DC  A 1 3  ? -5.580  -6.489  8.554   1.00 17.70 ? 3   DC  A "H5''" 1 
ATOM   82  H  "H4'"  . DC  A 1 3  ? -5.894  -4.644  7.153   1.00 16.84 ? 3   DC  A "H4'"  1 
ATOM   83  H  "H3'"  . DC  A 1 3  ? -4.757  -6.884  5.961   1.00 17.68 ? 3   DC  A "H3'"  1 
ATOM   84  H  "H2'"  . DC  A 1 3  ? -4.096  -5.836  4.121   1.00 18.42 ? 3   DC  A "H2'"  1 
ATOM   85  H  "H2''" . DC  A 1 3  ? -5.324  -4.843  4.150   1.00 18.42 ? 3   DC  A "H2''" 1 
ATOM   86  H  "H1'"  . DC  A 1 3  ? -4.090  -3.352  5.088   1.00 16.43 ? 3   DC  A "H1'"  1 
ATOM   87  H  H41    . DC  A 1 3  ? 2.054   -5.270  4.439   1.00 14.52 ? 3   DC  A H41    1 
ATOM   88  H  H42    . DC  A 1 3  ? 2.098   -3.781  4.439   1.00 14.52 ? 3   DC  A H42    1 
ATOM   89  H  H5     . DC  A 1 3  ? 0.002   -6.515  4.742   1.00 14.57 ? 3   DC  A H5     1 
ATOM   90  H  H6     . DC  A 1 3  ? -2.242  -6.349  5.100   1.00 15.02 ? 3   DC  A H6     1 
ATOM   91  P  P      . DC  A 1 4  ? -7.051  -7.334  4.376   1.00 19.28 ? 4   DC  A P      1 
ATOM   92  O  OP1    . DC  A 1 4  ? -8.519  -7.503  4.506   1.00 21.76 ? 4   DC  A OP1    1 
ATOM   93  O  OP2    . DC  A 1 4  ? -6.142  -8.496  4.378   1.00 22.00 ? 4   DC  A OP2    1 
ATOM   94  O  "O5'"  . DC  A 1 4  ? -6.731  -6.530  3.034   1.00 16.81 ? 4   DC  A "O5'"  1 
ATOM   95  C  "C5'"  . DC  A 1 4  ? -7.592  -5.529  2.618   1.00 15.85 ? 4   DC  A "C5'"  1 
ATOM   96  C  "C4'"  . DC  A 1 4  ? -6.931  -4.662  1.583   1.00 13.70 ? 4   DC  A "C4'"  1 
ATOM   97  O  "O4'"  . DC  A 1 4  ? -5.750  -4.051  2.133   1.00 12.72 ? 4   DC  A "O4'"  1 
ATOM   98  C  "C3'"  . DC  A 1 4  ? -6.402  -5.375  0.362   1.00 13.09 ? 4   DC  A "C3'"  1 
ATOM   99  O  "O3'"  . DC  A 1 4  ? -7.473  -5.769  -0.532  1.00 13.02 ? 4   DC  A "O3'"  1 
ATOM   100 C  "C2'"  . DC  A 1 4  ? -5.510  -4.298  -0.212  1.00 11.72 ? 4   DC  A "C2'"  1 
ATOM   101 C  "C1'"  . DC  A 1 4  ? -4.941  -3.639  1.066   1.00 11.61 ? 4   DC  A "C1'"  1 
ATOM   102 N  N1     . DC  A 1 4  ? -3.519  -3.992  1.291   1.00 10.45 ? 4   DC  A N1     1 
ATOM   103 C  C2     . DC  A 1 4  ? -2.596  -2.981  1.528   1.00 9.82  ? 4   DC  A C2     1 
ATOM   104 O  O2     . DC  A 1 4  ? -2.998  -1.821  1.685   1.00 9.85  ? 4   DC  A O2     1 
ATOM   105 N  N3     . DC  A 1 4  ? -1.287  -3.290  1.598   1.00 10.14 ? 4   DC  A N3     1 
ATOM   106 C  C4     . DC  A 1 4  ? -0.899  -4.558  1.454   1.00 10.69 ? 4   DC  A C4     1 
ATOM   107 N  N4     . DC  A 1 4  ? 0.398   -4.829  1.535   1.00 11.48 ? 4   DC  A N4     1 
ATOM   108 C  C5     . DC  A 1 4  ? -1.820  -5.596  1.229   1.00 11.23 ? 4   DC  A C5     1 
ATOM   109 C  C6     . DC  A 1 4  ? -3.101  -5.277  1.131   1.00 11.45 ? 4   DC  A C6     1 
ATOM   110 H  "H5'"  . DC  A 1 4  ? -7.844  -4.984  3.380   1.00 19.02 ? 4   DC  A "H5'"  1 
ATOM   111 H  "H5''" . DC  A 1 4  ? -8.390  -5.929  2.239   1.00 19.02 ? 4   DC  A "H5''" 1 
ATOM   112 H  "H4'"  . DC  A 1 4  ? -7.577  -3.987  1.321   1.00 16.44 ? 4   DC  A "H4'"  1 
ATOM   113 H  "H3'"  . DC  A 1 4  ? -5.895  -6.169  0.596   1.00 15.71 ? 4   DC  A "H3'"  1 
ATOM   114 H  "H2'"  . DC  A 1 4  ? -4.804  -4.676  -0.760  1.00 14.07 ? 4   DC  A "H2'"  1 
ATOM   115 H  "H2''" . DC  A 1 4  ? -6.016  -3.664  -0.743  1.00 14.07 ? 4   DC  A "H2''" 1 
ATOM   116 H  "H1'"  . DC  A 1 4  ? -5.017  -2.673  1.027   1.00 13.93 ? 4   DC  A "H1'"  1 
ATOM   117 H  H41    . DC  A 1 4  ? 0.674   -5.637  1.445   1.00 13.79 ? 4   DC  A H41    1 
ATOM   118 H  H42    . DC  A 1 4  ? 0.961   -4.195  1.676   1.00 13.79 ? 4   DC  A H42    1 
ATOM   119 H  H5     . DC  A 1 4  ? -1.536  -6.479  1.152   1.00 13.48 ? 4   DC  A H5     1 
ATOM   120 H  H6     . DC  A 1 4  ? -3.725  -5.943  0.951   1.00 13.75 ? 4   DC  A H6     1 
HETATM 121 O  "O5'"  . 3DR A 1 5  ? -6.657  -5.681  -2.896  1.00 14.07 ? 5   3DR A "O5'"  1 
HETATM 122 P  P      . 3DR A 1 5  ? -7.188  -6.696  -1.821  1.00 13.93 ? 5   3DR A P      1 
HETATM 123 O  OP1    . 3DR A 1 5  ? -8.465  -7.294  -2.253  1.00 15.91 ? 5   3DR A OP1    1 
HETATM 124 O  OP2    . 3DR A 1 5  ? -6.065  -7.611  -1.506  1.00 15.70 ? 5   3DR A OP2    1 
HETATM 125 C  "C2'"  . 3DR A 1 5  ? -6.076  -1.949  -4.243  1.00 15.69 ? 5   3DR A "C2'"  1 
HETATM 126 C  "C5'"  . 3DR A 1 5  ? -7.507  -4.672  -3.400  1.00 15.29 ? 5   3DR A "C5'"  1 
HETATM 127 C  "C4'"  . 3DR A 1 5  ? -6.889  -4.123  -4.663  1.00 14.99 ? 5   3DR A "C4'"  1 
HETATM 128 O  "O4'"  . 3DR A 1 5  ? -7.822  -3.182  -5.222  1.00 15.47 ? 5   3DR A "O4'"  1 
HETATM 129 C  "C1'"  . 3DR A 1 5  ? -7.238  -1.894  -5.212  1.00 15.96 ? 5   3DR A "C1'"  1 
HETATM 130 C  "C3'"  . 3DR A 1 5  ? -5.579  -3.355  -4.514  1.00 13.37 ? 5   3DR A "C3'"  1 
HETATM 131 O  "O3'"  . 3DR A 1 5  ? -4.932  -3.473  -5.760  1.00 12.10 ? 5   3DR A "O3'"  1 
HETATM 132 H  "H2'"  . 3DR A 1 5  ? -6.415  -1.845  -3.219  1.00 18.83 ? 5   3DR A "H2'"  1 
HETATM 133 H  "H2''" . 3DR A 1 5  ? -5.322  -1.213  -4.496  1.00 18.83 ? 5   3DR A "H2''" 1 
HETATM 134 H  "H5'"  . 3DR A 1 5  ? -7.609  -3.880  -2.668  1.00 18.36 ? 5   3DR A "H5'"  1 
HETATM 135 H  "H5''" . 3DR A 1 5  ? -8.481  -5.091  -3.622  1.00 18.36 ? 5   3DR A "H5''" 1 
HETATM 136 H  "H4'1" . 3DR A 1 5  ? -6.726  -4.934  -5.360  1.00 17.99 ? 5   3DR A "H4'1" 1 
HETATM 137 H  "H1'1" . 3DR A 1 5  ? -7.964  -1.163  -4.876  1.00 19.15 ? 5   3DR A "H1'1" 1 
HETATM 138 H  "H1'2" . 3DR A 1 5  ? -6.880  -1.644  -6.204  1.00 19.15 ? 5   3DR A "H1'2" 1 
HETATM 139 H  "H3'"  . 3DR A 1 5  ? -4.961  -3.703  -3.695  1.00 16.05 ? 5   3DR A "H3'"  1 
ATOM   140 P  P      . DA  A 1 6  ? -3.484  -2.846  -6.011  1.00 10.73 ? 6   DA  A P      1 
ATOM   141 O  OP1    . DA  A 1 6  ? -2.595  -3.126  -4.842  1.00 10.49 ? 6   DA  A OP1    1 
ATOM   142 O  OP2    . DA  A 1 6  ? -3.623  -1.459  -6.496  1.00 11.51 ? 6   DA  A OP2    1 
ATOM   143 O  "O5'"  . DA  A 1 6  ? -2.925  -3.705  -7.217  1.00 11.69 ? 6   DA  A "O5'"  1 
ATOM   144 C  "C5'"  A DA  A 1 6  ? -3.686  -3.846  -8.392  0.58 12.26 ? 6   DA  A "C5'"  1 
ATOM   145 C  "C5'"  B DA  A 1 6  ? -3.735  -3.880  -8.381  0.42 12.36 ? 6   DA  A "C5'"  1 
ATOM   146 C  "C4'"  A DA  A 1 6  ? -2.820  -4.476  -9.453  0.58 12.57 ? 6   DA  A "C4'"  1 
ATOM   147 C  "C4'"  B DA  A 1 6  ? -2.914  -4.375  -9.571  0.42 13.05 ? 6   DA  A "C4'"  1 
ATOM   148 O  "O4'"  A DA  A 1 6  ? -2.013  -3.440  -10.051 0.58 12.94 ? 6   DA  A "O4'"  1 
ATOM   149 O  "O4'"  B DA  A 1 6  ? -2.021  -3.328  -10.013 0.42 13.12 ? 6   DA  A "O4'"  1 
ATOM   150 C  "C3'"  A DA  A 1 6  ? -1.871  -5.530  -8.901  0.58 12.56 ? 6   DA  A "C3'"  1 
ATOM   151 C  "C3'"  B DA  A 1 6  ? -2.050  -5.603  -9.311  0.42 13.78 ? 6   DA  A "C3'"  1 
ATOM   152 O  "O3'"  A DA  A 1 6  ? -2.300  -6.831  -9.271  0.58 12.74 ? 6   DA  A "O3'"  1 
ATOM   153 O  "O3'"  B DA  A 1 6  ? -2.245  -6.545  -10.337 0.42 14.70 ? 6   DA  A "O3'"  1 
ATOM   154 C  "C2'"  A DA  A 1 6  ? -0.493  -5.178  -9.458  0.58 15.37 ? 6   DA  A "C2'"  1 
ATOM   155 C  "C2'"  B DA  A 1 6  ? -0.615  -5.092  -9.291  0.42 15.23 ? 6   DA  A "C2'"  1 
ATOM   156 C  "C1'"  A DA  A 1 6  ? -0.648  -3.786  -10.066 0.58 13.97 ? 6   DA  A "C1'"  1 
ATOM   157 C  "C1'"  B DA  A 1 6  ? -0.676  -3.764  -10.016 0.42 13.98 ? 6   DA  A "C1'"  1 
ATOM   158 N  N9     . DA  A 1 6  ? 0.103   -2.717  -9.386  1.00 13.41 ? 6   DA  A N9     1 
ATOM   159 C  C8     . DA  A 1 6  ? -0.339  -1.850  -8.431  1.00 13.13 ? 6   DA  A C8     1 
ATOM   160 N  N7     . DA  A 1 6  ? 0.561   -0.968  -8.062  1.00 12.41 ? 6   DA  A N7     1 
ATOM   161 C  C5     . DA  A 1 6  ? 1.658   -1.280  -8.846  1.00 12.76 ? 6   DA  A C5     1 
ATOM   162 C  C6     . DA  A 1 6  ? 2.942   -0.719  -8.946  1.00 14.36 ? 6   DA  A C6     1 
ATOM   163 N  N6     . DA  A 1 6  ? 3.347   0.315   -8.225  1.00 16.36 ? 6   DA  A N6     1 
ATOM   164 N  N1     . DA  A 1 6  ? 3.795   -1.266  -9.827  1.00 15.98 ? 6   DA  A N1     1 
ATOM   165 C  C2     . DA  A 1 6  ? 3.393   -2.298  -10.557 1.00 17.12 ? 6   DA  A C2     1 
ATOM   166 N  N3     . DA  A 1 6  ? 2.216   -2.911  -10.557 1.00 16.37 ? 6   DA  A N3     1 
ATOM   167 C  C4     . DA  A 1 6  ? 1.386   -2.349  -9.671  1.00 14.60 ? 6   DA  A C4     1 
ATOM   168 H  "H5'"  A DA  A 1 6  ? -3.993  -2.976  -8.693  0.58 14.72 ? 6   DA  A "H5'"  1 
ATOM   169 H  "H5'"  B DA  A 1 6  ? -4.147  -3.033  -8.611  0.42 14.83 ? 6   DA  A "H5'"  1 
ATOM   170 H  "H5''" A DA  A 1 6  ? -4.456  -4.410  -8.219  0.58 14.72 ? 6   DA  A "H5''" 1 
ATOM   171 H  "H5''" B DA  A 1 6  ? -4.431  -4.528  -8.186  0.42 14.83 ? 6   DA  A "H5''" 1 
ATOM   172 H  "H4'"  A DA  A 1 6  ? -3.355  -4.879  -10.155 0.58 15.09 ? 6   DA  A "H4'"  1 
ATOM   173 H  "H4'"  B DA  A 1 6  ? -3.517  -4.587  -10.300 0.42 15.66 ? 6   DA  A "H4'"  1 
ATOM   174 H  "H3'"  A DA  A 1 6  ? -1.835  -5.442  -7.937  0.58 15.08 ? 6   DA  A "H3'"  1 
ATOM   175 H  "H3'"  B DA  A 1 6  ? -2.268  -5.964  -8.437  0.42 16.54 ? 6   DA  A "H3'"  1 
ATOM   176 H  "H2'"  A DA  A 1 6  ? 0.169   -5.169  -8.750  0.58 18.45 ? 6   DA  A "H2'"  1 
ATOM   177 H  "H2'"  B DA  A 1 6  ? -0.303  -4.973  -8.380  0.42 18.28 ? 6   DA  A "H2'"  1 
ATOM   178 H  "H2''" A DA  A 1 6  ? -0.224  -5.818  -10.135 0.58 18.45 ? 6   DA  A "H2''" 1 
ATOM   179 H  "H2''" B DA  A 1 6  ? -0.022  -5.709  -9.749  0.42 18.28 ? 6   DA  A "H2''" 1 
ATOM   180 H  "H1'"  A DA  A 1 6  ? -0.351  -3.851  -10.987 0.58 16.77 ? 6   DA  A "H1'"  1 
ATOM   181 H  "H1'"  B DA  A 1 6  ? -0.381  -3.911  -10.928 0.42 16.78 ? 6   DA  A "H1'"  1 
ATOM   182 H  H8     . DA  A 1 6  ? -1.198  -1.880  -8.076  1.00 15.77 ? 6   DA  A H8     1 
ATOM   183 H  H61    . DA  A 1 6  ? 4.142   0.625   -8.326  1.00 19.64 ? 6   DA  A H61    1 
ATOM   184 H  H62    . DA  A 1 6  ? 2.813   0.676   -7.656  1.00 19.64 ? 6   DA  A H62    1 
ATOM   185 H  H2     . DA  A 1 6  ? 4.023   -2.639  -11.151 1.00 20.55 ? 6   DA  A H2     1 
ATOM   186 P  P      A DG  A 1 7  ? -2.713  -7.862  -8.115  0.56 12.90 ? 7   DG  A P      1 
ATOM   187 P  P      B DG  A 1 7  ? -1.782  -8.068  -10.145 0.44 15.07 ? 7   DG  A P      1 
ATOM   188 O  OP1    A DG  A 1 7  ? -3.184  -9.112  -8.744  0.56 14.69 ? 7   DG  A OP1    1 
ATOM   189 O  OP1    B DG  A 1 7  ? -1.448  -8.592  -11.494 0.44 15.36 ? 7   DG  A OP1    1 
ATOM   190 O  OP2    A DG  A 1 7  ? -3.602  -7.176  -7.157  0.56 13.03 ? 7   DG  A OP2    1 
ATOM   191 O  OP2    B DG  A 1 7  ? -2.831  -8.735  -9.347  0.44 15.38 ? 7   DG  A OP2    1 
ATOM   192 O  "O5'"  A DG  A 1 7  ? -1.342  -8.111  -7.358  0.56 12.46 ? 7   DG  A "O5'"  1 
ATOM   193 O  "O5'"  B DG  A 1 7  ? -0.444  -7.970  -9.271  0.44 14.52 ? 7   DG  A "O5'"  1 
ATOM   194 C  "C5'"  A DG  A 1 7  ? -0.297  -8.693  -8.051  0.56 13.43 ? 7   DG  A "C5'"  1 
ATOM   195 C  "C5'"  B DG  A 1 7  ? -0.318  -8.680  -8.055  0.44 14.35 ? 7   DG  A "C5'"  1 
ATOM   196 C  "C4'"  . DG  A 1 7  ? 1.013   -8.372  -7.400  1.00 13.18 ? 7   DG  A "C4'"  1 
ATOM   197 O  "O4'"  . DG  A 1 7  ? 1.249   -6.939  -7.446  1.00 12.35 ? 7   DG  A "O4'"  1 
ATOM   198 C  "C3'"  . DG  A 1 7  ? 1.121   -8.755  -5.913  1.00 12.40 ? 7   DG  A "C3'"  1 
ATOM   199 O  "O3'"  . DG  A 1 7  ? 2.409   -9.294  -5.652  1.00 12.91 ? 7   DG  A "O3'"  1 
ATOM   200 C  "C2'"  . DG  A 1 7  ? 0.904   -7.423  -5.235  1.00 11.97 ? 7   DG  A "C2'"  1 
ATOM   201 C  "C1'"  . DG  A 1 7  ? 1.679   -6.545  -6.186  1.00 11.81 ? 7   DG  A "C1'"  1 
ATOM   202 N  N9     . DG  A 1 7  ? 1.527   -5.125  -5.964  1.00 10.44 ? 7   DG  A N9     1 
ATOM   203 C  C8     . DG  A 1 7  ? 0.464   -4.443  -5.415  1.00 9.64  ? 7   DG  A C8     1 
ATOM   204 N  N7     . DG  A 1 7  ? 0.706   -3.172  -5.239  1.00 9.35  ? 7   DG  A N7     1 
ATOM   205 C  C5     . DG  A 1 7  ? 2.020   -3.015  -5.688  1.00 10.67 ? 7   DG  A C5     1 
ATOM   206 C  C6     . DG  A 1 7  ? 2.859   -1.866  -5.748  1.00 12.00 ? 7   DG  A C6     1 
ATOM   207 O  O6     . DG  A 1 7  ? 2.613   -0.706  -5.405  1.00 12.25 ? 7   DG  A O6     1 
ATOM   208 N  N1     . DG  A 1 7  ? 4.114   -2.167  -6.266  1.00 13.77 ? 7   DG  A N1     1 
ATOM   209 C  C2     . DG  A 1 7  ? 4.514   -3.408  -6.669  1.00 14.65 ? 7   DG  A C2     1 
ATOM   210 N  N2     . DG  A 1 7  ? 5.759   -3.502  -7.153  1.00 17.65 ? 7   DG  A N2     1 
ATOM   211 N  N3     . DG  A 1 7  ? 3.751   -4.479  -6.627  1.00 13.02 ? 7   DG  A N3     1 
ATOM   212 C  C4     . DG  A 1 7  ? 2.525   -4.209  -6.121  1.00 11.44 ? 7   DG  A C4     1 
ATOM   213 H  "H5'"  A DG  A 1 7  ? -0.292  -8.359  -8.963  0.56 16.13 ? 7   DG  A "H5'"  1 
ATOM   214 H  "H5'"  B DG  A 1 7  ? -0.379  -9.632  -8.230  0.44 17.22 ? 7   DG  A "H5'"  1 
ATOM   215 H  "H5''" A DG  A 1 7  ? -0.420  -9.654  -8.068  0.56 16.13 ? 7   DG  A "H5''" 1 
ATOM   216 H  "H5''" B DG  A 1 7  ? -1.038  -8.423  -7.457  0.44 17.22 ? 7   DG  A "H5''" 1 
ATOM   217 H  "H4'"  A DG  A 1 7  ? 1.718   -8.822  -7.893  0.56 15.82 ? 7   DG  A "H4'"  1 
ATOM   218 H  "H4'"  B DG  A 1 7  ? 1.714   -8.829  -7.891  0.44 15.82 ? 7   DG  A "H4'"  1 
ATOM   219 H  "H3'"  . DG  A 1 7  ? 0.432   -9.385  -5.653  1.00 14.89 ? 7   DG  A "H3'"  1 
ATOM   220 H  "H2'"  . DG  A 1 7  ? -0.035  -7.181  -5.196  1.00 14.37 ? 7   DG  A "H2'"  1 
ATOM   221 H  "H2''" . DG  A 1 7  ? 1.273   -7.405  -4.338  1.00 14.37 ? 7   DG  A "H2''" 1 
ATOM   222 H  "H1'"  . DG  A 1 7  ? 2.633   -6.711  -6.123  1.00 14.17 ? 7   DG  A "H1'"  1 
ATOM   223 H  H8     . DG  A 1 7  ? -0.344  -4.847  -5.191  1.00 11.57 ? 7   DG  A H8     1 
ATOM   224 H  H1     . DG  A 1 7  ? 4.679   -1.524  -6.337  1.00 16.53 ? 7   DG  A H1     1 
ATOM   225 H  H21    . DG  A 1 7  ? 6.056   -4.259  -7.434  1.00 21.18 ? 7   DG  A H21    1 
ATOM   226 H  H22    . DG  A 1 7  ? 6.263   -2.805  -7.184  1.00 21.18 ? 7   DG  A H22    1 
ATOM   227 P  P      . DC  A 1 8  ? 2.853   -9.757  -4.181  1.00 13.85 ? 8   DC  A P      1 
ATOM   228 O  OP1    . DC  A 1 8  ? 3.963   -10.705 -4.432  1.00 15.00 ? 8   DC  A OP1    1 
ATOM   229 O  OP2    . DC  A 1 8  ? 1.677   -10.213 -3.408  1.00 14.32 ? 8   DC  A OP2    1 
ATOM   230 O  "O5'"  . DC  A 1 8  ? 3.382   -8.413  -3.507  1.00 14.01 ? 8   DC  A "O5'"  1 
ATOM   231 C  "C5'"  . DC  A 1 8  ? 4.532   -7.782  -4.012  1.00 14.56 ? 8   DC  A "C5'"  1 
ATOM   232 C  "C4'"  . DC  A 1 8  ? 4.751   -6.451  -3.327  1.00 13.62 ? 8   DC  A "C4'"  1 
ATOM   233 O  "O4'"  . DC  A 1 8  ? 3.657   -5.573  -3.626  1.00 12.70 ? 8   DC  A "O4'"  1 
ATOM   234 C  "C3'"  . DC  A 1 8  ? 4.807   -6.517  -1.812  1.00 15.24 ? 8   DC  A "C3'"  1 
ATOM   235 O  "O3'"  . DC  A 1 8  ? 6.131   -6.682  -1.402  1.00 19.23 ? 8   DC  A "O3'"  1 
ATOM   236 C  "C2'"  . DC  A 1 8  ? 4.256   -5.171  -1.358  1.00 14.91 ? 8   DC  A "C2'"  1 
ATOM   237 C  "C1'"  . DC  A 1 8  ? 3.474   -4.656  -2.561  1.00 13.19 ? 8   DC  A "C1'"  1 
ATOM   238 N  N1     . DC  A 1 8  ? 2.044   -4.555  -2.320  1.00 11.61 ? 8   DC  A N1     1 
ATOM   239 C  C2     . DC  A 1 8  ? 1.418   -3.302  -2.305  1.00 11.98 ? 8   DC  A C2     1 
ATOM   240 O  O2     . DC  A 1 8  ? 2.094   -2.282  -2.477  1.00 11.62 ? 8   DC  A O2     1 
ATOM   241 N  N3     . DC  A 1 8  ? 0.084   -3.250  -2.101  1.00 11.57 ? 8   DC  A N3     1 
ATOM   242 C  C4     . DC  A 1 8  ? -0.619  -4.379  -1.945  1.00 10.93 ? 8   DC  A C4     1 
ATOM   243 N  N4     . DC  A 1 8  ? -1.933  -4.271  -1.757  1.00 11.63 ? 8   DC  A N4     1 
ATOM   244 C  C5     . DC  A 1 8  ? 0.004   -5.659  -1.954  1.00 11.23 ? 8   DC  A C5     1 
ATOM   245 C  C6     . DC  A 1 8  ? 1.316   -5.700  -2.149  1.00 11.65 ? 8   DC  A C6     1 
ATOM   246 H  "H5'"  . DC  A 1 8  ? 4.426   -7.639  -4.966  1.00 17.48 ? 8   DC  A "H5'"  1 
ATOM   247 H  "H5''" . DC  A 1 8  ? 5.302   -8.351  -3.862  1.00 17.48 ? 8   DC  A "H5''" 1 
ATOM   248 H  "H4'"  . DC  A 1 8  ? 5.572   -6.056  -3.660  1.00 16.35 ? 8   DC  A "H4'"  1 
ATOM   249 H  "H3'"  . DC  A 1 8  ? 4.234   -7.233  -1.490  1.00 18.30 ? 8   DC  A "H3'"  1 
ATOM   250 H  "H2'"  . DC  A 1 8  ? 3.675   -5.277  -0.589  1.00 17.89 ? 8   DC  A "H2'"  1 
ATOM   251 H  "H2''" . DC  A 1 8  ? 4.976   -4.563  -1.129  1.00 17.89 ? 8   DC  A "H2''" 1 
ATOM   252 H  "H1'"  . DC  A 1 8  ? 3.844   -3.796  -2.814  1.00 15.83 ? 8   DC  A "H1'"  1 
ATOM   253 H  H41    . DC  A 1 8  ? -2.412  -4.978  -1.653  1.00 13.96 ? 8   DC  A H41    1 
ATOM   254 H  H42    . DC  A 1 8  ? -2.303  -3.494  -1.740  1.00 13.96 ? 8   DC  A H42    1 
ATOM   255 H  H5     . DC  A 1 8  ? -0.491  -6.437  -1.829  1.00 13.48 ? 8   DC  A H5     1 
ATOM   256 H  H6     . DC  A 1 8  ? 1.749   -6.523  -2.169  1.00 13.98 ? 8   DC  A H6     1 
ATOM   257 P  P      . DG  A 1 9  ? 6.562   -7.760  -0.303  1.00 19.31 ? 9   DG  A P      1 
ATOM   258 O  OP1    . DG  A 1 9  ? 7.112   -8.908  -1.045  1.00 24.13 ? 9   DG  A OP1    1 
ATOM   259 O  OP2    . DG  A 1 9  ? 5.486   -8.018  0.679   1.00 19.49 ? 9   DG  A OP2    1 
ATOM   260 O  "O5'"  . DG  A 1 9  ? 7.766   -7.004  0.403   1.00 21.00 ? 9   DG  A "O5'"  1 
ATOM   261 C  "C5'"  . DG  A 1 9  ? 8.743   -6.383  -0.424  1.00 20.98 ? 9   DG  A "C5'"  1 
ATOM   262 C  "C4'"  . DG  A 1 9  ? 9.216   -5.070  0.169   1.00 19.75 ? 9   DG  A "C4'"  1 
ATOM   263 O  "O4'"  . DG  A 1 9  ? 8.130   -4.103  0.183   1.00 18.62 ? 9   DG  A "O4'"  1 
ATOM   264 C  "C3'"  . DG  A 1 9  ? 9.696   -5.159  1.601   1.00 19.56 ? 9   DG  A "C3'"  1 
ATOM   265 O  "O3'"  . DG  A 1 9  ? 10.778  -4.308  1.789   1.00 20.01 ? 9   DG  A "O3'"  1 
ATOM   266 C  "C2'"  . DG  A 1 9  ? 8.495   -4.731  2.424   1.00 18.85 ? 9   DG  A "C2'"  1 
ATOM   267 C  "C1'"  . DG  A 1 9  ? 7.810   -3.729  1.515   1.00 16.42 ? 9   DG  A "C1'"  1 
ATOM   268 N  N9     . DG  A 1 9  ? 6.359   -3.703  1.636   1.00 12.95 ? 9   DG  A N9     1 
ATOM   269 C  C8     . DG  A 1 9  ? 5.547   -4.655  2.219   1.00 13.20 ? 9   DG  A C8     1 
ATOM   270 N  N7     . DG  A 1 9  ? 4.286   -4.369  2.144   1.00 12.29 ? 9   DG  A N7     1 
ATOM   271 C  C5     . DG  A 1 9  ? 4.250   -3.168  1.455   1.00 11.42 ? 9   DG  A C5     1 
ATOM   272 C  C6     . DG  A 1 9  ? 3.148   -2.383  1.090   1.00 11.06 ? 9   DG  A C6     1 
ATOM   273 O  O6     . DG  A 1 9  ? 1.950   -2.621  1.297   1.00 11.30 ? 9   DG  A O6     1 
ATOM   274 N  N1     . DG  A 1 9  ? 3.537   -1.225  0.407   1.00 10.97 ? 9   DG  A N1     1 
ATOM   275 C  C2     . DG  A 1 9  ? 4.849   -0.895  0.111   1.00 12.26 ? 9   DG  A C2     1 
ATOM   276 N  N2     . DG  A 1 9  ? 5.042   0.255   -0.556  1.00 12.80 ? 9   DG  A N2     1 
ATOM   277 N  N3     . DG  A 1 9  ? 5.892   -1.622  0.478   1.00 12.67 ? 9   DG  A N3     1 
ATOM   278 C  C4     . DG  A 1 9  ? 5.517   -2.743  1.139   1.00 11.51 ? 9   DG  A C4     1 
ATOM   279 H  "H5'"  . DG  A 1 9  ? 8.359   -6.217  -1.299  1.00 25.18 ? 9   DG  A "H5'"  1 
ATOM   280 H  "H5''" . DG  A 1 9  ? 9.502   -6.980  -0.519  1.00 25.18 ? 9   DG  A "H5''" 1 
ATOM   281 H  "H4'"  . DG  A 1 9  ? 9.928   -4.717  -0.389  1.00 23.70 ? 9   DG  A "H4'"  1 
ATOM   282 H  "H3'"  . DG  A 1 9  ? 9.926   -6.076  1.816   1.00 23.48 ? 9   DG  A "H3'"  1 
ATOM   283 H  "H2'"  . DG  A 1 9  ? 7.915   -5.484  2.618   1.00 22.62 ? 9   DG  A "H2'"  1 
ATOM   284 H  "H2''" . DG  A 1 9  ? 8.768   -4.320  3.259   1.00 22.62 ? 9   DG  A "H2''" 1 
ATOM   285 H  "H1'"  . DG  A 1 9  ? 8.165   -2.847  1.705   1.00 19.71 ? 9   DG  A "H1'"  1 
ATOM   286 H  H8     . DG  A 1 9  ? 5.873   -5.424  2.627   1.00 15.85 ? 9   DG  A H8     1 
ATOM   287 H  H21    . DG  A 1 9  ? 5.840   0.516   -0.742  1.00 15.36 ? 9   DG  A H21    1 
ATOM   288 H  H22    . DG  A 1 9  ? 4.368   0.732   -0.797  1.00 15.36 ? 9   DG  A H22    1 
ATOM   289 P  P      . DA  A 1 10 ? 12.059  -4.838  2.586   1.00 21.03 ? 10  DA  A P      1 
ATOM   290 O  OP1    . DA  A 1 10 ? 12.468  -6.118  1.971   1.00 24.60 ? 10  DA  A OP1    1 
ATOM   291 O  OP2    . DA  A 1 10 ? 11.758  -4.750  4.038   1.00 24.32 ? 10  DA  A OP2    1 
ATOM   292 O  "O5'"  . DA  A 1 10 ? 13.175  -3.767  2.223   1.00 19.80 ? 10  DA  A "O5'"  1 
ATOM   293 C  "C5'"  . DA  A 1 10 ? 13.319  -2.599  2.996   1.00 20.07 ? 10  DA  A "C5'"  1 
ATOM   294 C  "C4'"  . DA  A 1 10 ? 14.135  -1.583  2.237   1.00 19.98 ? 10  DA  A "C4'"  1 
ATOM   295 O  "O4'"  . DA  A 1 10 ? 15.362  -2.205  1.786   1.00 19.70 ? 10  DA  A "O4'"  1 
ATOM   296 C  "C3'"  . DA  A 1 10 ? 13.470  -1.050  0.980   1.00 20.49 ? 10  DA  A "C3'"  1 
ATOM   297 O  "O3'"  . DA  A 1 10 ? 12.661  0.081   1.278   1.00 22.79 ? 10  DA  A "O3'"  1 
ATOM   298 C  "C2'"  . DA  A 1 10 ? 14.655  -0.706  0.090   1.00 21.11 ? 10  DA  A "C2'"  1 
ATOM   299 C  "C1'"  . DA  A 1 10 ? 15.699  -1.750  0.481   1.00 20.38 ? 10  DA  A "C1'"  1 
ATOM   300 N  N9     . DA  A 1 10 ? 15.755  -2.918  -0.404  1.00 21.75 ? 10  DA  A N9     1 
ATOM   301 C  C8     . DA  A 1 10 ? 14.952  -4.020  -0.351  1.00 22.73 ? 10  DA  A C8     1 
ATOM   302 N  N7     . DA  A 1 10 ? 15.234  -4.930  -1.254  1.00 23.40 ? 10  DA  A N7     1 
ATOM   303 C  C5     . DA  A 1 10 ? 16.301  -4.392  -1.950  1.00 23.33 ? 10  DA  A C5     1 
ATOM   304 C  C6     . DA  A 1 10 ? 17.065  -4.870  -3.036  1.00 24.59 ? 10  DA  A C6     1 
ATOM   305 N  N6     . DA  A 1 10 ? 16.847  -6.047  -3.626  1.00 26.01 ? 10  DA  A N6     1 
ATOM   306 N  N1     . DA  A 1 10 ? 18.062  -4.086  -3.492  1.00 24.33 ? 10  DA  A N1     1 
ATOM   307 C  C2     . DA  A 1 10 ? 18.276  -2.906  -2.897  1.00 24.53 ? 10  DA  A C2     1 
ATOM   308 N  N3     . DA  A 1 10 ? 17.628  -2.352  -1.871  1.00 24.70 ? 10  DA  A N3     1 
ATOM   309 C  C4     . DA  A 1 10 ? 16.643  -3.155  -1.440  1.00 23.04 ? 10  DA  A C4     1 
ATOM   310 H  "H5'"  . DA  A 1 10 ? 13.766  -2.816  3.830   1.00 24.09 ? 10  DA  A "H5'"  1 
ATOM   311 H  "H5''" . DA  A 1 10 ? 12.444  -2.231  3.193   1.00 24.09 ? 10  DA  A "H5''" 1 
ATOM   312 H  "H4'"  . DA  A 1 10 ? 14.350  -0.841  2.823   1.00 23.98 ? 10  DA  A "H4'"  1 
ATOM   313 H  "H3'"  . DA  A 1 10 ? 12.930  -1.741  0.565   1.00 24.59 ? 10  DA  A "H3'"  1 
ATOM   314 H  "HO3'" . DA  A 1 10 ? 11.835  0.058   1.126   1.00 27.35 ? 10  DA  A "HO3'" 1 
ATOM   315 H  "H2'"  . DA  A 1 10 ? 14.421  -0.779  -0.849  1.00 25.33 ? 10  DA  A "H2'"  1 
ATOM   316 H  "H2''" . DA  A 1 10 ? 14.976  0.192   0.266   1.00 25.33 ? 10  DA  A "H2''" 1 
ATOM   317 H  "H1'"  . DA  A 1 10 ? 16.568  -1.320  0.496   1.00 24.46 ? 10  DA  A "H1'"  1 
ATOM   318 H  H8     . DA  A 1 10 ? 14.266  -4.117  0.271   1.00 27.28 ? 10  DA  A H8     1 
ATOM   319 H  H61    . DA  A 1 10 ? 17.339  -6.294  -4.287  1.00 31.22 ? 10  DA  A H61    1 
ATOM   320 H  H62    . DA  A 1 10 ? 16.214  -6.558  -3.346  1.00 31.22 ? 10  DA  A H62    1 
ATOM   321 H  H2     . DA  A 1 10 ? 18.975  -2.402  -3.247  1.00 29.44 ? 10  DA  A H2     1 
ATOM   322 O  "O5'"  . DC  B 1 1  ? -7.117  3.831   8.102   1.00 24.63 ? 1   DC  B "O5'"  1 
ATOM   323 C  "C5'"  . DC  B 1 1  ? -6.384  3.824   9.312   1.00 20.42 ? 1   DC  B "C5'"  1 
ATOM   324 C  "C4'"  . DC  B 1 1  ? -4.878  3.854   9.050   1.00 17.67 ? 1   DC  B "C4'"  1 
ATOM   325 O  "O4'"  . DC  B 1 1  ? -4.469  2.655   8.321   1.00 14.89 ? 1   DC  B "O4'"  1 
ATOM   326 C  "C3'"  . DC  B 1 1  ? -4.406  5.010   8.182   1.00 15.96 ? 1   DC  B "C3'"  1 
ATOM   327 O  "O3'"  . DC  B 1 1  ? -3.064  5.381   8.514   1.00 17.22 ? 1   DC  B "O3'"  1 
ATOM   328 C  "C2'"  . DC  B 1 1  ? -4.508  4.403   6.793   1.00 13.56 ? 1   DC  B "C2'"  1 
ATOM   329 C  "C1'"  . DC  B 1 1  ? -3.944  3.031   7.058   1.00 13.17 ? 1   DC  B "C1'"  1 
ATOM   330 N  N1     . DC  B 1 1  ? -4.296  1.973   6.092   1.00 11.45 ? 1   DC  B N1     1 
ATOM   331 C  C2     . DC  B 1 1  ? -3.329  1.498   5.203   1.00 11.26 ? 1   DC  B C2     1 
ATOM   332 O  O2     . DC  B 1 1  ? -2.215  2.030   5.191   1.00 11.81 ? 1   DC  B O2     1 
ATOM   333 N  N3     . DC  B 1 1  ? -3.642  0.476   4.377   1.00 10.74 ? 1   DC  B N3     1 
ATOM   334 C  C4     . DC  B 1 1  ? -4.853  -0.067  4.428   1.00 11.07 ? 1   DC  B C4     1 
ATOM   335 N  N4     . DC  B 1 1  ? -5.102  -1.071  3.603   1.00 11.87 ? 1   DC  B N4     1 
ATOM   336 C  C5     . DC  B 1 1  ? -5.852  0.402   5.329   1.00 11.43 ? 1   DC  B C5     1 
ATOM   337 C  C6     . DC  B 1 1  ? -5.533  1.408   6.140   1.00 11.69 ? 1   DC  B C6     1 
ATOM   338 H  "H5'"  . DC  B 1 1  ? -6.602  3.022   9.811   1.00 24.51 ? 1   DC  B "H5'"  1 
ATOM   339 H  "H5''" . DC  B 1 1  ? -6.630  4.601   9.838   1.00 24.51 ? 1   DC  B "H5''" 1 
ATOM   340 H  "H4'"  . DC  B 1 1  ? -4.421  3.875   9.905   1.00 21.21 ? 1   DC  B "H4'"  1 
ATOM   341 H  "H3'"  . DC  B 1 1  ? -4.989  5.780   8.274   1.00 19.16 ? 1   DC  B "H3'"  1 
ATOM   342 H  "H2'"  . DC  B 1 1  ? -5.426  4.362   6.484   1.00 16.28 ? 1   DC  B "H2'"  1 
ATOM   343 H  "H2''" . DC  B 1 1  ? -3.977  4.893   6.145   1.00 16.28 ? 1   DC  B "H2''" 1 
ATOM   344 H  "H1'"  . DC  B 1 1  ? -2.976  3.102   7.070   1.00 15.81 ? 1   DC  B "H1'"  1 
ATOM   345 H  H41    . DC  B 1 1  ? -5.876  -1.449  3.607   1.00 14.25 ? 1   DC  B H41    1 
ATOM   346 H  H42    . DC  B 1 1  ? -4.493  -1.346  3.063   1.00 14.25 ? 1   DC  B H42    1 
ATOM   347 H  H5     . DC  B 1 1  ? -6.699  0.018   5.351   1.00 13.72 ? 1   DC  B H5     1 
ATOM   348 H  H6     . DC  B 1 1  ? -6.162  1.730   6.745   1.00 14.03 ? 1   DC  B H6     1 
ATOM   349 H  "HO5'" . DC  B 1 1  ? -7.958  3.818   8.120   1.00 29.56 ? 1   DC  B "HO5'" 1 
ATOM   350 P  P      . DA  B 1 2  ? -2.739  6.808   9.172   1.00 20.04 ? 2   DA  B P      1 
ATOM   351 O  OP1    . DA  B 1 2  ? -3.606  7.014   10.360  1.00 22.03 ? 2   DA  B OP1    1 
ATOM   352 O  OP2    . DA  B 1 2  ? -2.751  7.819   8.089   1.00 21.78 ? 2   DA  B OP2    1 
ATOM   353 O  "O5'"  . DA  B 1 2  ? -1.251  6.633   9.680   1.00 19.55 ? 2   DA  B "O5'"  1 
ATOM   354 C  "C5'"  . DA  B 1 2  ? -0.227  6.430   8.768   1.00 18.71 ? 2   DA  B "C5'"  1 
ATOM   355 C  "C4'"  . DA  B 1 2  ? 1.093   6.340   9.498   1.00 18.28 ? 2   DA  B "C4'"  1 
ATOM   356 O  "O4'"  . DA  B 1 2  ? 1.130   5.131   10.290  1.00 16.67 ? 2   DA  B "O4'"  1 
ATOM   357 C  "C3'"  . DA  B 1 2  ? 2.295   6.250   8.595   1.00 18.10 ? 2   DA  B "C3'"  1 
ATOM   358 O  "O3'"  . DA  B 1 2  ? 3.440   6.781   9.230   1.00 20.01 ? 2   DA  B "O3'"  1 
ATOM   359 C  "C2'"  . DA  B 1 2  ? 2.410   4.754   8.325   1.00 17.00 ? 2   DA  B "C2'"  1 
ATOM   360 C  "C1'"  . DA  B 1 2  ? 1.754   4.099   9.548   1.00 16.03 ? 2   DA  B "C1'"  1 
ATOM   361 N  N9     . DA  B 1 2  ? 0.750   3.099   9.197   1.00 13.28 ? 2   DA  B N9     1 
ATOM   362 C  C8     . DA  B 1 2  ? -0.513  2.976   9.700   1.00 13.84 ? 2   DA  B C8     1 
ATOM   363 N  N7     . DA  B 1 2  ? -1.193  1.979   9.185   1.00 13.86 ? 2   DA  B N7     1 
ATOM   364 C  C5     . DA  B 1 2  ? -0.317  1.412   8.283   1.00 12.85 ? 2   DA  B C5     1 
ATOM   365 C  C6     . DA  B 1 2  ? -0.442  0.326   7.401   1.00 11.93 ? 2   DA  B C6     1 
ATOM   366 N  N6     . DA  B 1 2  ? -1.550  -0.415  7.305   1.00 12.49 ? 2   DA  B N6     1 
ATOM   367 N  N1     . DA  B 1 2  ? 0.626   0.027   6.621   1.00 11.29 ? 2   DA  B N1     1 
ATOM   368 C  C2     . DA  B 1 2  ? 1.730   0.780   6.731   1.00 12.39 ? 2   DA  B C2     1 
ATOM   369 N  N3     . DA  B 1 2  ? 1.957   1.824   7.525   1.00 12.57 ? 2   DA  B N3     1 
ATOM   370 C  C4     . DA  B 1 2  ? 0.884   2.093   8.272   1.00 12.35 ? 2   DA  B C4     1 
ATOM   371 H  "H5'"  . DA  B 1 2  ? -0.202  7.169   8.139   1.00 22.46 ? 2   DA  B "H5'"  1 
ATOM   372 H  "H5''" . DA  B 1 2  ? -0.386  5.606   8.280   1.00 22.46 ? 2   DA  B "H5''" 1 
ATOM   373 H  "H4'"  . DA  B 1 2  ? 1.181   7.104   10.088  1.00 21.94 ? 2   DA  B "H4'"  1 
ATOM   374 H  "H3'"  . DA  B 1 2  ? 2.130   6.724   7.765   1.00 21.72 ? 2   DA  B "H3'"  1 
ATOM   375 H  "H2'"  . DA  B 1 2  ? 1.942   4.512   7.510   1.00 20.40 ? 2   DA  B "H2'"  1 
ATOM   376 H  "H2''" . DA  B 1 2  ? 3.340   4.487   8.246   1.00 20.40 ? 2   DA  B "H2''" 1 
ATOM   377 H  "H1'"  . DA  B 1 2  ? 2.440   3.693   10.100  1.00 19.23 ? 2   DA  B "H1'"  1 
ATOM   378 H  H8     . DA  B 1 2  ? -0.860  3.547   10.347  1.00 16.61 ? 2   DA  B H8     1 
ATOM   379 H  H61    . DA  B 1 2  ? -1.581  -1.073  6.752   1.00 14.99 ? 2   DA  B H61    1 
ATOM   380 H  H62    . DA  B 1 2  ? -2.234  -0.233  7.795   1.00 14.99 ? 2   DA  B H62    1 
ATOM   381 H  H2     . DA  B 1 2  ? 2.435   0.540   6.175   1.00 14.87 ? 2   DA  B H2     1 
ATOM   382 P  P      . DC  B 1 3  ? 4.096   8.133   8.676   1.00 22.99 ? 3   DC  B P      1 
ATOM   383 O  OP1    . DC  B 1 3  ? 5.193   8.451   9.621   1.00 24.20 ? 3   DC  B OP1    1 
ATOM   384 O  OP2    . DC  B 1 3  ? 3.006   9.100   8.428   1.00 23.60 ? 3   DC  B OP2    1 
ATOM   385 O  "O5'"  . DC  B 1 3  ? 4.718   7.726   7.270   1.00 20.49 ? 3   DC  B "O5'"  1 
ATOM   386 C  "C5'"  . DC  B 1 3  ? 5.840   6.898   7.217   1.00 20.29 ? 3   DC  B "C5'"  1 
ATOM   387 C  "C4'"  . DC  B 1 3  ? 5.813   6.050   5.962   1.00 19.08 ? 3   DC  B "C4'"  1 
ATOM   388 O  "O4'"  . DC  B 1 3  ? 4.713   5.123   6.044   1.00 18.58 ? 3   DC  B "O4'"  1 
ATOM   389 C  "C3'"  . DC  B 1 3  ? 5.580   6.823   4.672   1.00 19.77 ? 3   DC  B "C3'"  1 
ATOM   390 O  "O3'"  . DC  B 1 3  ? 6.809   7.244   4.109   1.00 20.92 ? 3   DC  B "O3'"  1 
ATOM   391 C  "C2'"  . DC  B 1 3  ? 4.850   5.825   3.771   1.00 18.30 ? 3   DC  B "C2'"  1 
ATOM   392 C  "C1'"  . DC  B 1 3  ? 4.255   4.801   4.739   1.00 16.27 ? 3   DC  B "C1'"  1 
ATOM   393 N  N1     . DC  B 1 3  ? 2.777   4.796   4.782   1.00 13.79 ? 3   DC  B N1     1 
ATOM   394 C  C2     . DC  B 1 3  ? 2.074   3.600   4.580   1.00 12.42 ? 3   DC  B C2     1 
ATOM   395 O  O2     . DC  B 1 3  ? 2.705   2.562   4.326   1.00 13.07 ? 3   DC  B O2     1 
ATOM   396 N  N3     . DC  B 1 3  ? 0.723   3.619   4.673   1.00 12.20 ? 3   DC  B N3     1 
ATOM   397 C  C4     . DC  B 1 3  ? 0.087   4.765   4.934   1.00 12.89 ? 3   DC  B C4     1 
ATOM   398 N  N4     . DC  B 1 3  ? -1.237  4.737   5.001   1.00 13.23 ? 3   DC  B N4     1 
ATOM   399 C  C5     . DC  B 1 3  ? 0.787   5.987   5.129   1.00 13.95 ? 3   DC  B C5     1 
ATOM   400 C  C6     . DC  B 1 3  ? 2.113   5.955   5.056   1.00 14.24 ? 3   DC  B C6     1 
ATOM   401 H  "H5'"  . DC  B 1 3  ? 5.849   6.318   7.995   1.00 24.35 ? 3   DC  B "H5'"  1 
ATOM   402 H  "H5''" . DC  B 1 3  ? 6.643   7.442   7.219   1.00 24.35 ? 3   DC  B "H5''" 1 
ATOM   403 H  "H4'"  . DC  B 1 3  ? 6.647   5.560   5.892   1.00 22.90 ? 3   DC  B "H4'"  1 
ATOM   404 H  "H3'"  . DC  B 1 3  ? 5.006   7.584   4.850   1.00 23.73 ? 3   DC  B "H3'"  1 
ATOM   405 H  "H2'"  . DC  B 1 3  ? 4.151   6.266   3.264   1.00 21.96 ? 3   DC  B "H2'"  1 
ATOM   406 H  "H2''" . DC  B 1 3  ? 5.468   5.400   3.155   1.00 21.96 ? 3   DC  B "H2''" 1 
ATOM   407 H  "H1'"  . DC  B 1 3  ? 4.587   3.926   4.485   1.00 19.53 ? 3   DC  B "H1'"  1 
ATOM   408 H  H41    . DC  B 1 3  ? -1.675  5.460   5.167   1.00 15.88 ? 3   DC  B H41    1 
ATOM   409 H  H42    . DC  B 1 3  ? -1.659  3.998   4.878   1.00 15.88 ? 3   DC  B H42    1 
ATOM   410 H  H5     . DC  B 1 3  ? 0.332   6.780   5.302   1.00 16.75 ? 3   DC  B H5     1 
ATOM   411 H  H6     . DC  B 1 3  ? 2.597   6.737   5.193   1.00 17.09 ? 3   DC  B H6     1 
ATOM   412 P  P      . DC  B 1 4  ? 6.810   8.145   2.780   1.00 22.64 ? 4   DC  B P      1 
ATOM   413 O  OP1    . DC  B 1 4  ? 8.192   8.616   2.568   1.00 24.35 ? 4   DC  B OP1    1 
ATOM   414 O  OP2    . DC  B 1 4  ? 5.713   9.127   2.851   1.00 24.56 ? 4   DC  B OP2    1 
ATOM   415 O  "O5'"  . DC  B 1 4  ? 6.466   7.117   1.619   1.00 20.37 ? 4   DC  B "O5'"  1 
ATOM   416 C  "C5'"  . DC  B 1 4  ? 7.339   6.057   1.355   1.00 17.68 ? 4   DC  B "C5'"  1 
ATOM   417 C  "C4'"  . DC  B 1 4  ? 6.677   5.043   0.447   1.00 16.49 ? 4   DC  B "C4'"  1 
ATOM   418 O  "O4'"  . DC  B 1 4  ? 5.635   4.354   1.163   1.00 14.65 ? 4   DC  B "O4'"  1 
ATOM   419 C  "C3'"  . DC  B 1 4  ? 5.971   5.621   -0.756  1.00 16.00 ? 4   DC  B "C3'"  1 
ATOM   420 O  "O3'"  . DC  B 1 4  ? 6.915   5.931   -1.809  1.00 17.25 ? 4   DC  B "O3'"  1 
ATOM   421 C  "C2'"  . DC  B 1 4  ? 5.019   4.498   -1.118  1.00 14.40 ? 4   DC  B "C2'"  1 
ATOM   422 C  "C1'"  . DC  B 1 4  ? 4.701   3.857   0.247   1.00 13.51 ? 4   DC  B "C1'"  1 
ATOM   423 N  N1     . DC  B 1 4  ? 3.329   4.163   0.711   1.00 12.59 ? 4   DC  B N1     1 
ATOM   424 C  C2     . DC  B 1 4  ? 2.470   3.118   1.056   1.00 10.95 ? 4   DC  B C2     1 
ATOM   425 O  O2     . DC  B 1 4  ? 2.899   1.959   1.037   1.00 10.78 ? 4   DC  B O2     1 
ATOM   426 N  N3     . DC  B 1 4  ? 1.190   3.405   1.388   1.00 10.45 ? 4   DC  B N3     1 
ATOM   427 C  C4     . DC  B 1 4  ? 0.784   4.684   1.427   1.00 11.88 ? 4   DC  B C4     1 
ATOM   428 N  N4     . DC  B 1 4  ? -0.480  4.933   1.779   1.00 12.57 ? 4   DC  B N4     1 
ATOM   429 C  C5     . DC  B 1 4  ? 1.658   5.756   1.110   1.00 12.31 ? 4   DC  B C5     1 
ATOM   430 C  C6     . DC  B 1 4  ? 2.904   5.454   0.751   1.00 13.27 ? 4   DC  B C6     1 
ATOM   431 H  "H5'"  . DC  B 1 4  ? 7.585   5.629   2.190   1.00 21.22 ? 4   DC  B "H5'"  1 
ATOM   432 H  "H5''" . DC  B 1 4  ? 8.140   6.399   0.928   1.00 21.22 ? 4   DC  B "H5''" 1 
ATOM   433 H  "H4'"  . DC  B 1 4  ? 7.354   4.410   0.158   1.00 19.79 ? 4   DC  B "H4'"  1 
ATOM   434 H  "H3'"  . DC  B 1 4  ? 5.477   6.423   -0.525  1.00 19.21 ? 4   DC  B "H3'"  1 
ATOM   435 H  "H2'"  . DC  B 1 4  ? 4.215   4.842   -1.539  1.00 17.29 ? 4   DC  B "H2'"  1 
ATOM   436 H  "H2''" . DC  B 1 4  ? 5.440   3.860   -1.716  1.00 17.29 ? 4   DC  B "H2''" 1 
ATOM   437 H  "H1'"  . DC  B 1 4  ? 4.821   2.895   0.202   1.00 16.22 ? 4   DC  B "H1'"  1 
ATOM   438 H  H41    . DC  B 1 4  ? -0.766  5.743   1.813   1.00 15.09 ? 4   DC  B H41    1 
ATOM   439 H  H42    . DC  B 1 4  ? -1.008  4.282   1.972   1.00 15.09 ? 4   DC  B H42    1 
ATOM   440 H  H5     . DC  B 1 4  ? 1.372   6.640   1.152   1.00 14.77 ? 4   DC  B H5     1 
ATOM   441 H  H6     . DC  B 1 4  ? 3.493   6.137   0.524   1.00 15.93 ? 4   DC  B H6     1 
HETATM 442 O  "O5'"  . 3DR B 1 5  ? 5.823   5.629   -4.009  1.00 17.64 ? 5   3DR B "O5'"  1 
HETATM 443 P  P      . 3DR B 1 5  ? 6.456   6.756   -3.111  1.00 17.96 ? 5   3DR B P      1 
HETATM 444 O  OP1    . 3DR B 1 5  ? 7.643   7.312   -3.799  1.00 20.75 ? 5   3DR B OP1    1 
HETATM 445 O  OP2    . 3DR B 1 5  ? 5.390   7.696   -2.695  1.00 19.98 ? 5   3DR B OP2    1 
HETATM 446 C  "C2'"  . 3DR B 1 5  ? 5.156   2.664   -4.687  1.00 18.42 ? 5   3DR B "C2'"  1 
HETATM 447 C  "C5'"  . 3DR B 1 5  ? 5.283   5.951   -5.272  1.00 18.84 ? 5   3DR B "C5'"  1 
HETATM 448 C  "C4'"  . 3DR B 1 5  ? 4.998   4.651   -5.986  1.00 18.01 ? 5   3DR B "C4'"  1 
HETATM 449 O  "O4'"  . 3DR B 1 5  ? 6.240   3.980   -6.267  1.00 19.63 ? 5   3DR B "O4'"  1 
HETATM 450 C  "C1'"  . 3DR B 1 5  ? 6.117   2.641   -5.857  1.00 19.53 ? 5   3DR B "C1'"  1 
HETATM 451 C  "C3'"  . 3DR B 1 5  ? 4.138   3.647   -5.222  1.00 16.00 ? 5   3DR B "C3'"  1 
HETATM 452 O  "O3'"  . 3DR B 1 5  ? 3.371   3.012   -6.201  1.00 14.65 ? 5   3DR B "O3'"  1 
HETATM 453 H  "H2'"  . 3DR B 1 5  ? 5.636   3.045   -3.793  1.00 22.11 ? 5   3DR B "H2'"  1 
HETATM 454 H  "H2''" . 3DR B 1 5  ? 4.713   1.689   -4.524  1.00 22.11 ? 5   3DR B "H2''" 1 
HETATM 455 H  "H5'"  . 3DR B 1 5  ? 5.996   6.535   -5.840  1.00 22.61 ? 5   3DR B "H5'"  1 
HETATM 456 H  "H5''" . 3DR B 1 5  ? 4.366   6.514   -5.149  1.00 22.61 ? 5   3DR B "H5''" 1 
HETATM 457 H  "H4'1" . 3DR B 1 5  ? 4.528   4.868   -6.936  1.00 21.61 ? 5   3DR B "H4'1" 1 
HETATM 458 H  "H1'1" . 3DR B 1 5  ? 7.080   2.255   -5.545  1.00 23.44 ? 5   3DR B "H1'1" 1 
HETATM 459 H  "H1'2" . 3DR B 1 5  ? 5.712   2.040   -6.663  1.00 23.44 ? 5   3DR B "H1'2" 1 
HETATM 460 H  "H3'"  . 3DR B 1 5  ? 3.572   4.122   -4.430  1.00 19.20 ? 5   3DR B "H3'"  1 
ATOM   461 P  P      . DA  B 1 6  ? 1.784   3.238   -6.301  1.00 12.12 ? 6   DA  B P      1 
ATOM   462 O  OP1    . DA  B 1 6  ? 1.165   3.510   -4.971  1.00 10.19 ? 6   DA  B OP1    1 
ATOM   463 O  OP2    . DA  B 1 6  ? 1.342   2.091   -7.123  1.00 12.54 ? 6   DA  B OP2    1 
ATOM   464 O  "O5'"  . DA  B 1 6  ? 1.622   4.614   -7.098  1.00 12.82 ? 6   DA  B "O5'"  1 
ATOM   465 C  "C5'"  . DA  B 1 6  ? 1.954   4.724   -8.465  1.00 13.36 ? 6   DA  B "C5'"  1 
ATOM   466 C  "C4'"  . DA  B 1 6  ? 0.746   5.160   -9.266  1.00 13.30 ? 6   DA  B "C4'"  1 
ATOM   467 O  "O4'"  . DA  B 1 6  ? -0.087  4.018   -9.478  1.00 13.80 ? 6   DA  B "O4'"  1 
ATOM   468 C  "C3'"  . DA  B 1 6  ? -0.148  6.203   -8.600  1.00 14.03 ? 6   DA  B "C3'"  1 
ATOM   469 O  "O3'"  . DA  B 1 6  ? 0.191   7.495   -9.062  1.00 17.03 ? 6   DA  B "O3'"  1 
ATOM   470 C  "C2'"  . DA  B 1 6  ? -1.579  5.803   -8.989  1.00 14.57 ? 6   DA  B "C2'"  1 
ATOM   471 C  "C1'"  . DA  B 1 6  ? -1.440  4.399   -9.566  1.00 13.57 ? 6   DA  B "C1'"  1 
ATOM   472 N  N9     . DA  B 1 6  ? -2.224  3.361   -8.894  1.00 12.64 ? 6   DA  B N9     1 
ATOM   473 C  C8     . DA  B 1 6  ? -1.748  2.342   -8.107  1.00 12.00 ? 6   DA  B C8     1 
ATOM   474 N  N7     . DA  B 1 6  ? -2.684  1.520   -7.691  1.00 11.65 ? 6   DA  B N7     1 
ATOM   475 C  C5     . DA  B 1 6  ? -3.842  2.008   -8.283  1.00 11.92 ? 6   DA  B C5     1 
ATOM   476 C  C6     . DA  B 1 6  ? -5.186  1.581   -8.248  1.00 12.72 ? 6   DA  B C6     1 
ATOM   477 N  N6     . DA  B 1 6  ? -5.597  0.503   -7.586  1.00 13.07 ? 6   DA  B N6     1 
ATOM   478 N  N1     . DA  B 1 6  ? -6.095  2.303   -8.935  1.00 14.70 ? 6   DA  B N1     1 
ATOM   479 C  C2     . DA  B 1 6  ? -5.684  3.381   -9.608  1.00 15.59 ? 6   DA  B C2     1 
ATOM   480 N  N3     . DA  B 1 6  ? -4.449  3.875   -9.726  1.00 14.54 ? 6   DA  B N3     1 
ATOM   481 C  C4     . DA  B 1 6  ? -3.571  3.137   -9.026  1.00 12.58 ? 6   DA  B C4     1 
ATOM   482 H  "H5'"  . DA  B 1 6  ? 2.264   3.866   -8.791  1.00 16.04 ? 6   DA  B "H5'"  1 
ATOM   483 H  "H5''" . DA  B 1 6  ? 2.663   5.378   -8.571  1.00 16.04 ? 6   DA  B "H5''" 1 
ATOM   484 H  "H4'"  . DA  B 1 6  ? 1.040   5.518   -10.119 1.00 15.97 ? 6   DA  B "H4'"  1 
ATOM   485 H  "H3'"  . DA  B 1 6  ? -0.058  6.140   -7.637  1.00 16.84 ? 6   DA  B "H3'"  1 
ATOM   486 H  "H2'"  . DA  B 1 6  ? -2.159  5.802   -8.212  1.00 17.48 ? 6   DA  B "H2'"  1 
ATOM   487 H  "H2''" . DA  B 1 6  ? -1.940  6.414   -9.651  1.00 17.48 ? 6   DA  B "H2''" 1 
ATOM   488 H  "H1'"  . DA  B 1 6  ? -1.706  4.457   -10.497 1.00 16.29 ? 6   DA  B "H1'"  1 
ATOM   489 H  H8     . DA  B 1 6  ? -0.850  2.243   -7.890  1.00 14.41 ? 6   DA  B H8     1 
ATOM   490 H  H61    . DA  B 1 6  ? -6.427  0.279   -7.602  1.00 15.69 ? 6   DA  B H61    1 
ATOM   491 H  H62    . DA  B 1 6  ? -5.032  0.029   -7.142  1.00 15.69 ? 6   DA  B H62    1 
ATOM   492 H  H2     . DA  B 1 6  ? -6.349  3.852   -10.055 1.00 18.71 ? 6   DA  B H2     1 
ATOM   493 P  P      . DG  B 1 7  ? 0.823   8.567   -8.044  1.00 17.45 ? 7   DG  B P      1 
ATOM   494 O  OP1    . DG  B 1 7  ? 1.138   9.753   -8.857  1.00 19.29 ? 7   DG  B OP1    1 
ATOM   495 O  OP2    . DG  B 1 7  ? 1.900   7.935   -7.230  1.00 17.48 ? 7   DG  B OP2    1 
ATOM   496 O  "O5'"  . DG  B 1 7  ? -0.368  8.923   -7.057  1.00 16.17 ? 7   DG  B "O5'"  1 
ATOM   497 C  "C5'"  . DG  B 1 7  ? -1.571  9.431   -7.564  1.00 14.77 ? 7   DG  B "C5'"  1 
ATOM   498 C  "C4'"  . DG  B 1 7  ? -2.687  9.065   -6.628  1.00 13.46 ? 7   DG  B "C4'"  1 
ATOM   499 O  "O4'"  . DG  B 1 7  ? -2.934  7.639   -6.749  1.00 11.50 ? 7   DG  B "O4'"  1 
ATOM   500 C  "C3'"  . DG  B 1 7  ? -2.394  9.320   -5.129  1.00 12.93 ? 7   DG  B "C3'"  1 
ATOM   501 O  "O3'"  . DG  B 1 7  ? -3.544  9.912   -4.510  1.00 12.77 ? 7   DG  B "O3'"  1 
ATOM   502 C  "C2'"  . DG  B 1 7  ? -2.099  7.923   -4.620  1.00 11.58 ? 7   DG  B "C2'"  1 
ATOM   503 C  "C1'"  . DG  B 1 7  ? -3.093  7.148   -5.464  1.00 11.47 ? 7   DG  B "C1'"  1 
ATOM   504 N  N9     . DG  B 1 7  ? -2.978  5.718   -5.359  1.00 9.45  ? 7   DG  B N9     1 
ATOM   505 C  C8     . DG  B 1 7  ? -1.910  4.976   -4.933  1.00 9.83  ? 7   DG  B C8     1 
ATOM   506 N  N7     . DG  B 1 7  ? -2.187  3.711   -4.781  1.00 9.31  ? 7   DG  B N7     1 
ATOM   507 C  C5     . DG  B 1 7  ? -3.546  3.631   -5.098  1.00 9.52  ? 7   DG  B C5     1 
ATOM   508 C  C6     . DG  B 1 7  ? -4.429  2.533   -5.093  1.00 10.44 ? 7   DG  B C6     1 
ATOM   509 O  O6     . DG  B 1 7  ? -4.194  1.369   -4.792  1.00 11.50 ? 7   DG  B O6     1 
ATOM   510 N  N1     . DG  B 1 7  ? -5.720  2.905   -5.479  1.00 10.36 ? 7   DG  B N1     1 
ATOM   511 C  C2     . DG  B 1 7  ? -6.106  4.180   -5.818  1.00 10.99 ? 7   DG  B C2     1 
ATOM   512 N  N2     . DG  B 1 7  ? -7.394  4.354   -6.166  1.00 12.41 ? 7   DG  B N2     1 
ATOM   513 N  N3     . DG  B 1 7  ? -5.287  5.212   -5.813  1.00 10.82 ? 7   DG  B N3     1 
ATOM   514 C  C4     . DG  B 1 7  ? -4.034  4.863   -5.430  1.00 9.58  ? 7   DG  B C4     1 
ATOM   515 H  "H5'"  . DG  B 1 7  ? -1.742  9.054   -8.441  1.00 17.73 ? 7   DG  B "H5'"  1 
ATOM   516 H  "H5''" . DG  B 1 7  ? -1.512  10.397  -7.641  1.00 17.73 ? 7   DG  B "H5''" 1 
ATOM   517 H  "H4'"  . DG  B 1 7  ? -3.491  9.553   -6.867  1.00 16.16 ? 7   DG  B "H4'"  1 
ATOM   518 H  "H3'"  . DG  B 1 7  ? -1.617  9.887   -5.003  1.00 15.52 ? 7   DG  B "H3'"  1 
ATOM   519 H  "H2'"  . DG  B 1 7  ? -1.184  7.656   -4.795  1.00 13.90 ? 7   DG  B "H2'"  1 
ATOM   520 H  "H2''" . DG  B 1 7  ? -2.277  7.835   -3.671  1.00 13.90 ? 7   DG  B "H2''" 1 
ATOM   521 H  "H1'"  . DG  B 1 7  ? -4.009  7.336   -5.209  1.00 13.77 ? 7   DG  B "H1'"  1 
ATOM   522 H  H8     . DG  B 1 7  ? -1.068  5.338   -4.769  1.00 11.80 ? 7   DG  B H8     1 
ATOM   523 H  H1     . DG  B 1 7  ? -6.318  2.288   -5.509  1.00 12.43 ? 7   DG  B H1     1 
ATOM   524 H  H21    . DG  B 1 7  ? -7.678  5.136   -6.383  1.00 14.89 ? 7   DG  B H21    1 
ATOM   525 H  H22    . DG  B 1 7  ? -7.933  3.684   -6.171  1.00 14.89 ? 7   DG  B H22    1 
ATOM   526 P  P      . DC  B 1 8  ? -3.701  10.064  -2.915  1.00 13.55 ? 8   DC  B P      1 
ATOM   527 O  OP1    . DC  B 1 8  ? -4.801  11.033  -2.759  1.00 14.38 ? 8   DC  B OP1    1 
ATOM   528 O  OP2    . DC  B 1 8  ? -2.376  10.278  -2.297  1.00 15.05 ? 8   DC  B OP2    1 
ATOM   529 O  "O5'"  . DC  B 1 8  ? -4.186  8.639   -2.400  1.00 12.47 ? 8   DC  B "O5'"  1 
ATOM   530 C  "C5'"  . DC  B 1 8  ? -5.455  8.186   -2.729  1.00 12.64 ? 8   DC  B "C5'"  1 
ATOM   531 C  "C4'"  . DC  B 1 8  ? -5.713  6.831   -2.130  1.00 12.31 ? 8   DC  B "C4'"  1 
ATOM   532 O  "O4'"  . DC  B 1 8  ? -4.790  5.867   -2.661  1.00 11.03 ? 8   DC  B "O4'"  1 
ATOM   533 C  "C3'"  . DC  B 1 8  ? -5.543  6.783   -0.639  1.00 12.84 ? 8   DC  B "C3'"  1 
ATOM   534 O  "O3'"  . DC  B 1 8  ? -6.779  7.154   -0.058  1.00 15.04 ? 8   DC  B "O3'"  1 
ATOM   535 C  "C2'"  . DC  B 1 8  ? -5.133  5.332   -0.369  1.00 12.27 ? 8   DC  B "C2'"  1 
ATOM   536 C  "C1'"  . DC  B 1 8  ? -4.476  4.886   -1.674  1.00 10.94 ? 8   DC  B "C1'"  1 
ATOM   537 N  N1     . DC  B 1 8  ? -3.000  4.788   -1.643  1.00 10.45 ? 8   DC  B N1     1 
ATOM   538 C  C2     . DC  B 1 8  ? -2.366  3.549   -1.799  1.00 10.00 ? 8   DC  B C2     1 
ATOM   539 O  O2     . DC  B 1 8  ? -3.053  2.516   -1.898  1.00 10.20 ? 8   DC  B O2     1 
ATOM   540 N  N3     . DC  B 1 8  ? -1.012  3.514   -1.834  1.00 10.06 ? 8   DC  B N3     1 
ATOM   541 C  C4     . DC  B 1 8  ? -0.306  4.647   -1.743  1.00 9.47  ? 8   DC  B C4     1 
ATOM   542 N  N4     . DC  B 1 8  ? 1.026   4.572   -1.801  1.00 10.62 ? 8   DC  B N4     1 
ATOM   543 C  C5     . DC  B 1 8  ? -0.937  5.912   -1.590  1.00 9.63  ? 8   DC  B C5     1 
ATOM   544 C  C6     . DC  B 1 8  ? -2.267  5.935   -1.550  1.00 10.62 ? 8   DC  B C6     1 
ATOM   545 H  "H5'"  . DC  B 1 8  ? -5.533  8.128   -3.695  1.00 15.18 ? 8   DC  B "H5'"  1 
ATOM   546 H  "H5''" . DC  B 1 8  ? -6.115  8.814   -2.397  1.00 15.18 ? 8   DC  B "H5''" 1 
ATOM   547 H  "H4'"  . DC  B 1 8  ? -6.610  6.544   -2.367  1.00 14.78 ? 8   DC  B "H4'"  1 
ATOM   548 H  "H3'"  . DC  B 1 8  ? -4.824  7.352   -0.326  1.00 15.41 ? 8   DC  B "H3'"  1 
ATOM   549 H  "H2'"  . DC  B 1 8  ? -4.508  5.281   0.370   1.00 14.72 ? 8   DC  B "H2'"  1 
ATOM   550 H  "H2''" . DC  B 1 8  ? -5.908  4.784   -0.166  1.00 14.72 ? 8   DC  B "H2''" 1 
ATOM   551 H  "H1'"  . DC  B 1 8  ? -4.858  4.025   -1.901  1.00 13.14 ? 8   DC  B "H1'"  1 
ATOM   552 H  H41    . DC  B 1 8  ? 1.499   5.287   -1.745  1.00 12.75 ? 8   DC  B H41    1 
ATOM   553 H  H42    . DC  B 1 8  ? 1.409   3.808   -1.894  1.00 12.75 ? 8   DC  B H42    1 
ATOM   554 H  H5     . DC  B 1 8  ? -0.439  6.695   -1.519  1.00 11.55 ? 8   DC  B H5     1 
ATOM   555 H  H6     . DC  B 1 8  ? -2.706  6.750   -1.457  1.00 12.75 ? 8   DC  B H6     1 
ATOM   556 P  P      . DG  B 1 9  ? -6.891  7.629   1.470   1.00 16.40 ? 9   DG  B P      1 
ATOM   557 O  OP1    . DG  B 1 9  ? -7.861  8.740   1.529   1.00 19.92 ? 9   DG  B OP1    1 
ATOM   558 O  OP2    . DG  B 1 9  ? -5.554  7.810   2.073   1.00 16.32 ? 9   DG  B OP2    1 
ATOM   559 O  "O5'"  . DG  B 1 9  ? -7.592  6.380   2.132   1.00 16.68 ? 9   DG  B "O5'"  1 
ATOM   560 C  "C5'"  . DG  B 1 9  ? -8.777  5.877   1.557   1.00 17.32 ? 9   DG  B "C5'"  1 
ATOM   561 C  "C4'"  . DG  B 1 9  ? -9.358  4.811   2.431   1.00 16.52 ? 9   DG  B "C4'"  1 
ATOM   562 O  "O4'"  . DG  B 1 9  ? -8.515  3.640   2.360   1.00 16.38 ? 9   DG  B "O4'"  1 
ATOM   563 C  "C3'"  . DG  B 1 9  ? -9.444  5.207   3.894   1.00 17.73 ? 9   DG  B "C3'"  1 
ATOM   564 O  "O3'"  . DG  B 1 9  ? -10.664 4.795   4.447   1.00 21.21 ? 9   DG  B "O3'"  1 
ATOM   565 C  "C2'"  . DG  B 1 9  ? -8.256  4.529   4.558   1.00 16.37 ? 9   DG  B "C2'"  1 
ATOM   566 C  "C1'"  . DG  B 1 9  ? -7.760  3.500   3.539   1.00 15.33 ? 9   DG  B "C1'"  1 
ATOM   567 N  N9     . DG  B 1 9  ? -6.329  3.619   3.215   1.00 13.45 ? 9   DG  B N9     1 
ATOM   568 C  C8     . DG  B 1 9  ? -5.449  4.594   3.623   1.00 13.42 ? 9   DG  B C8     1 
ATOM   569 N  N7     . DG  B 1 9  ? -4.231  4.407   3.195   1.00 12.00 ? 9   DG  B N7     1 
ATOM   570 C  C5     . DG  B 1 9  ? -4.309  3.231   2.466   1.00 11.09 ? 9   DG  B C5     1 
ATOM   571 C  C6     . DG  B 1 9  ? -3.302  2.528   1.770   1.00 10.92 ? 9   DG  B C6     1 
ATOM   572 O  O6     . DG  B 1 9  ? -2.112  2.824   1.655   1.00 10.88 ? 9   DG  B O6     1 
ATOM   573 N  N1     . DG  B 1 9  ? -3.800  1.381   1.152   1.00 10.55 ? 9   DG  B N1     1 
ATOM   574 C  C2     . DG  B 1 9  ? -5.116  0.976   1.220   1.00 10.42 ? 9   DG  B C2     1 
ATOM   575 N  N2     . DG  B 1 9  ? -5.436  -0.145  0.552   1.00 11.68 ? 9   DG  B N2     1 
ATOM   576 N  N3     . DG  B 1 9  ? -6.057  1.626   1.882   1.00 12.09 ? 9   DG  B N3     1 
ATOM   577 C  C4     . DG  B 1 9  ? -5.588  2.737   2.474   1.00 11.72 ? 9   DG  B C4     1 
ATOM   578 H  "H5'"  . DG  B 1 9  ? -8.580  5.506   0.682   1.00 20.79 ? 9   DG  B "H5'"  1 
ATOM   579 H  "H5''" . DG  B 1 9  ? -9.419  6.598   1.456   1.00 20.79 ? 9   DG  B "H5''" 1 
ATOM   580 H  "H4'"  . DG  B 1 9  ? -10.243 4.559   2.124   1.00 19.82 ? 9   DG  B "H4'"  1 
ATOM   581 H  "H3'"  . DG  B 1 9  ? -9.338  6.168   3.966   1.00 21.28 ? 9   DG  B "H3'"  1 
ATOM   582 H  "H2'"  . DG  B 1 9  ? -7.560  5.176   4.757   1.00 19.65 ? 9   DG  B "H2'"  1 
ATOM   583 H  "H2''" . DG  B 1 9  ? -8.525  4.092   5.380   1.00 19.65 ? 9   DG  B "H2''" 1 
ATOM   584 H  "H1'"  . DG  B 1 9  ? -7.935  2.615   3.894   1.00 18.40 ? 9   DG  B "H1'"  1 
ATOM   585 H  H8     . DG  B 1 9  ? -5.697  5.316   4.154   1.00 16.11 ? 9   DG  B H8     1 
ATOM   586 H  H21    . DG  B 1 9  ? -6.247  -0.432  0.558   1.00 14.02 ? 9   DG  B H21    1 
ATOM   587 H  H22    . DG  B 1 9  ? -4.830  -0.575  0.118   1.00 14.02 ? 9   DG  B H22    1 
ATOM   588 P  P      . DA  B 1 10 ? -11.867 5.848   4.586   1.00 24.56 ? 10  DA  B P      1 
ATOM   589 O  OP1    . DA  B 1 10 ? -11.320 7.152   5.013   1.00 27.29 ? 10  DA  B OP1    1 
ATOM   590 O  OP2    . DA  B 1 10 ? -12.908 5.184   5.396   1.00 28.26 ? 10  DA  B OP2    1 
ATOM   591 O  "O5'"  . DA  B 1 10 ? -12.376 6.043   3.090   1.00 25.05 ? 10  DA  B "O5'"  1 
ATOM   592 C  "C5'"  . DA  B 1 10 ? -12.975 4.976   2.427   1.00 25.79 ? 10  DA  B "C5'"  1 
ATOM   593 C  "C4'"  . DA  B 1 10 ? -13.180 5.305   0.965   1.00 27.08 ? 10  DA  B "C4'"  1 
ATOM   594 O  "O4'"  . DA  B 1 10 ? -11.889 5.474   0.328   1.00 26.08 ? 10  DA  B "O4'"  1 
ATOM   595 C  "C3'"  . DA  B 1 10 ? -13.884 4.224   0.177   1.00 28.91 ? 10  DA  B "C3'"  1 
ATOM   596 O  "O3'"  . DA  B 1 10 ? -15.294 4.402   0.223   1.00 31.13 ? 10  DA  B "O3'"  1 
ATOM   597 C  "C2'"  . DA  B 1 10 ? -13.320 4.401   -1.224  1.00 26.79 ? 10  DA  B "C2'"  1 
ATOM   598 C  "C1'"  . DA  B 1 10 ? -11.903 4.898   -0.969  1.00 24.69 ? 10  DA  B "C1'"  1 
ATOM   599 N  N9     . DA  B 1 10 ? -10.887 3.852   -1.022  1.00 21.73 ? 10  DA  B N9     1 
ATOM   600 C  C8     . DA  B 1 10 ? -10.892 2.648   -0.374  1.00 20.93 ? 10  DA  B C8     1 
ATOM   601 N  N7     . DA  B 1 10 ? -9.826  1.920   -0.610  1.00 21.34 ? 10  DA  B N7     1 
ATOM   602 C  C5     . DA  B 1 10 ? -9.067  2.706   -1.456  1.00 20.15 ? 10  DA  B C5     1 
ATOM   603 C  C6     . DA  B 1 10 ? -7.815  2.509   -2.079  1.00 20.80 ? 10  DA  B C6     1 
ATOM   604 N  N6     . DA  B 1 10 ? -7.071  1.412   -1.927  1.00 22.61 ? 10  DA  B N6     1 
ATOM   605 N  N1     . DA  B 1 10 ? -7.351  3.495   -2.858  1.00 19.32 ? 10  DA  B N1     1 
ATOM   606 C  C2     . DA  B 1 10 ? -8.093  4.591   -3.021  1.00 19.34 ? 10  DA  B C2     1 
ATOM   607 N  N3     . DA  B 1 10 ? -9.275  4.892   -2.494  1.00 18.59 ? 10  DA  B N3     1 
ATOM   608 C  C4     . DA  B 1 10 ? -9.710  3.897   -1.718  1.00 19.19 ? 10  DA  B C4     1 
ATOM   609 H  "H5'"  . DA  B 1 10 ? -13.833 4.785   2.836   1.00 30.95 ? 10  DA  B "H5'"  1 
ATOM   610 H  "H5''" . DA  B 1 10 ? -12.407 4.193   2.503   1.00 30.95 ? 10  DA  B "H5''" 1 
ATOM   611 H  "H4'"  . DA  B 1 10 ? -13.678 6.134   0.887   1.00 32.51 ? 10  DA  B "H4'"  1 
ATOM   612 H  "H3'"  . DA  B 1 10 ? -13.648 3.349   0.521   1.00 34.69 ? 10  DA  B "H3'"  1 
ATOM   613 H  "HO3'" . DA  B 1 10 ? -15.785 3.789   0.520   1.00 37.36 ? 10  DA  B "HO3'" 1 
ATOM   614 H  "H2'"  . DA  B 1 10 ? -13.314 3.559   -1.706  1.00 32.15 ? 10  DA  B "H2'"  1 
ATOM   615 H  "H2''" . DA  B 1 10 ? -13.834 5.050   -1.728  1.00 32.15 ? 10  DA  B "H2''" 1 
ATOM   616 H  "H1'"  . DA  B 1 10 ? -11.692 5.583   -1.621  1.00 29.63 ? 10  DA  B "H1'"  1 
ATOM   617 H  H8     . DA  B 1 10 ? -11.585 2.372   0.181   1.00 25.12 ? 10  DA  B H8     1 
ATOM   618 H  H61    . DA  B 1 10 ? -6.311  1.350   -2.324  1.00 27.14 ? 10  DA  B H61    1 
ATOM   619 H  H62    . DA  B 1 10 ? -7.351  0.767   -1.430  1.00 27.14 ? 10  DA  B H62    1 
ATOM   620 H  H2     . DA  B 1 10 ? -7.733  5.236   -3.585  1.00 23.21 ? 10  DA  B H2     1 
HETATM 621 AG AG     . AG  C 2 .  ? 0.474   -1.134  4.469   1.00 10.71 ? 101 AG  A AG     1 
HETATM 622 AG AG     . AG  D 2 .  ? 0.082   -1.295  1.586   1.00 9.94  ? 102 AG  A AG     1 
HETATM 623 AG AG     . AG  E 2 .  ? -0.462  -1.241  -1.336  1.00 10.13 ? 103 AG  A AG     1 
HETATM 624 AG AG     . AG  F 2 .  ? -0.829  -1.629  -4.429  1.00 9.90  ? 104 AG  A AG     1 
HETATM 625 AG AG     . AG  G 2 .  ? 2.028   0.445   2.870   1.00 10.52 ? 105 AG  A AG     1 
HETATM 626 AG AG     . AG  H 2 .  ? 1.762   0.016   -0.247  1.00 10.10 ? 106 AG  A AG     1 
HETATM 627 AG AG     . AG  I 2 .  ? 1.105   0.010   -3.413  1.00 10.34 ? 107 AG  A AG     1 
HETATM 628 AG AG     . AG  J 2 .  ? 0.443   0.175   -6.128  1.00 11.07 ? 108 AG  A AG     1 
HETATM 629 AG AG     . AG  K 2 .  ? -3.499  -1.420  -1.703  0.35 12.22 ? 109 AG  A AG     1 
HETATM 630 AG AG     . AG  L 2 .  ? -1.836  -0.224  3.190   1.00 10.13 ? 110 AG  A AG     1 
HETATM 631 AG AG     . AG  M 2 .  ? -2.190  0.187   0.122   1.00 10.21 ? 111 AG  A AG     1 
HETATM 632 AG AG     . AG  N 2 .  ? -2.298  0.310   -5.806  1.00 10.66 ? 112 AG  A AG     1 
HETATM 633 AG AG     . AG  O 2 .  ? -0.093  1.590   4.228   1.00 10.94 ? 101 AG  B AG     1 
HETATM 634 AG AG     . AG  P 2 .  ? -0.136  1.458   1.459   1.00 9.96  ? 102 AG  B AG     1 
HETATM 635 AG AG     . AG  Q 2 .  ? -0.210  1.503   -1.381  1.00 9.88  ? 103 AG  B AG     1 
HETATM 636 AG AG     . AG  R 2 .  ? -0.584  2.054   -4.386  1.00 10.13 ? 104 AG  B AG     1 
HETATM 637 AG AG     . AG  S 2 .  ? -2.226  0.352   -3.028  1.00 10.12 ? 105 AG  B AG     1 
HETATM 638 AG AG     . AG  T 2 .  ? 2.612   1.711   -2.254  0.35 12.32 ? 106 AG  B AG     1 
HETATM 639 O  O      . HOH U 3 .  ? 2.631   -7.243  4.499   1.00 22.64 ? 201 HOH A O      1 
HETATM 640 O  O      . HOH U 3 .  ? 1.627   3.126   13.099  1.00 24.23 ? 202 HOH A O      1 
HETATM 641 O  O      . HOH U 3 .  ? -1.489  -8.852  6.491   1.00 25.66 ? 203 HOH A O      1 
HETATM 642 O  O      . HOH U 3 .  ? 1.810   -12.505 -2.097  1.00 23.84 ? 204 HOH A O      1 
HETATM 643 O  O      . HOH U 3 .  ? 0.343   -8.952  -1.501  1.00 20.26 ? 205 HOH A O      1 
HETATM 644 O  O      . HOH U 3 .  ? 3.223   -6.870  1.801   1.00 22.61 ? 206 HOH A O      1 
HETATM 645 O  O      . HOH U 3 .  ? 4.445   -11.271 -7.086  1.00 20.82 ? 207 HOH A O      1 
HETATM 646 O  O      . HOH U 3 .  ? -1.638  -8.060  12.661  1.00 21.02 ? 208 HOH A O      1 
HETATM 647 O  O      . HOH U 3 .  ? -2.502  -5.936  -4.714  1.00 13.45 ? 209 HOH A O      1 
HETATM 648 O  O      . HOH U 3 .  ? 18.596  -3.760  -6.241  1.00 21.32 ? 210 HOH A O      1 
HETATM 649 O  O      . HOH U 3 .  ? -5.932  -7.168  11.692  1.00 17.92 ? 211 HOH A O      1 
HETATM 650 O  O      . HOH U 3 .  ? 6.574   -0.824  -6.718  1.00 30.36 ? 212 HOH A O      1 
HETATM 651 O  O      . HOH U 3 .  ? -3.419  -6.788  -2.186  1.00 14.31 ? 213 HOH A O      1 
HETATM 652 O  O      . HOH U 3 .  ? 10.087  -0.481  2.385   1.00 28.58 ? 214 HOH A O      1 
HETATM 653 O  O      . HOH U 3 .  ? 8.065   1.846   1.880   1.00 30.32 ? 215 HOH A O      1 
HETATM 654 O  O      . HOH U 3 .  ? 0.931   -7.737  0.984   1.00 18.51 ? 216 HOH A O      1 
HETATM 655 O  O      . HOH U 3 .  ? -10.652 -5.659  -0.918  1.00 30.20 ? 217 HOH A O      1 
HETATM 656 O  O      . HOH U 3 .  ? 0.930   1.897   15.280  1.00 27.27 ? 218 HOH A O      1 
HETATM 657 O  O      . HOH U 3 .  ? -2.176  -9.227  -1.960  1.00 26.68 ? 219 HOH A O      1 
HETATM 658 O  O      . HOH V 3 .  ? -2.487  7.275   5.613   1.00 20.77 ? 201 HOH B O      1 
HETATM 659 O  O      . HOH V 3 .  ? -8.475  0.545   1.486   1.00 29.80 ? 202 HOH B O      1 
HETATM 660 O  O      . HOH V 3 .  ? -10.066 7.465   -2.723  1.00 25.06 ? 203 HOH B O      1 
HETATM 661 O  O      . HOH V 3 .  ? 4.432   7.520   -8.114  1.00 29.85 ? 204 HOH B O      1 
HETATM 662 O  O      . HOH V 3 .  ? -5.159  6.295   -10.807 1.00 27.62 ? 205 HOH B O      1 
HETATM 663 O  O      . HOH V 3 .  ? -2.972  6.780   2.309   1.00 22.89 ? 206 HOH B O      1 
HETATM 664 O  O      . HOH V 3 .  ? 2.604   6.968   -2.425  1.00 16.28 ? 207 HOH B O      1 
HETATM 665 O  O      . HOH V 3 .  ? -8.376  1.662   -5.737  1.00 13.39 ? 208 HOH B O      1 
HETATM 666 O  O      . HOH V 3 .  ? -3.727  0.182   9.638   1.00 16.42 ? 209 HOH B O      1 
HETATM 667 O  O      . HOH V 3 .  ? -5.394  7.643   4.965   1.00 28.19 ? 210 HOH B O      1 
HETATM 668 O  O      . HOH V 3 .  ? 1.249   6.427   -4.738  1.00 14.27 ? 211 HOH B O      1 
HETATM 669 O  O      . HOH V 3 .  ? -0.861  7.860   1.891   1.00 23.26 ? 212 HOH B O      1 
HETATM 670 O  O      . HOH V 3 .  ? -2.302  9.153   11.941  1.00 28.97 ? 213 HOH B O      1 
HETATM 671 O  O      . HOH V 3 .  ? 8.800   10.076  -0.064  1.00 32.39 ? 214 HOH B O      1 
# 
loop_
_atom_site_anisotrop.id 
_atom_site_anisotrop.type_symbol 
_atom_site_anisotrop.pdbx_label_atom_id 
_atom_site_anisotrop.pdbx_label_alt_id 
_atom_site_anisotrop.pdbx_label_comp_id 
_atom_site_anisotrop.pdbx_label_asym_id 
_atom_site_anisotrop.pdbx_label_seq_id 
_atom_site_anisotrop.pdbx_PDB_ins_code 
_atom_site_anisotrop.U[1][1] 
_atom_site_anisotrop.U[2][2] 
_atom_site_anisotrop.U[3][3] 
_atom_site_anisotrop.U[1][2] 
_atom_site_anisotrop.U[1][3] 
_atom_site_anisotrop.U[2][3] 
_atom_site_anisotrop.pdbx_auth_seq_id 
_atom_site_anisotrop.pdbx_auth_comp_id 
_atom_site_anisotrop.pdbx_auth_asym_id 
_atom_site_anisotrop.pdbx_auth_atom_id 
1   O  "O5'" . DC  A 1  ? 0.2354 0.3503 0.2765 0.0179  -0.0041 0.0446  1   DC  A "O5'" 
2   C  "C5'" . DC  A 1  ? 0.2049 0.3136 0.2454 0.0146  -0.0240 0.0438  1   DC  A "C5'" 
3   C  "C4'" . DC  A 1  ? 0.1839 0.2703 0.2044 0.0049  -0.0189 0.0383  1   DC  A "C4'" 
4   O  "O4'" . DC  A 1  ? 0.1880 0.2506 0.1640 -0.0192 -0.0305 0.0364  1   DC  A "O4'" 
5   C  "C3'" . DC  A 1  ? 0.1849 0.2444 0.1965 0.0130  0.0034  0.0496  1   DC  A "C3'" 
6   O  "O3'" . DC  A 1  ? 0.1932 0.2522 0.2035 0.0146  0.0308  0.0714  1   DC  A "O3'" 
7   C  "C2'" . DC  A 1  ? 0.1815 0.2375 0.1776 0.0012  -0.0090 0.0292  1   DC  A "C2'" 
8   C  "C1'" . DC  A 1  ? 0.1695 0.2276 0.1615 -0.0028 -0.0330 0.0315  1   DC  A "C1'" 
9   N  N1    . DC  A 1  ? 0.1220 0.1905 0.1567 -0.0113 -0.0223 0.0126  1   DC  A N1    
10  C  C2    . DC  A 1  ? 0.1181 0.1710 0.1351 -0.0074 -0.0054 -0.0091 1   DC  A C2    
11  O  O2    . DC  A 1  ? 0.1379 0.1767 0.1440 -0.0063 -0.0020 0.0082  1   DC  A O2    
12  N  N3    . DC  A 1  ? 0.1114 0.1703 0.1189 -0.0082 -0.0036 -0.0146 1   DC  A N3    
13  C  C4    . DC  A 1  ? 0.1290 0.1930 0.1379 -0.0160 -0.0084 0.0021  1   DC  A C4    
14  N  N4    . DC  A 1  ? 0.1635 0.2002 0.1847 -0.0148 -0.0089 0.0124  1   DC  A N4    
15  C  C5    . DC  A 1  ? 0.1358 0.2062 0.1549 -0.0380 -0.0078 0.0187  1   DC  A C5    
16  C  C6    . DC  A 1  ? 0.1344 0.2086 0.1581 -0.0186 -0.0174 0.0224  1   DC  A C6    
29  P  P     . DA  A 2  ? 0.2335 0.2792 0.2427 0.0266  0.0099  0.0670  2   DA  A P     
30  O  OP1   . DA  A 2  ? 0.2510 0.3192 0.2812 0.0503  -0.0150 0.0762  2   DA  A OP1   
31  O  OP2   . DA  A 2  ? 0.2604 0.3199 0.2681 0.0178  0.0283  0.0299  2   DA  A OP2   
32  O  "O5'" . DA  A 2  ? 0.2167 0.2492 0.2301 0.0115  -0.0063 0.0494  2   DA  A "O5'" 
33  C  "C5'" . DA  A 2  ? 0.1794 0.2219 0.1845 0.0038  -0.0128 0.0192  2   DA  A "C5'" 
34  C  "C4'" . DA  A 2  ? 0.1955 0.2172 0.1770 0.0005  -0.0051 0.0067  2   DA  A "C4'" 
35  O  "O4'" . DA  A 2  ? 0.1897 0.2141 0.1671 0.0260  -0.0267 0.0106  2   DA  A "O4'" 
36  C  "C3'" . DA  A 2  ? 0.1739 0.2025 0.1348 0.0065  0.0003  0.0038  2   DA  A "C3'" 
37  O  "O3'" . DA  A 2  ? 0.1783 0.1854 0.1406 -0.0161 0.0162  0.0024  2   DA  A "O3'" 
38  C  "C2'" . DA  A 2  ? 0.1798 0.2003 0.1406 0.0096  0.0024  0.0135  2   DA  A "C2'" 
39  C  "C1'" . DA  A 2  ? 0.1851 0.1974 0.1507 0.0027  0.0060  0.0085  2   DA  A "C1'" 
40  N  N9    . DA  A 2  ? 0.1581 0.2055 0.1655 -0.0065 0.0139  0.0162  2   DA  A N9    
41  C  C8    . DA  A 2  ? 0.1958 0.2160 0.1882 -0.0265 0.0180  0.0096  2   DA  A C8    
42  N  N7    . DA  A 2  ? 0.2070 0.2180 0.2114 -0.0118 0.0100  0.0084  2   DA  A N7    
43  C  C5    . DA  A 2  ? 0.1824 0.2152 0.1835 0.0004  0.0058  0.0249  2   DA  A C5    
44  C  C6    . DA  A 2  ? 0.1880 0.2135 0.2212 -0.0161 -0.0075 0.0228  2   DA  A C6    
45  N  N6    . DA  A 2  ? 0.1907 0.2165 0.2586 -0.0268 -0.0194 0.0062  2   DA  A N6    
46  N  N1    . DA  A 2  ? 0.1620 0.2040 0.1935 -0.0001 -0.0057 0.0172  2   DA  A N1    
47  C  C2    . DA  A 2  ? 0.1887 0.1986 0.2020 0.0157  -0.0021 0.0204  2   DA  A C2    
48  N  N3    . DA  A 2  ? 0.1608 0.1976 0.1808 0.0166  0.0070  0.0147  2   DA  A N3    
49  C  C4    . DA  A 2  ? 0.1809 0.2131 0.1540 0.0034  0.0104  0.0266  2   DA  A C4    
61  P  P     . DC  A 3  ? 0.1998 0.1670 0.1503 0.0185  0.0005  -0.0019 3   DC  A P     
62  O  OP1   . DC  A 3  ? 0.2096 0.1640 0.1597 0.0001  -0.0098 0.0174  3   DC  A OP1   
63  O  OP2   . DC  A 3  ? 0.2293 0.1759 0.1742 0.0391  -0.0101 -0.0131 3   DC  A OP2   
64  O  "O5'" . DC  A 3  ? 0.1864 0.1830 0.1519 0.0037  0.0048  0.0028  3   DC  A "O5'" 
65  C  "C5'" . DC  A 3  ? 0.2033 0.1987 0.1583 -0.0113 0.0200  0.0054  3   DC  A "C5'" 
66  C  "C4'" . DC  A 3  ? 0.1883 0.1874 0.1575 -0.0337 0.0162  0.0119  3   DC  A "C4'" 
67  O  "O4'" . DC  A 3  ? 0.1829 0.1886 0.1448 -0.0470 0.0144  0.0021  3   DC  A "O4'" 
68  C  "C3'" . DC  A 3  ? 0.1937 0.1970 0.1688 -0.0723 0.0042  0.0125  3   DC  A "C3'" 
69  O  "O3'" . DC  A 3  ? 0.2278 0.2528 0.1808 -0.0789 0.0035  0.0045  3   DC  A "O3'" 
70  C  "C2'" . DC  A 3  ? 0.1812 0.2106 0.1912 -0.0593 -0.0082 0.0005  3   DC  A "C2'" 
71  C  "C1'" . DC  A 3  ? 0.1693 0.1862 0.1648 -0.0413 -0.0035 0.0194  3   DC  A "C1'" 
72  N  N1    . DC  A 3  ? 0.1637 0.1696 0.1291 -0.0126 0.0008  0.0162  3   DC  A N1    
73  C  C2    . DC  A 3  ? 0.1815 0.1703 0.1302 -0.0016 0.0031  0.0158  3   DC  A C2    
74  O  O2    . DC  A 3  ? 0.1257 0.1976 0.1482 0.0100  -0.0029 0.0439  3   DC  A O2    
75  N  N3    . DC  A 3  ? 0.1461 0.1491 0.1204 -0.0262 0.0014  0.0060  3   DC  A N3    
76  C  C4    . DC  A 3  ? 0.1725 0.1474 0.1190 -0.0043 0.0104  0.0025  3   DC  A C4    
77  N  N4    . DC  A 3  ? 0.1733 0.1417 0.1446 0.0073  0.0075  0.0022  3   DC  A N4    
78  C  C5    . DC  A 3  ? 0.1903 0.1395 0.1315 0.0016  0.0084  0.0061  3   DC  A C5    
79  C  C6    . DC  A 3  ? 0.1795 0.1564 0.1395 -0.0234 0.0028  0.0180  3   DC  A C6    
91  P  P     . DC  A 4  ? 0.2577 0.2580 0.2169 -0.1019 -0.0374 0.0401  4   DC  A P     
92  O  OP1   . DC  A 4  ? 0.2647 0.3132 0.2490 -0.1310 0.0039  0.0264  4   DC  A OP1   
93  O  OP2   . DC  A 4  ? 0.3195 0.2678 0.2485 -0.0840 -0.0502 -0.0115 4   DC  A OP2   
94  O  "O5'" . DC  A 4  ? 0.2256 0.2175 0.1955 -0.0837 -0.0230 0.0287  4   DC  A "O5'" 
95  C  "C5'" . DC  A 4  ? 0.1805 0.2187 0.2029 -0.0617 -0.0313 0.0117  4   DC  A "C5'" 
96  C  "C4'" . DC  A 4  ? 0.1532 0.1892 0.1781 -0.0473 -0.0094 0.0027  4   DC  A "C4'" 
97  O  "O4'" . DC  A 4  ? 0.1472 0.1803 0.1558 -0.0411 0.0157  -0.0018 4   DC  A "O4'" 
98  C  "C3'" . DC  A 4  ? 0.1411 0.1756 0.1806 -0.0455 -0.0342 -0.0011 4   DC  A "C3'" 
99  O  "O3'" . DC  A 4  ? 0.1726 0.1749 0.1473 -0.0397 -0.0114 0.0120  4   DC  A "O3'" 
100 C  "C2'" . DC  A 4  ? 0.1419 0.1629 0.1405 -0.0310 -0.0059 0.0142  4   DC  A "C2'" 
101 C  "C1'" . DC  A 4  ? 0.1290 0.1508 0.1612 -0.0206 -0.0101 -0.0085 4   DC  A "C1'" 
102 N  N1    . DC  A 4  ? 0.1364 0.1335 0.1274 -0.0215 -0.0038 -0.0027 4   DC  A N1    
103 C  C2    . DC  A 4  ? 0.1377 0.1248 0.1105 -0.0236 -0.0070 0.0163  4   DC  A C2    
104 O  O2    . DC  A 4  ? 0.1361 0.1265 0.1117 -0.0027 0.0115  0.0019  4   DC  A O2    
105 N  N3    . DC  A 4  ? 0.1428 0.1258 0.1168 -0.0096 -0.0048 0.0027  4   DC  A N3    
106 C  C4    . DC  A 4  ? 0.1548 0.1319 0.1197 -0.0193 -0.0187 -0.0039 4   DC  A C4    
107 N  N4    . DC  A 4  ? 0.1633 0.1399 0.1332 -0.0008 -0.0245 0.0070  4   DC  A N4    
108 C  C5    . DC  A 4  ? 0.1589 0.1189 0.1488 -0.0368 -0.0074 -0.0081 4   DC  A C5    
109 C  C6    . DC  A 4  ? 0.1445 0.1420 0.1486 -0.0331 0.0137  0.0021  4   DC  A C6    
121 O  "O5'" . 3DR A 5  ? 0.1871 0.1745 0.1730 -0.0271 -0.0274 0.0005  5   3DR A "O5'" 
122 P  P     . 3DR A 5  ? 0.1931 0.1675 0.1685 -0.0317 -0.0249 0.0016  5   3DR A P     
123 O  OP1   . 3DR A 5  ? 0.1919 0.2001 0.2124 -0.0630 -0.0490 0.0088  5   3DR A OP1   
124 O  OP2   . 3DR A 5  ? 0.1970 0.1886 0.2109 -0.0228 -0.0195 0.0018  5   3DR A OP2   
125 C  "C2'" . 3DR A 5  ? 0.1734 0.2021 0.2207 0.0010  -0.0098 0.0112  5   3DR A "C2'" 
126 C  "C5'" . 3DR A 5  ? 0.1721 0.2022 0.2068 -0.0147 -0.0309 0.0328  5   3DR A "C5'" 
127 C  "C4'" . 3DR A 5  ? 0.1534 0.2127 0.2033 -0.0123 -0.0156 0.0198  5   3DR A "C4'" 
128 O  "O4'" . 3DR A 5  ? 0.1403 0.2189 0.2286 -0.0157 -0.0268 0.0292  5   3DR A "O4'" 
129 C  "C1'" . 3DR A 5  ? 0.1599 0.2037 0.2426 -0.0028 -0.0166 0.0195  5   3DR A "C1'" 
130 C  "C3'" . 3DR A 5  ? 0.1471 0.1858 0.1750 -0.0016 -0.0064 0.0030  5   3DR A "C3'" 
131 O  "O3'" . 3DR A 5  ? 0.1388 0.1602 0.1607 -0.0134 -0.0064 -0.0182 5   3DR A "O3'" 
140 P  P     . DA  A 6  ? 0.1361 0.1290 0.1425 -0.0043 -0.0052 -0.0130 6   DA  A P     
141 O  OP1   . DA  A 6  ? 0.1364 0.1176 0.1445 0.0079  -0.0048 -0.0108 6   DA  A OP1   
142 O  OP2   . DA  A 6  ? 0.1512 0.1295 0.1565 -0.0052 -0.0374 -0.0132 6   DA  A OP2   
143 O  "O5'" . DA  A 6  ? 0.1474 0.1568 0.1400 0.0062  -0.0217 -0.0171 6   DA  A "O5'" 
144 C  "C5'" A DA  A 6  ? 0.1574 0.1652 0.1433 0.0192  -0.0200 -0.0163 6   DA  A "C5'" 
145 C  "C5'" B DA  A 6  ? 0.1557 0.1666 0.1470 0.0141  -0.0183 -0.0140 6   DA  A "C5'" 
146 C  "C4'" A DA  A 6  ? 0.1632 0.1558 0.1586 0.0129  -0.0093 -0.0110 6   DA  A "C4'" 
147 C  "C4'" B DA  A 6  ? 0.1645 0.1665 0.1646 0.0131  -0.0085 -0.0086 6   DA  A "C4'" 
148 O  "O4'" A DA  A 6  ? 0.1726 0.1568 0.1623 0.0086  -0.0160 -0.0080 6   DA  A "O4'" 
149 O  "O4'" B DA  A 6  ? 0.1691 0.1631 0.1665 0.0093  -0.0141 -0.0106 6   DA  A "O4'" 
150 C  "C3'" A DA  A 6  ? 0.1554 0.1490 0.1730 0.0137  -0.0103 -0.0315 6   DA  A "C3'" 
151 C  "C3'" B DA  A 6  ? 0.1762 0.1714 0.1760 0.0109  -0.0118 -0.0128 6   DA  A "C3'" 
152 O  "O3'" A DA  A 6  ? 0.1589 0.1566 0.1685 0.0053  -0.0231 -0.0335 6   DA  A "O3'" 
153 O  "O3'" B DA  A 6  ? 0.2220 0.1748 0.1619 0.0196  -0.0131 -0.0267 6   DA  A "O3'" 
154 C  "C2'" A DA  A 6  ? 0.1853 0.1653 0.2334 0.0195  -0.0085 -0.0108 6   DA  A "C2'" 
155 C  "C2'" B DA  A 6  ? 0.1849 0.1771 0.2164 0.0145  -0.0067 -0.0013 6   DA  A "C2'" 
156 C  "C1'" A DA  A 6  ? 0.1940 0.1622 0.1748 0.0213  0.0048  -0.0233 6   DA  A "C1'" 
157 C  "C1'" B DA  A 6  ? 0.1878 0.1689 0.1745 0.0189  0.0034  -0.0190 6   DA  A "C1'" 
158 N  N9    . DA  A 6  ? 0.1851 0.1753 0.1491 0.0167  0.0081  -0.0293 6   DA  A N9    
159 C  C8    . DA  A 6  ? 0.1942 0.1886 0.1161 0.0082  0.0131  -0.0090 6   DA  A C8    
160 N  N7    . DA  A 6  ? 0.1554 0.1686 0.1476 0.0064  -0.0089 -0.0206 6   DA  A N7    
161 C  C5    . DA  A 6  ? 0.1470 0.1718 0.1661 -0.0014 0.0036  -0.0376 6   DA  A C5    
162 C  C6    . DA  A 6  ? 0.1712 0.2015 0.1727 -0.0022 0.0322  -0.0398 6   DA  A C6    
163 N  N6    . DA  A 6  ? 0.2077 0.2163 0.1976 -0.0178 0.0189  -0.0366 6   DA  A N6    
164 N  N1    . DA  A 6  ? 0.1802 0.2210 0.2063 -0.0136 0.0328  -0.0555 6   DA  A N1    
165 C  C2    . DA  A 6  ? 0.1954 0.2183 0.2367 -0.0018 0.0132  -0.0636 6   DA  A C2    
166 N  N3    . DA  A 6  ? 0.2110 0.2005 0.2106 0.0092  0.0329  -0.0805 6   DA  A N3    
167 C  C4    . DA  A 6  ? 0.1856 0.1903 0.1789 0.0116  0.0203  -0.0406 6   DA  A C4    
186 P  P     A DG  A 7  ? 0.1460 0.1588 0.1854 0.0036  -0.0171 -0.0339 7   DG  A P     
187 P  P     B DG  A 7  ? 0.2248 0.1809 0.1669 0.0132  -0.0327 -0.0090 7   DG  A P     
188 O  OP1   A DG  A 7  ? 0.1883 0.1850 0.1849 -0.0233 -0.0050 -0.0406 7   DG  A OP1   
189 O  OP1   B DG  A 7  ? 0.2423 0.1977 0.1437 0.0197  0.0028  -0.0308 7   DG  A OP1   
190 O  OP2   A DG  A 7  ? 0.1300 0.1566 0.2083 -0.0117 -0.0079 -0.0383 7   DG  A OP2   
191 O  OP2   B DG  A 7  ? 0.1987 0.2019 0.1837 -0.0033 -0.0215 0.0053  7   DG  A OP2   
192 O  "O5'" A DG  A 7  ? 0.1361 0.1566 0.1808 0.0070  -0.0087 -0.0320 7   DG  A "O5'" 
193 O  "O5'" B DG  A 7  ? 0.2110 0.1811 0.1597 0.0058  -0.0149 -0.0065 7   DG  A "O5'" 
194 C  "C5'" A DG  A 7  ? 0.1595 0.1683 0.1827 0.0005  -0.0127 -0.0211 7   DG  A "C5'" 
195 C  "C5'" B DG  A 7  ? 0.1923 0.1788 0.1741 -0.0017 -0.0157 -0.0100 7   DG  A "C5'" 
196 C  "C4'" . DG  A 7  ? 0.1770 0.1609 0.1629 0.0083  -0.0157 -0.0204 7   DG  A "C4'" 
197 O  "O4'" . DG  A 7  ? 0.1791 0.1567 0.1334 0.0107  -0.0134 -0.0303 7   DG  A "O4'" 
198 C  "C3'" . DG  A 7  ? 0.1819 0.1401 0.1492 0.0179  -0.0143 -0.0108 7   DG  A "C3'" 
199 O  "O3'" . DG  A 7  ? 0.1921 0.1321 0.1662 0.0274  -0.0247 -0.0205 7   DG  A "O3'" 
200 C  "C2'" . DG  A 7  ? 0.1692 0.1357 0.1500 0.0258  -0.0191 -0.0059 7   DG  A "C2'" 
201 C  "C1'" . DG  A 7  ? 0.1522 0.1431 0.1534 0.0378  -0.0033 -0.0183 7   DG  A "C1'" 
202 N  N9    . DG  A 7  ? 0.1346 0.1310 0.1313 0.0188  0.0033  -0.0368 7   DG  A N9    
203 C  C8    . DG  A 7  ? 0.1201 0.1192 0.1270 0.0091  0.0045  -0.0158 7   DG  A C8    
204 N  N7    . DG  A 7  ? 0.1162 0.1002 0.1388 0.0000  -0.0084 -0.0128 7   DG  A N7    
205 C  C5    . DG  A 7  ? 0.1194 0.1311 0.1549 0.0063  -0.0044 -0.0031 7   DG  A C5    
206 C  C6    . DG  A 7  ? 0.1148 0.1555 0.1857 0.0023  0.0094  0.0084  7   DG  A C6    
207 O  O6    . DG  A 7  ? 0.1264 0.1573 0.1818 -0.0150 0.0075  -0.0051 7   DG  A O6    
208 N  N1    . DG  A 7  ? 0.1431 0.1571 0.2231 0.0097  0.0424  0.0090  7   DG  A N1    
209 C  C2    . DG  A 7  ? 0.1412 0.1724 0.2432 0.0106  0.0400  0.0098  7   DG  A C2    
210 N  N2    . DG  A 7  ? 0.1649 0.2070 0.2987 0.0162  0.0522  -0.0084 7   DG  A N2    
211 N  N3    . DG  A 7  ? 0.1471 0.1621 0.1852 0.0187  0.0315  -0.0133 7   DG  A N3    
212 C  C4    . DG  A 7  ? 0.1309 0.1413 0.1626 0.0100  0.0114  -0.0241 7   DG  A C4    
227 P  P     . DC  A 8  ? 0.1894 0.1534 0.1835 0.0192  -0.0326 -0.0275 8   DC  A P     
228 O  OP1   . DC  A 8  ? 0.2155 0.1686 0.1858 0.0450  -0.0350 -0.0311 8   DC  A OP1   
229 O  OP2   . DC  A 8  ? 0.1715 0.1757 0.1968 0.0142  -0.0053 -0.0114 8   DC  A OP2   
230 O  "O5'" . DC  A 8  ? 0.1750 0.1706 0.1868 0.0156  -0.0233 -0.0393 8   DC  A "O5'" 
231 C  "C5'" . DC  A 8  ? 0.1665 0.1834 0.2033 0.0156  -0.0325 -0.0310 8   DC  A "C5'" 
232 C  "C4'" . DC  A 8  ? 0.1555 0.1799 0.1823 0.0216  -0.0216 -0.0311 8   DC  A "C4'" 
233 O  "O4'" . DC  A 8  ? 0.1345 0.1726 0.1754 0.0240  -0.0128 -0.0333 8   DC  A "O4'" 
234 C  "C3'" . DC  A 8  ? 0.1547 0.2015 0.2229 0.0283  -0.0486 -0.0108 8   DC  A "C3'" 
235 O  "O3'" . DC  A 8  ? 0.1904 0.2471 0.2934 0.0368  -0.0766 0.0085  8   DC  A "O3'" 
236 C  "C2'" . DC  A 8  ? 0.1767 0.1900 0.1997 0.0053  -0.0232 -0.0203 8   DC  A "C2'" 
237 C  "C1'" . DC  A 8  ? 0.1711 0.1590 0.1709 0.0139  -0.0100 -0.0308 8   DC  A "C1'" 
238 N  N1    . DC  A 8  ? 0.1587 0.1405 0.1417 0.0010  -0.0090 -0.0246 8   DC  A N1    
239 C  C2    . DC  A 8  ? 0.1629 0.1306 0.1618 -0.0102 -0.0105 -0.0250 8   DC  A C2    
240 O  O2    . DC  A 8  ? 0.1215 0.1654 0.1547 -0.0002 -0.0199 -0.0364 8   DC  A O2    
241 N  N3    . DC  A 8  ? 0.1716 0.1209 0.1472 -0.0077 0.0108  -0.0236 8   DC  A N3    
242 C  C4    . DC  A 8  ? 0.1806 0.1139 0.1206 0.0116  0.0240  -0.0122 8   DC  A C4    
243 N  N4    . DC  A 8  ? 0.1958 0.1138 0.1322 -0.0073 0.0244  -0.0057 8   DC  A N4    
244 C  C5    . DC  A 8  ? 0.1641 0.1437 0.1188 0.0021  0.0130  -0.0210 8   DC  A C5    
245 C  C6    . DC  A 8  ? 0.1653 0.1357 0.1416 -0.0087 -0.0092 -0.0310 8   DC  A C6    
257 P  P     . DG  A 9  ? 0.2167 0.2302 0.2867 0.0374  -0.0597 -0.0353 9   DG  A P     
258 O  OP1   . DG  A 9  ? 0.3266 0.2601 0.3301 0.0490  -0.0018 -0.0441 9   DG  A OP1   
259 O  OP2   . DG  A 9  ? 0.2173 0.2426 0.2806 0.0026  -0.0567 0.0083  9   DG  A OP2   
260 O  "O5'" . DG  A 9  ? 0.2305 0.2757 0.2917 -0.0219 -0.0508 -0.0361 9   DG  A "O5'" 
261 C  "C5'" . DG  A 9  ? 0.2345 0.2826 0.2802 0.0085  -0.0249 -0.0185 9   DG  A "C5'" 
262 C  "C4'" . DG  A 9  ? 0.2042 0.2823 0.2638 0.0248  -0.0250 -0.0116 9   DG  A "C4'" 
263 O  "O4'" . DG  A 9  ? 0.1946 0.2829 0.2296 0.0496  -0.0101 -0.0116 9   DG  A "O4'" 
264 C  "C3'" . DG  A 9  ? 0.1834 0.2793 0.2804 0.0308  -0.0497 -0.0012 9   DG  A "C3'" 
265 O  "O3'" . DG  A 9  ? 0.1625 0.2876 0.3104 0.0188  -0.0804 0.0167  9   DG  A "O3'" 
266 C  "C2'" . DG  A 9  ? 0.1785 0.2830 0.2545 0.0359  -0.0375 0.0164  9   DG  A "C2'" 
267 C  "C1'" . DG  A 9  ? 0.1564 0.2605 0.2069 0.0379  -0.0276 -0.0006 9   DG  A "C1'" 
268 N  N9    . DG  A 9  ? 0.1285 0.2027 0.1608 0.0286  -0.0072 -0.0012 9   DG  A N9    
269 C  C8    . DG  A 9  ? 0.1556 0.1877 0.1582 0.0275  -0.0235 0.0139  9   DG  A C8    
270 N  N7    . DG  A 9  ? 0.1408 0.1653 0.1606 0.0186  -0.0168 0.0140  9   DG  A N7    
271 C  C5    . DG  A 9  ? 0.1202 0.1649 0.1488 0.0278  -0.0141 -0.0039 9   DG  A C5    
272 C  C6    . DG  A 9  ? 0.1308 0.1508 0.1387 0.0288  -0.0121 -0.0153 9   DG  A C6    
273 O  O6    . DG  A 9  ? 0.1352 0.1414 0.1527 0.0198  -0.0026 -0.0088 9   DG  A O6    
274 N  N1    . DG  A 9  ? 0.1162 0.1596 0.1411 0.0194  -0.0130 -0.0073 9   DG  A N1    
275 C  C2    . DG  A 9  ? 0.1230 0.1792 0.1637 0.0275  -0.0043 0.0075  9   DG  A C2    
276 N  N2    . DG  A 9  ? 0.1238 0.1898 0.1728 -0.0014 -0.0008 0.0285  9   DG  A N2    
277 N  N3    . DG  A 9  ? 0.1233 0.1970 0.1611 0.0209  -0.0035 0.0085  9   DG  A N3    
278 C  C4    . DG  A 9  ? 0.1193 0.1757 0.1423 0.0459  -0.0091 0.0049  9   DG  A C4    
289 P  P     . DA  A 10 ? 0.1868 0.3201 0.2922 -0.0301 -0.0493 0.0088  10  DA  A P     
290 O  OP1   . DA  A 10 ? 0.2303 0.3284 0.3759 -0.0421 -0.0396 -0.0154 10  DA  A OP1   
291 O  OP2   . DA  A 10 ? 0.2553 0.3686 0.3002 -0.0295 -0.0194 -0.0014 10  DA  A OP2   
292 O  "O5'" . DA  A 10 ? 0.1926 0.2912 0.2683 -0.0313 -0.0358 -0.0051 10  DA  A "O5'" 
293 C  "C5'" . DA  A 10 ? 0.2269 0.2772 0.2585 -0.0037 -0.0300 -0.0358 10  DA  A "C5'" 
294 C  "C4'" . DA  A 10 ? 0.2359 0.2619 0.2612 0.0065  -0.0374 -0.0370 10  DA  A "C4'" 
295 O  "O4'" . DA  A 10 ? 0.2176 0.2712 0.2596 0.0045  -0.0398 -0.0122 10  DA  A "O4'" 
296 C  "C3'" . DA  A 10 ? 0.2260 0.2565 0.2961 0.0113  -0.0500 -0.0262 10  DA  A "C3'" 
297 O  "O3'" . DA  A 10 ? 0.2556 0.2648 0.3453 -0.0004 -0.0577 -0.0326 10  DA  A "O3'" 
298 C  "C2'" . DA  A 10 ? 0.2368 0.2684 0.2967 0.0119  -0.0443 -0.0146 10  DA  A "C2'" 
299 C  "C1'" . DA  A 10 ? 0.2151 0.2817 0.2776 0.0136  -0.0453 -0.0014 10  DA  A "C1'" 
300 N  N9    . DA  A 10 ? 0.2555 0.3044 0.2665 0.0248  -0.0028 0.0112  10  DA  A N9    
301 C  C8    . DA  A 10 ? 0.2810 0.3077 0.2749 0.0226  0.0029  0.0050  10  DA  A C8    
302 N  N7    . DA  A 10 ? 0.2913 0.3160 0.2818 0.0254  0.0060  0.0122  10  DA  A N7    
303 C  C5    . DA  A 10 ? 0.2903 0.3161 0.2799 0.0237  0.0053  0.0219  10  DA  A C5    
304 C  C6    . DA  A 10 ? 0.3352 0.3098 0.2897 0.0115  0.0119  0.0029  10  DA  A C6    
305 N  N6    . DA  A 10 ? 0.3663 0.3186 0.3036 0.0081  0.0237  -0.0120 10  DA  A N6    
306 N  N1    . DA  A 10 ? 0.3403 0.3174 0.2665 0.0213  0.0292  0.0178  10  DA  A N1    
307 C  C2    . DA  A 10 ? 0.3419 0.3250 0.2650 0.0354  0.0265  0.0282  10  DA  A C2    
308 N  N3    . DA  A 10 ? 0.3211 0.3318 0.2854 0.0465  0.0143  0.0358  10  DA  A N3    
309 C  C4    . DA  A 10 ? 0.2839 0.3150 0.2764 0.0317  0.0039  0.0295  10  DA  A C4    
322 O  "O5'" . DC  B 1  ? 0.3131 0.2854 0.3373 0.0063  0.0571  -0.0257 1   DC  B "O5'" 
323 C  "C5'" . DC  B 1  ? 0.2884 0.2356 0.2519 0.0029  0.0522  -0.0254 1   DC  B "C5'" 
324 C  "C4'" . DC  B 1  ? 0.2729 0.1980 0.2004 0.0121  0.0402  -0.0331 1   DC  B "C4'" 
325 O  "O4'" . DC  B 1  ? 0.2528 0.1810 0.1321 0.0182  0.0245  -0.0120 1   DC  B "O4'" 
326 C  "C3'" . DC  B 1  ? 0.2506 0.1904 0.1654 0.0155  0.0283  -0.0224 1   DC  B "C3'" 
327 O  "O3'" . DC  B 1  ? 0.2894 0.1955 0.1693 0.0153  -0.0026 -0.0411 1   DC  B "O3'" 
328 C  "C2'" . DC  B 1  ? 0.2153 0.1627 0.1371 0.0185  0.0254  -0.0170 1   DC  B "C2'" 
329 C  "C1'" . DC  B 1  ? 0.2145 0.1582 0.1277 -0.0015 0.0351  0.0023  1   DC  B "C1'" 
330 N  N1    . DC  B 1  ? 0.1730 0.1387 0.1236 -0.0019 0.0240  0.0008  1   DC  B N1    
331 C  C2    . DC  B 1  ? 0.1675 0.1376 0.1227 -0.0001 -0.0012 0.0087  1   DC  B C2    
332 O  O2    . DC  B 1  ? 0.1769 0.1441 0.1278 0.0081  -0.0037 -0.0202 1   DC  B O2    
333 N  N3    . DC  B 1  ? 0.1510 0.1425 0.1146 0.0012  -0.0033 -0.0055 1   DC  B N3    
334 C  C4    . DC  B 1  ? 0.1732 0.1319 0.1154 -0.0160 0.0127  0.0189  1   DC  B C4    
335 N  N4    . DC  B 1  ? 0.1720 0.1428 0.1364 -0.0223 0.0032  0.0089  1   DC  B N4    
336 C  C5    . DC  B 1  ? 0.1748 0.1473 0.1121 -0.0167 0.0213  0.0015  1   DC  B C5    
337 C  C6    . DC  B 1  ? 0.1736 0.1483 0.1222 -0.0017 0.0489  0.0016  1   DC  B C6    
350 P  P     . DA  B 2  ? 0.3234 0.2229 0.2151 0.0365  -0.0284 -0.0132 2   DA  B P     
351 O  OP1   . DA  B 2  ? 0.3497 0.2618 0.2257 0.0403  -0.0096 -0.0304 2   DA  B OP1   
352 O  OP2   . DA  B 2  ? 0.3251 0.2644 0.2379 0.0063  -0.0359 0.0257  2   DA  B OP2   
353 O  "O5'" . DA  B 2  ? 0.3210 0.2231 0.1986 0.0290  0.0004  -0.0086 2   DA  B "O5'" 
354 C  "C5'" . DA  B 2  ? 0.2748 0.2088 0.2272 0.0123  -0.0107 -0.0142 2   DA  B "C5'" 
355 C  "C4'" . DA  B 2  ? 0.2575 0.2102 0.2269 0.0060  -0.0202 -0.0238 2   DA  B "C4'" 
356 O  "O4'" . DA  B 2  ? 0.2597 0.1972 0.1765 0.0163  -0.0008 -0.0481 2   DA  B "O4'" 
357 C  "C3'" . DA  B 2  ? 0.2448 0.2242 0.2187 -0.0313 -0.0173 -0.0202 2   DA  B "C3'" 
358 O  "O3'" . DA  B 2  ? 0.2933 0.2620 0.2050 -0.0650 -0.0100 -0.0565 2   DA  B "O3'" 
359 C  "C2'" . DA  B 2  ? 0.2461 0.2089 0.1907 -0.0237 -0.0056 -0.0206 2   DA  B "C2'" 
360 C  "C1'" . DA  B 2  ? 0.2461 0.2001 0.1627 0.0014  0.0133  -0.0335 2   DA  B "C1'" 
361 N  N9    . DA  B 2  ? 0.2040 0.1790 0.1216 0.0027  0.0052  -0.0154 2   DA  B N9    
362 C  C8    . DA  B 2  ? 0.2095 0.1852 0.1313 0.0126  0.0113  -0.0134 2   DA  B C8    
363 N  N7    . DA  B 2  ? 0.1990 0.2016 0.1262 0.0148  0.0172  0.0178  2   DA  B N7    
364 C  C5    . DA  B 2  ? 0.1823 0.1867 0.1192 0.0163  0.0123  0.0261  2   DA  B C5    
365 C  C6    . DA  B 2  ? 0.1490 0.1771 0.1273 -0.0018 0.0099  0.0309  2   DA  B C6    
366 N  N6    . DA  B 2  ? 0.1616 0.1807 0.1323 0.0228  0.0183  0.0305  2   DA  B N6    
367 N  N1    . DA  B 2  ? 0.1330 0.1791 0.1168 -0.0058 0.0015  -0.0012 2   DA  B N1    
368 C  C2    . DA  B 2  ? 0.1621 0.1855 0.1232 -0.0130 -0.0035 -0.0258 2   DA  B C2    
369 N  N3    . DA  B 2  ? 0.1730 0.1910 0.1137 -0.0163 0.0020  -0.0069 2   DA  B N3    
370 C  C4    . DA  B 2  ? 0.1693 0.1854 0.1145 0.0142  -0.0002 0.0044  2   DA  B C4    
382 P  P     . DC  B 3  ? 0.3349 0.2895 0.2490 -0.0875 0.0087  -0.0690 3   DC  B P     
383 O  OP1   . DC  B 3  ? 0.3465 0.3101 0.2627 -0.1116 -0.0096 -0.0880 3   DC  B OP1   
384 O  OP2   . DC  B 3  ? 0.3385 0.2933 0.2648 -0.0527 0.0409  -0.0671 3   DC  B OP2   
385 O  "O5'" . DC  B 3  ? 0.3066 0.2642 0.2077 -0.0823 0.0237  -0.0692 3   DC  B "O5'" 
386 C  "C5'" . DC  B 3  ? 0.2722 0.2680 0.2305 -0.0903 -0.0092 -0.0509 3   DC  B "C5'" 
387 C  "C4'" . DC  B 3  ? 0.2381 0.2526 0.2343 -0.1031 -0.0248 -0.0546 3   DC  B "C4'" 
388 O  "O4'" . DC  B 3  ? 0.2239 0.2544 0.2276 -0.0807 -0.0264 -0.0433 3   DC  B "O4'" 
389 C  "C3'" . DC  B 3  ? 0.2489 0.2546 0.2479 -0.1095 -0.0207 -0.0451 3   DC  B "C3'" 
390 O  "O3'" . DC  B 3  ? 0.2660 0.2725 0.2563 -0.1267 -0.0197 -0.0585 3   DC  B "O3'" 
391 C  "C2'" . DC  B 3  ? 0.2113 0.2516 0.2323 -0.0911 -0.0202 -0.0439 3   DC  B "C2'" 
392 C  "C1'" . DC  B 3  ? 0.2007 0.2291 0.1885 -0.0730 -0.0156 -0.0610 3   DC  B "C1'" 
393 N  N1    . DC  B 3  ? 0.1814 0.1893 0.1531 -0.0382 0.0021  -0.0418 3   DC  B N1    
394 C  C2    . DC  B 3  ? 0.1701 0.1615 0.1406 -0.0233 -0.0156 -0.0335 3   DC  B C2    
395 O  O2    . DC  B 3  ? 0.1585 0.1871 0.1510 -0.0327 -0.0167 -0.0229 3   DC  B O2    
396 N  N3    . DC  B 3  ? 0.1782 0.1516 0.1338 -0.0139 -0.0038 -0.0259 3   DC  B N3    
397 C  C4    . DC  B 3  ? 0.1995 0.1476 0.1428 -0.0076 -0.0134 -0.0309 3   DC  B C4    
398 N  N4    . DC  B 3  ? 0.2148 0.1468 0.1413 0.0089  0.0161  -0.0199 3   DC  B N4    
399 C  C5    . DC  B 3  ? 0.1970 0.1519 0.1811 0.0042  -0.0086 -0.0441 3   DC  B C5    
400 C  C6    . DC  B 3  ? 0.2102 0.1687 0.1623 -0.0098 0.0055  -0.0312 3   DC  B C6    
412 P  P     . DC  B 4  ? 0.3063 0.2762 0.2779 -0.1334 0.0190  -0.0496 4   DC  B P     
413 O  OP1   . DC  B 4  ? 0.3241 0.2933 0.3077 -0.1518 0.0078  -0.0562 4   DC  B OP1   
414 O  OP2   . DC  B 4  ? 0.3377 0.2829 0.3125 -0.0828 0.0256  -0.0191 4   DC  B OP2   
415 O  "O5'" . DC  B 4  ? 0.2775 0.2539 0.2425 -0.1078 0.0075  -0.0460 4   DC  B "O5'" 
416 C  "C5'" . DC  B 4  ? 0.1938 0.2406 0.2373 -0.0914 -0.0138 -0.0134 4   DC  B "C5'" 
417 C  "C4'" . DC  B 4  ? 0.1876 0.2186 0.2205 -0.0714 -0.0145 0.0036  4   DC  B "C4'" 
418 O  "O4'" . DC  B 4  ? 0.1581 0.2070 0.1916 -0.0652 -0.0317 -0.0078 4   DC  B "O4'" 
419 C  "C3'" . DC  B 4  ? 0.1894 0.2078 0.2108 -0.0619 0.0079  -0.0035 4   DC  B "C3'" 
420 O  "O3'" . DC  B 4  ? 0.1932 0.2309 0.2312 -0.0702 0.0047  0.0167  4   DC  B "O3'" 
421 C  "C2'" . DC  B 4  ? 0.1742 0.1794 0.1936 -0.0660 -0.0077 -0.0163 4   DC  B "C2'" 
422 C  "C1'" . DC  B 4  ? 0.1677 0.1693 0.1765 -0.0454 -0.0115 -0.0014 4   DC  B "C1'" 
423 N  N1    . DC  B 4  ? 0.1835 0.1411 0.1538 -0.0373 -0.0029 0.0008  4   DC  B N1    
424 C  C2    . DC  B 4  ? 0.1545 0.1315 0.1300 -0.0303 -0.0005 -0.0198 4   DC  B C2    
425 O  O2    . DC  B 4  ? 0.1388 0.1390 0.1319 -0.0113 -0.0077 -0.0052 4   DC  B O2    
426 N  N3    . DC  B 4  ? 0.1523 0.1183 0.1266 -0.0125 0.0102  0.0043  4   DC  B N3    
427 C  C4    . DC  B 4  ? 0.1643 0.1484 0.1389 -0.0257 -0.0033 0.0015  4   DC  B C4    
428 N  N4    . DC  B 4  ? 0.1702 0.1506 0.1571 -0.0142 0.0020  -0.0219 4   DC  B N4    
429 C  C5    . DC  B 4  ? 0.1671 0.1421 0.1585 -0.0345 0.0059  0.0068  4   DC  B C5    
430 C  C6    . DC  B 4  ? 0.1711 0.1440 0.1889 -0.0414 -0.0185 0.0131  4   DC  B C6    
442 O  "O5'" . 3DR B 5  ? 0.2155 0.2346 0.2200 -0.0674 0.0056  -0.0126 5   3DR B "O5'" 
443 P  P     . 3DR B 5  ? 0.2222 0.2400 0.2201 -0.0773 0.0207  0.0047  5   3DR B P     
444 O  OP1   . 3DR B 5  ? 0.2534 0.2633 0.2719 -0.0891 0.0112  0.0251  5   3DR B OP1   
445 O  OP2   . 3DR B 5  ? 0.2787 0.2423 0.2383 -0.0869 0.0186  0.0183  5   3DR B OP2   
446 C  "C2'" . 3DR B 5  ? 0.2317 0.2573 0.2108 0.0097  0.0338  -0.0110 5   3DR B "C2'" 
447 C  "C5'" . 3DR B 5  ? 0.2390 0.2495 0.2273 -0.0534 0.0070  -0.0253 5   3DR B "C5'" 
448 C  "C4'" . 3DR B 5  ? 0.2084 0.2467 0.2291 -0.0403 0.0093  -0.0308 5   3DR B "C4'" 
449 O  "O4'" . 3DR B 5  ? 0.2175 0.2795 0.2490 -0.0293 0.0127  -0.0207 5   3DR B "O4'" 
450 C  "C1'" . 3DR B 5  ? 0.2306 0.2693 0.2421 0.0048  0.0172  -0.0087 5   3DR B "C1'" 
451 C  "C3'" . 3DR B 5  ? 0.1914 0.2272 0.1892 -0.0176 0.0192  -0.0176 5   3DR B "C3'" 
452 O  "O3'" . 3DR B 5  ? 0.1773 0.2078 0.1714 -0.0070 0.0179  -0.0316 5   3DR B "O3'" 
461 P  P     . DA  B 6  ? 0.1442 0.1602 0.1560 -0.0085 0.0177  0.0021  6   DA  B P     
462 O  OP1   . DA  B 6  ? 0.1456 0.1274 0.1142 -0.0018 0.0270  -0.0007 6   DA  B OP1   
463 O  OP2   . DA  B 6  ? 0.1634 0.1551 0.1581 -0.0262 0.0260  -0.0061 6   DA  B OP2   
464 O  "O5'" . DA  B 6  ? 0.2016 0.1508 0.1349 -0.0021 0.0259  0.0197  6   DA  B "O5'" 
465 C  "C5'" . DA  B 6  ? 0.1949 0.1619 0.1511 -0.0115 0.0344  0.0220  6   DA  B "C5'" 
466 C  "C4'" . DA  B 6  ? 0.1991 0.1575 0.1489 -0.0152 0.0212  0.0097  6   DA  B "C4'" 
467 O  "O4'" . DA  B 6  ? 0.2042 0.1700 0.1499 -0.0094 0.0341  0.0011  6   DA  B "O4'" 
468 C  "C3'" . DA  B 6  ? 0.2061 0.1501 0.1767 -0.0142 0.0280  0.0182  6   DA  B "C3'" 
469 O  "O3'" . DA  B 6  ? 0.2731 0.1659 0.2081 -0.0129 0.0403  0.0148  6   DA  B "O3'" 
470 C  "C2'" . DA  B 6  ? 0.2063 0.1722 0.1749 -0.0041 0.0172  0.0095  6   DA  B "C2'" 
471 C  "C1'" . DA  B 6  ? 0.1996 0.1799 0.1361 0.0060  0.0201  0.0113  6   DA  B "C1'" 
472 N  N9    . DA  B 6  ? 0.1980 0.1733 0.1089 0.0183  0.0215  0.0141  6   DA  B N9    
473 C  C8    . DA  B 6  ? 0.1710 0.1704 0.1146 0.0187  0.0014  -0.0087 6   DA  B C8    
474 N  N7    . DA  B 6  ? 0.1521 0.1651 0.1256 0.0170  0.0071  -0.0016 6   DA  B N7    
475 C  C5    . DA  B 6  ? 0.1681 0.1752 0.1094 0.0297  0.0172  -0.0042 6   DA  B C5    
476 C  C6    . DA  B 6  ? 0.1602 0.2035 0.1196 0.0099  0.0034  0.0101  6   DA  B C6    
477 N  N6    . DA  B 6  ? 0.1465 0.2028 0.1475 -0.0133 -0.0131 -0.0012 6   DA  B N6    
478 N  N1    . DA  B 6  ? 0.1878 0.2106 0.1601 0.0156  -0.0195 0.0151  6   DA  B N1    
479 C  C2    . DA  B 6  ? 0.2012 0.2188 0.1722 0.0232  -0.0057 0.0165  6   DA  B C2    
480 N  N3    . DA  B 6  ? 0.1997 0.1965 0.1563 0.0440  -0.0159 0.0203  6   DA  B N3    
481 C  C4    . DA  B 6  ? 0.1782 0.1803 0.1193 0.0353  0.0151  0.0021  6   DA  B C4    
493 P  P     . DG  B 7  ? 0.2425 0.1709 0.2498 -0.0170 0.0334  0.0158  7   DG  B P     
494 O  OP1   . DG  B 7  ? 0.2804 0.1972 0.2552 -0.0153 0.0508  0.0414  7   DG  B OP1   
495 O  OP2   . DG  B 7  ? 0.2307 0.1719 0.2614 0.0053  0.0195  0.0097  7   DG  B OP2   
496 O  "O5'" . DG  B 7  ? 0.1910 0.1787 0.2446 -0.0004 0.0224  -0.0020 7   DG  B "O5'" 
497 C  "C5'" . DG  B 7  ? 0.1966 0.1678 0.1968 0.0115  0.0274  0.0133  7   DG  B "C5'" 
498 C  "C4'" . DG  B 7  ? 0.1950 0.1507 0.1658 0.0024  0.0092  0.0106  7   DG  B "C4'" 
499 O  "O4'" . DG  B 7  ? 0.1822 0.1364 0.1182 0.0009  -0.0103 0.0225  7   DG  B "O4'" 
500 C  "C3'" . DG  B 7  ? 0.1812 0.1313 0.1785 -0.0116 -0.0089 0.0121  7   DG  B "C3'" 
501 O  "O3'" . DG  B 7  ? 0.2054 0.1348 0.1448 0.0096  -0.0006 0.0026  7   DG  B "O3'" 
502 C  "C2'" . DG  B 7  ? 0.1611 0.1215 0.1574 -0.0125 -0.0110 0.0078  7   DG  B "C2'" 
503 C  "C1'" . DG  B 7  ? 0.1542 0.1275 0.1540 -0.0092 -0.0175 0.0002  7   DG  B "C1'" 
504 N  N9    . DG  B 7  ? 0.1226 0.1232 0.1132 0.0041  -0.0112 0.0069  7   DG  B N9    
505 C  C8    . DG  B 7  ? 0.1274 0.1219 0.1241 -0.0099 -0.0042 0.0237  7   DG  B C8    
506 N  N7    . DG  B 7  ? 0.1085 0.1058 0.1392 0.0128  -0.0053 0.0059  7   DG  B N7    
507 C  C5    . DG  B 7  ? 0.1147 0.1171 0.1298 0.0014  0.0104  -0.0204 7   DG  B C5    
508 C  C6    . DG  B 7  ? 0.1303 0.1209 0.1454 0.0091  -0.0060 -0.0315 7   DG  B C6    
509 O  O6    . DG  B 7  ? 0.1520 0.1176 0.1672 -0.0066 -0.0052 -0.0056 7   DG  B O6    
510 N  N1    . DG  B 7  ? 0.1171 0.1067 0.1698 0.0011  -0.0141 -0.0182 7   DG  B N1    
511 C  C2    . DG  B 7  ? 0.1349 0.1199 0.1629 0.0052  -0.0212 -0.0200 7   DG  B C2    
512 N  N2    . DG  B 7  ? 0.1421 0.1365 0.1928 -0.0038 -0.0307 -0.0036 7   DG  B N2    
513 N  N3    . DG  B 7  ? 0.1452 0.1262 0.1397 0.0026  -0.0229 0.0138  7   DG  B N3    
514 C  C4    . DG  B 7  ? 0.1079 0.1229 0.1332 0.0025  -0.0108 -0.0041 7   DG  B C4    
526 P  P     . DC  B 8  ? 0.2200 0.1363 0.1584 0.0046  -0.0075 0.0105  8   DC  B P     
527 O  OP1   . DC  B 8  ? 0.2507 0.1445 0.1513 0.0228  0.0256  0.0022  8   DC  B OP1   
528 O  OP2   . DC  B 8  ? 0.2322 0.1613 0.1784 -0.0273 -0.0117 -0.0041 8   DC  B OP2   
529 O  "O5'" . DC  B 8  ? 0.1894 0.1367 0.1477 -0.0131 -0.0156 0.0168  8   DC  B "O5'" 
530 C  "C5'" . DC  B 8  ? 0.1835 0.1494 0.1475 0.0051  0.0046  0.0143  8   DC  B "C5'" 
531 C  "C4'" . DC  B 8  ? 0.1712 0.1599 0.1366 0.0073  0.0105  0.0174  8   DC  B "C4'" 
532 O  "O4'" . DC  B 8  ? 0.1595 0.1348 0.1249 0.0152  0.0143  0.0052  8   DC  B "O4'" 
533 C  "C3'" . DC  B 8  ? 0.1757 0.1760 0.1361 0.0168  0.0219  0.0194  8   DC  B "C3'" 
534 O  "O3'" . DC  B 8  ? 0.2055 0.2130 0.1529 0.0262  0.0240  -0.0037 8   DC  B "O3'" 
535 C  "C2'" . DC  B 8  ? 0.1639 0.1638 0.1383 0.0131  0.0154  0.0182  8   DC  B "C2'" 
536 C  "C1'" . DC  B 8  ? 0.1396 0.1431 0.1333 0.0046  -0.0033 0.0279  8   DC  B "C1'" 
537 N  N1    . DC  B 8  ? 0.1423 0.1342 0.1207 -0.0008 -0.0075 0.0103  8   DC  B N1    
538 C  C2    . DC  B 8  ? 0.1509 0.1168 0.1121 -0.0087 -0.0026 -0.0071 8   DC  B C2    
539 O  O2    . DC  B 8  ? 0.1423 0.1125 0.1326 0.0123  -0.0151 0.0015  8   DC  B O2    
540 N  N3    . DC  B 8  ? 0.1369 0.1136 0.1317 -0.0223 -0.0114 -0.0153 8   DC  B N3    
541 C  C4    . DC  B 8  ? 0.1278 0.1206 0.1117 -0.0016 -0.0131 -0.0148 8   DC  B C4    
542 N  N4    . DC  B 8  ? 0.1362 0.1183 0.1491 -0.0062 0.0029  -0.0020 8   DC  B N4    
543 C  C5    . DC  B 8  ? 0.1257 0.1124 0.1276 -0.0041 0.0020  -0.0028 8   DC  B C5    
544 C  C6    . DC  B 8  ? 0.1358 0.1248 0.1428 0.0055  -0.0137 -0.0029 8   DC  B C6    
556 P  P     . DG  B 9  ? 0.2388 0.1956 0.1888 0.0380  0.0159  -0.0104 9   DG  B P     
557 O  OP1   . DG  B 9  ? 0.2804 0.2186 0.2580 0.0661  0.0055  -0.0146 9   DG  B OP1   
558 O  OP2   . DG  B 9  ? 0.2276 0.2022 0.1902 0.0133  -0.0004 -0.0130 9   DG  B OP2   
559 O  "O5'" . DG  B 9  ? 0.2108 0.2386 0.1843 -0.0110 0.0047  0.0117  9   DG  B "O5'" 
560 C  "C5'" . DG  B 9  ? 0.2152 0.2445 0.1984 -0.0035 -0.0092 -0.0173 9   DG  B "C5'" 
561 C  "C4'" . DG  B 9  ? 0.2012 0.2444 0.1819 0.0242  -0.0003 -0.0221 9   DG  B "C4'" 
562 O  "O4'" . DG  B 9  ? 0.1969 0.2468 0.1789 0.0126  0.0153  -0.0253 9   DG  B "O4'" 
563 C  "C3'" . DG  B 9  ? 0.2199 0.2555 0.1982 0.0306  0.0075  -0.0242 9   DG  B "C3'" 
564 O  "O3'" . DG  B 9  ? 0.2445 0.3132 0.2482 0.0528  -0.0021 -0.0095 9   DG  B "O3'" 
565 C  "C2'" . DG  B 9  ? 0.2028 0.2475 0.1719 0.0431  0.0345  -0.0261 9   DG  B "C2'" 
566 C  "C1'" . DG  B 9  ? 0.1949 0.2344 0.1532 0.0270  0.0254  -0.0016 9   DG  B "C1'" 
567 N  N9    . DG  B 9  ? 0.1812 0.1934 0.1365 0.0398  0.0278  0.0027  9   DG  B N9    
568 C  C8    . DG  B 9  ? 0.1911 0.1724 0.1462 0.0597  0.0089  -0.0156 9   DG  B C8    
569 N  N7    . DG  B 9  ? 0.1851 0.1562 0.1147 0.0422  0.0063  -0.0076 9   DG  B N7    
570 C  C5    . DG  B 9  ? 0.1615 0.1444 0.1153 0.0280  0.0089  -0.0058 9   DG  B C5    
571 C  C6    . DG  B 9  ? 0.1704 0.1406 0.1038 0.0321  0.0131  0.0077  9   DG  B C6    
572 O  O6    . DG  B 9  ? 0.1385 0.1320 0.1427 0.0219  0.0042  -0.0171 9   DG  B O6    
573 N  N1    . DG  B 9  ? 0.1420 0.1292 0.1296 0.0254  0.0204  -0.0026 9   DG  B N1    
574 C  C2    . DG  B 9  ? 0.1221 0.1340 0.1397 0.0316  0.0052  0.0039  9   DG  B C2    
575 N  N2    . DG  B 9  ? 0.1252 0.1389 0.1796 0.0127  -0.0224 -0.0147 9   DG  B N2    
576 N  N3    . DG  B 9  ? 0.1569 0.1570 0.1455 0.0327  0.0077  0.0005  9   DG  B N3    
577 C  C4    . DG  B 9  ? 0.1653 0.1542 0.1256 0.0535  0.0314  0.0046  9   DG  B C4    
588 P  P     . DA  B 10 ? 0.2710 0.3837 0.2786 0.0478  0.0188  -0.0222 10  DA  B P     
589 O  OP1   . DA  B 10 ? 0.3169 0.3783 0.3418 0.0316  0.0020  -0.0289 10  DA  B OP1   
590 O  OP2   . DA  B 10 ? 0.3125 0.4050 0.3562 0.0320  0.0027  -0.0062 10  DA  B OP2   
591 O  "O5'" . DA  B 10 ? 0.2605 0.3890 0.3022 0.0242  0.0204  -0.0163 10  DA  B "O5'" 
592 C  "C5'" . DA  B 10 ? 0.2779 0.4022 0.2998 -0.0019 0.0254  -0.0347 10  DA  B "C5'" 
593 C  "C4'" . DA  B 10 ? 0.3069 0.4116 0.3106 -0.0271 0.0120  -0.0369 10  DA  B "C4'" 
594 O  "O4'" . DA  B 10 ? 0.3204 0.3957 0.2750 -0.0370 0.0089  -0.0508 10  DA  B "O4'" 
595 C  "C3'" . DA  B 10 ? 0.3215 0.4298 0.3470 -0.0425 0.0058  -0.0393 10  DA  B "C3'" 
596 O  "O3'" . DA  B 10 ? 0.3367 0.4569 0.3891 -0.0370 -0.0043 -0.0330 10  DA  B "O3'" 
597 C  "C2'" . DA  B 10 ? 0.3119 0.4065 0.2995 -0.0536 0.0073  -0.0429 10  DA  B "C2'" 
598 C  "C1'" . DA  B 10 ? 0.3077 0.3783 0.2520 -0.0380 0.0003  -0.0517 10  DA  B "C1'" 
599 N  N9    . DA  B 10 ? 0.2888 0.3266 0.2103 -0.0388 -0.0188 -0.0501 10  DA  B N9    
600 C  C8    . DA  B 10 ? 0.3012 0.3095 0.1846 -0.0364 -0.0033 -0.0549 10  DA  B C8    
601 N  N7    . DA  B 10 ? 0.3051 0.3040 0.2015 -0.0387 -0.0096 -0.0485 10  DA  B N7    
602 C  C5    . DA  B 10 ? 0.2708 0.2874 0.2073 -0.0385 -0.0166 -0.0603 10  DA  B C5    
603 C  C6    . DA  B 10 ? 0.2906 0.2791 0.2208 -0.0150 -0.0228 -0.0432 10  DA  B C6    
604 N  N6    . DA  B 10 ? 0.3389 0.2863 0.2339 0.0189  -0.0287 -0.0124 10  DA  B N6    
605 N  N1    . DA  B 10 ? 0.2711 0.2678 0.1951 -0.0212 -0.0106 -0.0352 10  DA  B N1    
606 C  C2    . DA  B 10 ? 0.2337 0.2803 0.2207 -0.0229 -0.0256 -0.0514 10  DA  B C2    
607 N  N3    . DA  B 10 ? 0.2104 0.2912 0.2049 -0.0389 -0.0321 -0.0562 10  DA  B N3    
608 C  C4    . DA  B 10 ? 0.2368 0.2948 0.1978 -0.0361 -0.0304 -0.0622 10  DA  B C4    
621 AG AG    . AG  C .  ? 0.1384 0.1419 0.1265 -0.0051 -0.0062 0.0029  101 AG  A AG    
622 AG AG    . AG  D .  ? 0.1265 0.1235 0.1274 -0.0043 0.0034  -0.0056 102 AG  A AG    
623 AG AG    . AG  E .  ? 0.1350 0.1172 0.1326 -0.0063 -0.0006 -0.0066 103 AG  A AG    
624 AG AG    . AG  F .  ? 0.1238 0.1268 0.1256 0.0025  -0.0029 -0.0077 104 AG  A AG    
625 AG AG    . AG  G .  ? 0.1292 0.1405 0.1301 -0.0095 -0.0074 -0.0036 105 AG  A AG    
626 AG AG    . AG  H .  ? 0.1245 0.1312 0.1278 -0.0041 -0.0004 -0.0019 106 AG  A AG    
627 AG AG    . AG  I .  ? 0.1386 0.1264 0.1280 -0.0061 0.0001  -0.0067 107 AG  A AG    
628 AG AG    . AG  J .  ? 0.1441 0.1348 0.1418 0.0017  0.0100  -0.0060 108 AG  A AG    
629 AG AG    . AG  K .  ? 0.1637 0.1549 0.1457 -0.0266 -0.0041 0.0053  109 AG  A AG    
630 AG AG    . AG  L .  ? 0.1319 0.1323 0.1208 0.0002  0.0001  -0.0084 110 AG  A AG    
631 AG AG    . AG  M .  ? 0.1335 0.1314 0.1232 -0.0055 0.0012  -0.0082 111 AG  A AG    
632 AG AG    . AG  N .  ? 0.1424 0.1260 0.1367 0.0028  -0.0027 0.0013  112 AG  A AG    
633 AG AG    . AG  O .  ? 0.1566 0.1362 0.1228 -0.0036 -0.0056 -0.0140 101 AG  B AG    
634 AG AG    . AG  P .  ? 0.1318 0.1223 0.1244 -0.0046 -0.0037 -0.0069 102 AG  B AG    
635 AG AG    . AG  Q .  ? 0.1323 0.1139 0.1292 -0.0041 0.0018  -0.0026 103 AG  B AG    
636 AG AG    . AG  R .  ? 0.1301 0.1276 0.1270 0.0015  0.0053  0.0010  104 AG  B AG    
637 AG AG    . AG  S .  ? 0.1375 0.1225 0.1244 -0.0049 0.0048  -0.0023 105 AG  B AG    
638 AG AG    . AG  T .  ? 0.1596 0.1599 0.1488 -0.0083 -0.0071 0.0017  106 AG  B AG    
639 O  O     . HOH U .  ? 0.2946 0.2197 0.3459 0.0670  0.0164  -0.0140 201 HOH A O     
640 O  O     . HOH U .  ? 0.3406 0.2783 0.3016 0.0116  -0.0134 0.0154  202 HOH A O     
641 O  O     . HOH U .  ? 0.3937 0.3429 0.2384 0.0295  0.0361  -0.0529 203 HOH A O     
642 O  O     . HOH U .  ? 0.3361 0.2411 0.3288 0.0038  -0.0139 0.0293  204 HOH A O     
643 O  O     . HOH U .  ? 0.3396 0.1886 0.2416 -0.0075 0.0157  -0.0590 205 HOH A O     
644 O  O     . HOH U .  ? 0.2589 0.2577 0.3422 -0.0175 -0.0500 -0.0257 206 HOH A O     
645 O  O     . HOH U .  ? 0.2523 0.3064 0.2323 0.0161  -0.0113 -0.0602 207 HOH A O     
646 O  O     . HOH U .  ? 0.2714 0.3181 0.2092 -0.0197 -0.0114 0.0308  208 HOH A O     
647 O  O     . HOH U .  ? 0.1602 0.1567 0.1940 0.0187  -0.0195 -0.0128 209 HOH A O     
648 O  O     . HOH U .  ? 0.2455 0.2759 0.2885 -0.0864 0.0774  -0.0724 210 HOH A O     
649 O  O     . HOH U .  ? 0.2771 0.2386 0.1653 0.0018  0.0062  -0.0329 211 HOH A O     
650 O  O     . HOH U .  ? 0.3055 0.4090 0.4390 -0.0351 0.0464  -0.0467 212 HOH A O     
651 O  O     . HOH U .  ? 0.1738 0.1475 0.2226 -0.0295 -0.0074 -0.0183 213 HOH A O     
652 O  O     . HOH U .  ? 0.2552 0.3722 0.4584 -0.0363 -0.0550 0.0093  214 HOH A O     
653 O  O     . HOH U .  ? 0.2596 0.3790 0.5134 -0.0466 0.0373  0.0531  215 HOH A O     
654 O  O     . HOH U .  ? 0.2053 0.1923 0.3058 0.0467  0.0162  0.0160  216 HOH A O     
655 O  O     . HOH U .  ? 0.3804 0.3699 0.3973 0.0510  -0.0708 -0.0378 217 HOH A O     
656 O  O     . HOH U .  ? 0.3536 0.3722 0.3104 -0.0173 0.1176  0.0260  218 HOH A O     
657 O  O     . HOH U .  ? 0.3265 0.2817 0.4056 0.0986  0.0053  -0.0080 219 HOH A O     
658 O  O     . HOH V .  ? 0.2975 0.2054 0.2863 0.0381  0.0130  -0.0468 201 HOH B O     
659 O  O     . HOH V .  ? 0.2767 0.3224 0.5331 -0.0307 0.0286  -0.0535 202 HOH B O     
660 O  O     . HOH V .  ? 0.3318 0.3460 0.2745 -0.0347 -0.0210 -0.0492 203 HOH B O     
661 O  O     . HOH V .  ? 0.3307 0.3929 0.4106 -0.0464 -0.0226 0.0511  204 HOH B O     
662 O  O     . HOH V .  ? 0.4115 0.2575 0.3804 0.0621  -0.0172 0.0514  205 HOH B O     
663 O  O     . HOH V .  ? 0.2534 0.2306 0.3858 0.0210  0.0055  -0.0445 206 HOH B O     
664 O  O     . HOH V .  ? 0.2363 0.1779 0.2045 -0.0471 -0.0023 0.0187  207 HOH B O     
665 O  O     . HOH V .  ? 0.1561 0.1556 0.1971 -0.0311 -0.0032 0.0020  208 HOH B O     
666 O  O     . HOH V .  ? 0.1920 0.2433 0.1884 0.0352  0.0234  0.0433  209 HOH B O     
667 O  O     . HOH V .  ? 0.4129 0.3354 0.3229 0.0520  -0.0320 -0.1114 210 HOH B O     
668 O  O     . HOH V .  ? 0.1472 0.2014 0.1935 -0.0016 0.0045  -0.0159 211 HOH B O     
669 O  O     . HOH V .  ? 0.3114 0.2387 0.3335 0.0372  0.0347  -0.0520 212 HOH B O     
670 O  O     . HOH V .  ? 0.4163 0.3535 0.3308 0.0260  -0.0239 -0.0331 213 HOH B O     
671 O  O     . HOH V .  ? 0.4769 0.3473 0.4063 -0.0652 0.0768  0.0105  214 HOH B O     
# 
loop_
_pdbx_poly_seq_scheme.asym_id 
_pdbx_poly_seq_scheme.entity_id 
_pdbx_poly_seq_scheme.seq_id 
_pdbx_poly_seq_scheme.mon_id 
_pdbx_poly_seq_scheme.ndb_seq_num 
_pdbx_poly_seq_scheme.pdb_seq_num 
_pdbx_poly_seq_scheme.auth_seq_num 
_pdbx_poly_seq_scheme.pdb_mon_id 
_pdbx_poly_seq_scheme.auth_mon_id 
_pdbx_poly_seq_scheme.pdb_strand_id 
_pdbx_poly_seq_scheme.pdb_ins_code 
_pdbx_poly_seq_scheme.hetero 
A 1 1  DC  1  1  1  DC  DC  A . n 
A 1 2  DA  2  2  2  DA  DA  A . n 
A 1 3  DC  3  3  3  DC  DC  A . n 
A 1 4  DC  4  4  4  DC  DC  A . n 
A 1 5  3DR 5  5  5  3DR AAB A . n 
A 1 6  DA  6  6  6  DA  DA  A . n 
A 1 7  DG  7  7  7  DG  DG  A . n 
A 1 8  DC  8  8  8  DC  DC  A . n 
A 1 9  DG  9  9  9  DG  DG  A . n 
A 1 10 DA  10 10 10 DA  DA  A . n 
B 1 1  DC  1  1  1  DC  DC  B . n 
B 1 2  DA  2  2  2  DA  DA  B . n 
B 1 3  DC  3  3  3  DC  DC  B . n 
B 1 4  DC  4  4  4  DC  DC  B . n 
B 1 5  3DR 5  5  5  3DR AAB B . n 
B 1 6  DA  6  6  6  DA  DA  B . n 
B 1 7  DG  7  7  7  DG  DG  B . n 
B 1 8  DC  8  8  8  DC  DC  B . n 
B 1 9  DG  9  9  9  DG  DG  B . n 
B 1 10 DA  10 10 10 DA  DA  B . n 
# 
loop_
_pdbx_nonpoly_scheme.asym_id 
_pdbx_nonpoly_scheme.entity_id 
_pdbx_nonpoly_scheme.mon_id 
_pdbx_nonpoly_scheme.ndb_seq_num 
_pdbx_nonpoly_scheme.pdb_seq_num 
_pdbx_nonpoly_scheme.auth_seq_num 
_pdbx_nonpoly_scheme.pdb_mon_id 
_pdbx_nonpoly_scheme.auth_mon_id 
_pdbx_nonpoly_scheme.pdb_strand_id 
_pdbx_nonpoly_scheme.pdb_ins_code 
C 2 AG  1  101 9  AG  AG  A . 
D 2 AG  1  102 10 AG  AG  A . 
E 2 AG  1  103 11 AG  AG  A . 
F 2 AG  1  104 12 AG  AG  A . 
G 2 AG  1  105 13 AG  AG  A . 
H 2 AG  1  106 14 AG  AG  A . 
I 2 AG  1  107 15 AG  AG  A . 
J 2 AG  1  108 16 AG  AG  A . 
K 2 AG  1  109 18 AG  AG  A . 
L 2 AG  1  110 5  AG  AG  A . 
M 2 AG  1  111 6  AG  AG  A . 
N 2 AG  1  112 8  AG  AG  A . 
O 2 AG  1  101 1  AG  AG  B . 
P 2 AG  1  102 2  AG  AG  B . 
Q 2 AG  1  103 3  AG  AG  B . 
R 2 AG  1  104 4  AG  AG  B . 
S 2 AG  1  105 7  AG  AG  B . 
T 2 AG  1  106 17 AG  AG  B . 
U 3 HOH 1  201 15 HOH HOH A . 
U 3 HOH 2  202 18 HOH HOH A . 
U 3 HOH 3  203 24 HOH HOH A . 
U 3 HOH 4  204 14 HOH HOH A . 
U 3 HOH 5  205 9  HOH HOH A . 
U 3 HOH 6  206 16 HOH HOH A . 
U 3 HOH 7  207 10 HOH HOH A . 
U 3 HOH 8  208 17 HOH HOH A . 
U 3 HOH 9  209 3  HOH HOH A . 
U 3 HOH 10 210 11 HOH HOH A . 
U 3 HOH 11 211 12 HOH HOH A . 
U 3 HOH 12 212 20 HOH HOH A . 
U 3 HOH 13 213 2  HOH HOH A . 
U 3 HOH 14 214 34 HOH HOH A . 
U 3 HOH 15 215 33 HOH HOH A . 
U 3 HOH 16 216 7  HOH HOH A . 
U 3 HOH 17 217 28 HOH HOH A . 
U 3 HOH 18 218 29 HOH HOH A . 
U 3 HOH 19 219 44 HOH HOH A . 
V 3 HOH 1  201 8  HOH HOH B . 
V 3 HOH 2  202 22 HOH HOH B . 
V 3 HOH 3  203 19 HOH HOH B . 
V 3 HOH 4  204 27 HOH HOH B . 
V 3 HOH 5  205 25 HOH HOH B . 
V 3 HOH 6  206 13 HOH HOH B . 
V 3 HOH 7  207 6  HOH HOH B . 
V 3 HOH 8  208 1  HOH HOH B . 
V 3 HOH 9  209 5  HOH HOH B . 
V 3 HOH 10 210 23 HOH HOH B . 
V 3 HOH 11 211 4  HOH HOH B . 
V 3 HOH 12 212 21 HOH HOH B . 
V 3 HOH 13 213 26 HOH HOH B . 
V 3 HOH 14 214 30 HOH HOH B . 
# 
_pdbx_struct_assembly.id                   1 
_pdbx_struct_assembly.details              author_and_software_defined_assembly 
_pdbx_struct_assembly.method_details       PISA 
_pdbx_struct_assembly.oligomeric_details   dimeric 
_pdbx_struct_assembly.oligomeric_count     2 
# 
_pdbx_struct_assembly_gen.assembly_id       1 
_pdbx_struct_assembly_gen.oper_expression   1 
_pdbx_struct_assembly_gen.asym_id_list      A,B,C,D,E,F,G,H,I,J,K,L,M,N,O,P,Q,R,S,T,U,V 
# 
loop_
_pdbx_struct_assembly_prop.biol_id 
_pdbx_struct_assembly_prop.type 
_pdbx_struct_assembly_prop.value 
_pdbx_struct_assembly_prop.details 
1 'ABSA (A^2)' 4710 ? 
1 MORE         -128 ? 
1 'SSA (A^2)'  2200 ? 
# 
_pdbx_struct_oper_list.id                   1 
_pdbx_struct_oper_list.type                 'identity operation' 
_pdbx_struct_oper_list.name                 1_555 
_pdbx_struct_oper_list.symmetry_operation   x,y,z 
_pdbx_struct_oper_list.matrix[1][1]         1.0000000000 
_pdbx_struct_oper_list.matrix[1][2]         0.0000000000 
_pdbx_struct_oper_list.matrix[1][3]         0.0000000000 
_pdbx_struct_oper_list.vector[1]            0.0000000000 
_pdbx_struct_oper_list.matrix[2][1]         0.0000000000 
_pdbx_struct_oper_list.matrix[2][2]         1.0000000000 
_pdbx_struct_oper_list.matrix[2][3]         0.0000000000 
_pdbx_struct_oper_list.vector[2]            0.0000000000 
_pdbx_struct_oper_list.matrix[3][1]         0.0000000000 
_pdbx_struct_oper_list.matrix[3][2]         0.0000000000 
_pdbx_struct_oper_list.matrix[3][3]         1.0000000000 
_pdbx_struct_oper_list.vector[3]            0.0000000000 
# 
loop_
_pdbx_struct_conn_angle.id 
_pdbx_struct_conn_angle.ptnr1_label_atom_id 
_pdbx_struct_conn_angle.ptnr1_label_alt_id 
_pdbx_struct_conn_angle.ptnr1_label_asym_id 
_pdbx_struct_conn_angle.ptnr1_label_comp_id 
_pdbx_struct_conn_angle.ptnr1_label_seq_id 
_pdbx_struct_conn_angle.ptnr1_auth_atom_id 
_pdbx_struct_conn_angle.ptnr1_auth_asym_id 
_pdbx_struct_conn_angle.ptnr1_auth_comp_id 
_pdbx_struct_conn_angle.ptnr1_auth_seq_id 
_pdbx_struct_conn_angle.ptnr1_PDB_ins_code 
_pdbx_struct_conn_angle.ptnr1_symmetry 
_pdbx_struct_conn_angle.ptnr2_label_atom_id 
_pdbx_struct_conn_angle.ptnr2_label_alt_id 
_pdbx_struct_conn_angle.ptnr2_label_asym_id 
_pdbx_struct_conn_angle.ptnr2_label_comp_id 
_pdbx_struct_conn_angle.ptnr2_label_seq_id 
_pdbx_struct_conn_angle.ptnr2_auth_atom_id 
_pdbx_struct_conn_angle.ptnr2_auth_asym_id 
_pdbx_struct_conn_angle.ptnr2_auth_comp_id 
_pdbx_struct_conn_angle.ptnr2_auth_seq_id 
_pdbx_struct_conn_angle.ptnr2_PDB_ins_code 
_pdbx_struct_conn_angle.ptnr2_symmetry 
_pdbx_struct_conn_angle.ptnr3_label_atom_id 
_pdbx_struct_conn_angle.ptnr3_label_alt_id 
_pdbx_struct_conn_angle.ptnr3_label_asym_id 
_pdbx_struct_conn_angle.ptnr3_label_comp_id 
_pdbx_struct_conn_angle.ptnr3_label_seq_id 
_pdbx_struct_conn_angle.ptnr3_auth_atom_id 
_pdbx_struct_conn_angle.ptnr3_auth_asym_id 
_pdbx_struct_conn_angle.ptnr3_auth_comp_id 
_pdbx_struct_conn_angle.ptnr3_auth_seq_id 
_pdbx_struct_conn_angle.ptnr3_PDB_ins_code 
_pdbx_struct_conn_angle.ptnr3_symmetry 
_pdbx_struct_conn_angle.value 
_pdbx_struct_conn_angle.value_esd 
1  O2  ? A DC 1 ? A DC 1 ? 1_555 AG ? C AG . ? A AG 101 ? 1_555 N3  ? A DC 3 ? A DC 3 ? 1_555 90.0  ? 
2  O2  ? A DC 1 ? A DC 1 ? 1_555 AG ? C AG . ? A AG 101 ? 1_555 N1  ? B DA 2 ? B DA 2 ? 1_555 88.1  ? 
3  N3  ? A DC 3 ? A DC 3 ? 1_555 AG ? C AG . ? A AG 101 ? 1_555 N1  ? B DA 2 ? B DA 2 ? 1_555 109.4 ? 
4  N3  ? A DC 1 ? A DC 1 ? 1_555 AG ? G AG . ? A AG 105 ? 1_555 O2  ? B DC 3 ? B DC 3 ? 1_555 83.2  ? 
5  N3  ? A DC 1 ? A DC 1 ? 1_555 AG ? G AG . ? A AG 105 ? 1_555 O2  ? B DC 4 ? B DC 4 ? 1_555 98.9  ? 
6  O2  ? B DC 3 ? B DC 3 ? 1_555 AG ? G AG . ? A AG 105 ? 1_555 O2  ? B DC 4 ? B DC 4 ? 1_555 80.4  ? 
7  N3  ? A DC 4 ? A DC 4 ? 1_555 AG ? D AG . ? A AG 102 ? 1_555 O6  ? A DG 9 ? A DG 9 ? 1_555 89.1  ? 
8  O2  ? A DC 4 ? A DC 4 ? 1_555 AG ? L AG . ? A AG 110 ? 1_555 N3  ? B DC 1 ? B DC 1 ? 1_555 98.2  ? 
9  O2  ? A DC 4 ? A DC 4 ? 1_555 AG ? M AG . ? A AG 111 ? 1_555 N1  ? B DG 9 ? B DG 9 ? 1_555 85.1  ? 
10 OP1 ? A DA 6 ? A DA 6 ? 1_555 AG ? F AG . ? A AG 104 ? 1_555 N7  ? A DG 7 ? A DG 7 ? 1_555 90.7  ? 
11 N7  ? A DA 6 ? A DA 6 ? 1_555 AG ? J AG . ? A AG 108 ? 1_555 O6  ? A DG 7 ? A DG 7 ? 1_555 91.4  ? 
12 N7  ? A DA 6 ? A DA 6 ? 1_555 AG ? J AG . ? A AG 108 ? 1_555 OP2 ? B DA 6 ? B DA 6 ? 1_555 91.7  ? 
13 O6  ? A DG 7 ? A DG 7 ? 1_555 AG ? J AG . ? A AG 108 ? 1_555 OP2 ? B DA 6 ? B DA 6 ? 1_555 94.5  ? 
14 OP2 ? A DA 6 ? A DA 6 ? 1_555 AG ? N AG . ? A AG 112 ? 1_555 N7  ? B DA 6 ? B DA 6 ? 1_555 93.6  ? 
15 OP2 ? A DA 6 ? A DA 6 ? 1_555 AG ? N AG . ? A AG 112 ? 1_555 O6  ? B DG 7 ? B DG 7 ? 1_555 90.6  ? 
16 N7  ? B DA 6 ? B DA 6 ? 1_555 AG ? N AG . ? A AG 112 ? 1_555 O6  ? B DG 7 ? B DG 7 ? 1_555 89.0  ? 
17 O6  ? A DG 7 ? A DG 7 ? 1_555 AG ? I AG . ? A AG 107 ? 1_555 O2  ? A DC 8 ? A DC 8 ? 1_555 79.5  ? 
18 N1  ? A DG 9 ? A DG 9 ? 1_555 AG ? H AG . ? A AG 106 ? 1_555 O2  ? B DC 4 ? B DC 4 ? 1_555 85.6  ? 
19 O2  ? B DC 1 ? B DC 1 ? 1_555 AG ? O AG . ? B AG 101 ? 1_555 N3  ? B DC 3 ? B DC 3 ? 1_555 94.5  ? 
20 N3  ? B DC 4 ? B DC 4 ? 1_555 AG ? P AG . ? B AG 102 ? 1_555 O6  ? B DG 9 ? B DG 9 ? 1_555 89.7  ? 
21 OP1 ? B DA 6 ? B DA 6 ? 1_555 AG ? R AG . ? B AG 104 ? 1_555 N7  ? B DG 7 ? B DG 7 ? 1_555 91.7  ? 
# 
loop_
_pdbx_audit_revision_history.ordinal 
_pdbx_audit_revision_history.data_content_type 
_pdbx_audit_revision_history.major_revision 
_pdbx_audit_revision_history.minor_revision 
_pdbx_audit_revision_history.revision_date 
1 'Structure model' 1 0 2020-12-16 
2 'Structure model' 1 1 2023-11-29 
# 
_pdbx_audit_revision_details.ordinal             1 
_pdbx_audit_revision_details.revision_ordinal    1 
_pdbx_audit_revision_details.data_content_type   'Structure model' 
_pdbx_audit_revision_details.provider            repository 
_pdbx_audit_revision_details.type                'Initial release' 
_pdbx_audit_revision_details.description         ? 
_pdbx_audit_revision_details.details             ? 
# 
loop_
_pdbx_audit_revision_group.ordinal 
_pdbx_audit_revision_group.revision_ordinal 
_pdbx_audit_revision_group.data_content_type 
_pdbx_audit_revision_group.group 
1 2 'Structure model' 'Data collection'        
2 2 'Structure model' 'Database references'    
3 2 'Structure model' 'Refinement description' 
# 
loop_
_pdbx_audit_revision_category.ordinal 
_pdbx_audit_revision_category.revision_ordinal 
_pdbx_audit_revision_category.data_content_type 
_pdbx_audit_revision_category.category 
1 2 'Structure model' chem_comp_atom                
2 2 'Structure model' chem_comp_bond                
3 2 'Structure model' citation                      
4 2 'Structure model' database_2                    
5 2 'Structure model' pdbx_initial_refinement_model 
# 
loop_
_pdbx_audit_revision_item.ordinal 
_pdbx_audit_revision_item.revision_ordinal 
_pdbx_audit_revision_item.data_content_type 
_pdbx_audit_revision_item.item 
1 2 'Structure model' '_citation.country'                   
2 2 'Structure model' '_database_2.pdbx_DOI'                
3 2 'Structure model' '_database_2.pdbx_database_accession' 
# 
loop_
_software.citation_id 
_software.classification 
_software.compiler_name 
_software.compiler_version 
_software.contact_author 
_software.contact_author_email 
_software.date 
_software.description 
_software.dependencies 
_software.hardware 
_software.language 
_software.location 
_software.mods 
_software.name 
_software.os 
_software.os_version 
_software.type 
_software.version 
_software.pdbx_ordinal 
? 'data scaling'    ? ? ? ? ? ? ? ? ? ? ? XSCALE      ? ? ? .      1 
? refinement        ? ? ? ? ? ? ? ? ? ? ? PHENIX      ? ? ? 1.17.1 2 
? 'data extraction' ? ? ? ? ? ? ? ? ? ? ? PDB_EXTRACT ? ? ? 3.25   3 
? phasing           ? ? ? ? ? ? ? ? ? ? ? PHENIX      ? ? ? .      4 
? 'data reduction'  ? ? ? ? ? ? ? ? ? ? ? XDS         ? ? ? .      5 
# 
_pdbx_entry_details.entry_id                 7BSH 
_pdbx_entry_details.has_ligand_of_interest   Y 
_pdbx_entry_details.compound_details         ? 
_pdbx_entry_details.source_details           ? 
_pdbx_entry_details.nonpolymer_details       ? 
_pdbx_entry_details.sequence_details         ? 
# 
loop_
_pdbx_validate_rmsd_angle.id 
_pdbx_validate_rmsd_angle.PDB_model_num 
_pdbx_validate_rmsd_angle.auth_atom_id_1 
_pdbx_validate_rmsd_angle.auth_asym_id_1 
_pdbx_validate_rmsd_angle.auth_comp_id_1 
_pdbx_validate_rmsd_angle.auth_seq_id_1 
_pdbx_validate_rmsd_angle.PDB_ins_code_1 
_pdbx_validate_rmsd_angle.label_alt_id_1 
_pdbx_validate_rmsd_angle.auth_atom_id_2 
_pdbx_validate_rmsd_angle.auth_asym_id_2 
_pdbx_validate_rmsd_angle.auth_comp_id_2 
_pdbx_validate_rmsd_angle.auth_seq_id_2 
_pdbx_validate_rmsd_angle.PDB_ins_code_2 
_pdbx_validate_rmsd_angle.label_alt_id_2 
_pdbx_validate_rmsd_angle.auth_atom_id_3 
_pdbx_validate_rmsd_angle.auth_asym_id_3 
_pdbx_validate_rmsd_angle.auth_comp_id_3 
_pdbx_validate_rmsd_angle.auth_seq_id_3 
_pdbx_validate_rmsd_angle.PDB_ins_code_3 
_pdbx_validate_rmsd_angle.label_alt_id_3 
_pdbx_validate_rmsd_angle.angle_value 
_pdbx_validate_rmsd_angle.angle_target_value 
_pdbx_validate_rmsd_angle.angle_deviation 
_pdbx_validate_rmsd_angle.angle_standard_deviation 
_pdbx_validate_rmsd_angle.linker_flag 
1 1 "O4'" A DC 4 ? ? "C1'" A DC 4 ? ? N1 A DC 4 ? ? 111.62 108.30 3.32 0.30 N 
2 1 "O4'" A DG 7 ? ? "C1'" A DG 7 ? ? N9 A DG 7 ? ? 112.62 108.30 4.32 0.30 N 
3 1 "O4'" B DG 7 ? ? "C1'" B DG 7 ? ? N9 B DG 7 ? ? 114.28 108.30 5.98 0.30 N 
# 
loop_
_chem_comp_atom.comp_id 
_chem_comp_atom.atom_id 
_chem_comp_atom.type_symbol 
_chem_comp_atom.pdbx_aromatic_flag 
_chem_comp_atom.pdbx_stereo_config 
_chem_comp_atom.pdbx_ordinal 
3DR "O5'"  O  N N 1   
3DR P      P  N N 2   
3DR OP1    O  N N 3   
3DR OP2    O  N N 4   
3DR OP3    O  N N 5   
3DR "C2'"  C  N N 6   
3DR "C5'"  C  N N 7   
3DR "C4'"  C  N R 8   
3DR "O4'"  O  N N 9   
3DR "C1'"  C  N N 10  
3DR "C3'"  C  N S 11  
3DR "O3'"  O  N N 12  
3DR HOP2   H  N N 13  
3DR HOP3   H  N N 14  
3DR "H2'"  H  N N 15  
3DR "H2''" H  N N 16  
3DR "H5'"  H  N N 17  
3DR "H5''" H  N N 18  
3DR "H4'1" H  N N 19  
3DR "H1'1" H  N N 20  
3DR "H1'2" H  N N 21  
3DR "H3'"  H  N N 22  
3DR "HO3'" H  N N 23  
AG  AG     AG N N 24  
DA  OP3    O  N N 25  
DA  P      P  N N 26  
DA  OP1    O  N N 27  
DA  OP2    O  N N 28  
DA  "O5'"  O  N N 29  
DA  "C5'"  C  N N 30  
DA  "C4'"  C  N R 31  
DA  "O4'"  O  N N 32  
DA  "C3'"  C  N S 33  
DA  "O3'"  O  N N 34  
DA  "C2'"  C  N N 35  
DA  "C1'"  C  N R 36  
DA  N9     N  Y N 37  
DA  C8     C  Y N 38  
DA  N7     N  Y N 39  
DA  C5     C  Y N 40  
DA  C6     C  Y N 41  
DA  N6     N  N N 42  
DA  N1     N  Y N 43  
DA  C2     C  Y N 44  
DA  N3     N  Y N 45  
DA  C4     C  Y N 46  
DA  HOP3   H  N N 47  
DA  HOP2   H  N N 48  
DA  "H5'"  H  N N 49  
DA  "H5''" H  N N 50  
DA  "H4'"  H  N N 51  
DA  "H3'"  H  N N 52  
DA  "HO3'" H  N N 53  
DA  "H2'"  H  N N 54  
DA  "H2''" H  N N 55  
DA  "H1'"  H  N N 56  
DA  H8     H  N N 57  
DA  H61    H  N N 58  
DA  H62    H  N N 59  
DA  H2     H  N N 60  
DC  OP3    O  N N 61  
DC  P      P  N N 62  
DC  OP1    O  N N 63  
DC  OP2    O  N N 64  
DC  "O5'"  O  N N 65  
DC  "C5'"  C  N N 66  
DC  "C4'"  C  N R 67  
DC  "O4'"  O  N N 68  
DC  "C3'"  C  N S 69  
DC  "O3'"  O  N N 70  
DC  "C2'"  C  N N 71  
DC  "C1'"  C  N R 72  
DC  N1     N  N N 73  
DC  C2     C  N N 74  
DC  O2     O  N N 75  
DC  N3     N  N N 76  
DC  C4     C  N N 77  
DC  N4     N  N N 78  
DC  C5     C  N N 79  
DC  C6     C  N N 80  
DC  HOP3   H  N N 81  
DC  HOP2   H  N N 82  
DC  "H5'"  H  N N 83  
DC  "H5''" H  N N 84  
DC  "H4'"  H  N N 85  
DC  "H3'"  H  N N 86  
DC  "HO3'" H  N N 87  
DC  "H2'"  H  N N 88  
DC  "H2''" H  N N 89  
DC  "H1'"  H  N N 90  
DC  H41    H  N N 91  
DC  H42    H  N N 92  
DC  H5     H  N N 93  
DC  H6     H  N N 94  
DG  OP3    O  N N 95  
DG  P      P  N N 96  
DG  OP1    O  N N 97  
DG  OP2    O  N N 98  
DG  "O5'"  O  N N 99  
DG  "C5'"  C  N N 100 
DG  "C4'"  C  N R 101 
DG  "O4'"  O  N N 102 
DG  "C3'"  C  N S 103 
DG  "O3'"  O  N N 104 
DG  "C2'"  C  N N 105 
DG  "C1'"  C  N R 106 
DG  N9     N  Y N 107 
DG  C8     C  Y N 108 
DG  N7     N  Y N 109 
DG  C5     C  Y N 110 
DG  C6     C  N N 111 
DG  O6     O  N N 112 
DG  N1     N  N N 113 
DG  C2     C  N N 114 
DG  N2     N  N N 115 
DG  N3     N  N N 116 
DG  C4     C  Y N 117 
DG  HOP3   H  N N 118 
DG  HOP2   H  N N 119 
DG  "H5'"  H  N N 120 
DG  "H5''" H  N N 121 
DG  "H4'"  H  N N 122 
DG  "H3'"  H  N N 123 
DG  "HO3'" H  N N 124 
DG  "H2'"  H  N N 125 
DG  "H2''" H  N N 126 
DG  "H1'"  H  N N 127 
DG  H8     H  N N 128 
DG  H1     H  N N 129 
DG  H21    H  N N 130 
DG  H22    H  N N 131 
HOH O      O  N N 132 
HOH H1     H  N N 133 
HOH H2     H  N N 134 
# 
loop_
_chem_comp_bond.comp_id 
_chem_comp_bond.atom_id_1 
_chem_comp_bond.atom_id_2 
_chem_comp_bond.value_order 
_chem_comp_bond.pdbx_aromatic_flag 
_chem_comp_bond.pdbx_stereo_config 
_chem_comp_bond.pdbx_ordinal 
3DR "O5'" P      sing N N 1   
3DR "O5'" "C5'"  sing N N 2   
3DR P     OP1    doub N N 3   
3DR P     OP2    sing N N 4   
3DR P     OP3    sing N N 5   
3DR OP2   HOP2   sing N N 6   
3DR OP3   HOP3   sing N N 7   
3DR "C2'" "C1'"  sing N N 8   
3DR "C2'" "C3'"  sing N N 9   
3DR "C2'" "H2'"  sing N N 10  
3DR "C2'" "H2''" sing N N 11  
3DR "C5'" "C4'"  sing N N 12  
3DR "C5'" "H5'"  sing N N 13  
3DR "C5'" "H5''" sing N N 14  
3DR "C4'" "O4'"  sing N N 15  
3DR "C4'" "C3'"  sing N N 16  
3DR "C4'" "H4'1" sing N N 17  
3DR "O4'" "C1'"  sing N N 18  
3DR "C1'" "H1'1" sing N N 19  
3DR "C1'" "H1'2" sing N N 20  
3DR "C3'" "O3'"  sing N N 21  
3DR "C3'" "H3'"  sing N N 22  
3DR "O3'" "HO3'" sing N N 23  
DA  OP3   P      sing N N 24  
DA  OP3   HOP3   sing N N 25  
DA  P     OP1    doub N N 26  
DA  P     OP2    sing N N 27  
DA  P     "O5'"  sing N N 28  
DA  OP2   HOP2   sing N N 29  
DA  "O5'" "C5'"  sing N N 30  
DA  "C5'" "C4'"  sing N N 31  
DA  "C5'" "H5'"  sing N N 32  
DA  "C5'" "H5''" sing N N 33  
DA  "C4'" "O4'"  sing N N 34  
DA  "C4'" "C3'"  sing N N 35  
DA  "C4'" "H4'"  sing N N 36  
DA  "O4'" "C1'"  sing N N 37  
DA  "C3'" "O3'"  sing N N 38  
DA  "C3'" "C2'"  sing N N 39  
DA  "C3'" "H3'"  sing N N 40  
DA  "O3'" "HO3'" sing N N 41  
DA  "C2'" "C1'"  sing N N 42  
DA  "C2'" "H2'"  sing N N 43  
DA  "C2'" "H2''" sing N N 44  
DA  "C1'" N9     sing N N 45  
DA  "C1'" "H1'"  sing N N 46  
DA  N9    C8     sing Y N 47  
DA  N9    C4     sing Y N 48  
DA  C8    N7     doub Y N 49  
DA  C8    H8     sing N N 50  
DA  N7    C5     sing Y N 51  
DA  C5    C6     sing Y N 52  
DA  C5    C4     doub Y N 53  
DA  C6    N6     sing N N 54  
DA  C6    N1     doub Y N 55  
DA  N6    H61    sing N N 56  
DA  N6    H62    sing N N 57  
DA  N1    C2     sing Y N 58  
DA  C2    N3     doub Y N 59  
DA  C2    H2     sing N N 60  
DA  N3    C4     sing Y N 61  
DC  OP3   P      sing N N 62  
DC  OP3   HOP3   sing N N 63  
DC  P     OP1    doub N N 64  
DC  P     OP2    sing N N 65  
DC  P     "O5'"  sing N N 66  
DC  OP2   HOP2   sing N N 67  
DC  "O5'" "C5'"  sing N N 68  
DC  "C5'" "C4'"  sing N N 69  
DC  "C5'" "H5'"  sing N N 70  
DC  "C5'" "H5''" sing N N 71  
DC  "C4'" "O4'"  sing N N 72  
DC  "C4'" "C3'"  sing N N 73  
DC  "C4'" "H4'"  sing N N 74  
DC  "O4'" "C1'"  sing N N 75  
DC  "C3'" "O3'"  sing N N 76  
DC  "C3'" "C2'"  sing N N 77  
DC  "C3'" "H3'"  sing N N 78  
DC  "O3'" "HO3'" sing N N 79  
DC  "C2'" "C1'"  sing N N 80  
DC  "C2'" "H2'"  sing N N 81  
DC  "C2'" "H2''" sing N N 82  
DC  "C1'" N1     sing N N 83  
DC  "C1'" "H1'"  sing N N 84  
DC  N1    C2     sing N N 85  
DC  N1    C6     sing N N 86  
DC  C2    O2     doub N N 87  
DC  C2    N3     sing N N 88  
DC  N3    C4     doub N N 89  
DC  C4    N4     sing N N 90  
DC  C4    C5     sing N N 91  
DC  N4    H41    sing N N 92  
DC  N4    H42    sing N N 93  
DC  C5    C6     doub N N 94  
DC  C5    H5     sing N N 95  
DC  C6    H6     sing N N 96  
DG  OP3   P      sing N N 97  
DG  OP3   HOP3   sing N N 98  
DG  P     OP1    doub N N 99  
DG  P     OP2    sing N N 100 
DG  P     "O5'"  sing N N 101 
DG  OP2   HOP2   sing N N 102 
DG  "O5'" "C5'"  sing N N 103 
DG  "C5'" "C4'"  sing N N 104 
DG  "C5'" "H5'"  sing N N 105 
DG  "C5'" "H5''" sing N N 106 
DG  "C4'" "O4'"  sing N N 107 
DG  "C4'" "C3'"  sing N N 108 
DG  "C4'" "H4'"  sing N N 109 
DG  "O4'" "C1'"  sing N N 110 
DG  "C3'" "O3'"  sing N N 111 
DG  "C3'" "C2'"  sing N N 112 
DG  "C3'" "H3'"  sing N N 113 
DG  "O3'" "HO3'" sing N N 114 
DG  "C2'" "C1'"  sing N N 115 
DG  "C2'" "H2'"  sing N N 116 
DG  "C2'" "H2''" sing N N 117 
DG  "C1'" N9     sing N N 118 
DG  "C1'" "H1'"  sing N N 119 
DG  N9    C8     sing Y N 120 
DG  N9    C4     sing Y N 121 
DG  C8    N7     doub Y N 122 
DG  C8    H8     sing N N 123 
DG  N7    C5     sing Y N 124 
DG  C5    C6     sing N N 125 
DG  C5    C4     doub Y N 126 
DG  C6    O6     doub N N 127 
DG  C6    N1     sing N N 128 
DG  N1    C2     sing N N 129 
DG  N1    H1     sing N N 130 
DG  C2    N2     sing N N 131 
DG  C2    N3     doub N N 132 
DG  N2    H21    sing N N 133 
DG  N2    H22    sing N N 134 
DG  N3    C4     sing N N 135 
HOH O     H1     sing N N 136 
HOH O     H2     sing N N 137 
# 
_ndb_struct_conf_na.entry_id   7BSH 
_ndb_struct_conf_na.feature    'double helix' 
# 
loop_
_ndb_struct_na_base_pair.model_number 
_ndb_struct_na_base_pair.i_label_asym_id 
_ndb_struct_na_base_pair.i_label_comp_id 
_ndb_struct_na_base_pair.i_label_seq_id 
_ndb_struct_na_base_pair.i_symmetry 
_ndb_struct_na_base_pair.j_label_asym_id 
_ndb_struct_na_base_pair.j_label_comp_id 
_ndb_struct_na_base_pair.j_label_seq_id 
_ndb_struct_na_base_pair.j_symmetry 
_ndb_struct_na_base_pair.shear 
_ndb_struct_na_base_pair.stretch 
_ndb_struct_na_base_pair.stagger 
_ndb_struct_na_base_pair.buckle 
_ndb_struct_na_base_pair.propeller 
_ndb_struct_na_base_pair.opening 
_ndb_struct_na_base_pair.pair_number 
_ndb_struct_na_base_pair.pair_name 
_ndb_struct_na_base_pair.i_auth_asym_id 
_ndb_struct_na_base_pair.i_auth_seq_id 
_ndb_struct_na_base_pair.i_PDB_ins_code 
_ndb_struct_na_base_pair.j_auth_asym_id 
_ndb_struct_na_base_pair.j_auth_seq_id 
_ndb_struct_na_base_pair.j_PDB_ins_code 
_ndb_struct_na_base_pair.hbond_type_28 
_ndb_struct_na_base_pair.hbond_type_12 
1 A DC 3 1_555 B DA 2  1_555 1.185  -2.199 0.875  21.831  33.908  -121.665 1 A_DC3:DA2_B  A 3 ? B 2  ? ? ? 
1 A DC 4 1_555 B DC 1  1_555 1.313  -3.352 -0.320 26.407  32.822  -87.151  2 A_DC4:DC1_B  A 4 ? B 1  ? ? ? 
1 A DC 1 1_555 B DC 4  1_555 -1.262 3.291  -0.192 -19.700 -36.223 88.817   3 A_DC1:DC4_B  A 1 ? B 4  ? ? ? 
1 B DG 7 1_555 B DA 10 1_555 0.605  1.038  -2.463 43.641  -2.155  21.132   4 B_DG7:DA10_B B 7 ? B 10 ? ? 1 
# 
loop_
_ndb_struct_na_base_pair_step.model_number 
_ndb_struct_na_base_pair_step.i_label_asym_id_1 
_ndb_struct_na_base_pair_step.i_label_comp_id_1 
_ndb_struct_na_base_pair_step.i_label_seq_id_1 
_ndb_struct_na_base_pair_step.i_symmetry_1 
_ndb_struct_na_base_pair_step.j_label_asym_id_1 
_ndb_struct_na_base_pair_step.j_label_comp_id_1 
_ndb_struct_na_base_pair_step.j_label_seq_id_1 
_ndb_struct_na_base_pair_step.j_symmetry_1 
_ndb_struct_na_base_pair_step.i_label_asym_id_2 
_ndb_struct_na_base_pair_step.i_label_comp_id_2 
_ndb_struct_na_base_pair_step.i_label_seq_id_2 
_ndb_struct_na_base_pair_step.i_symmetry_2 
_ndb_struct_na_base_pair_step.j_label_asym_id_2 
_ndb_struct_na_base_pair_step.j_label_comp_id_2 
_ndb_struct_na_base_pair_step.j_label_seq_id_2 
_ndb_struct_na_base_pair_step.j_symmetry_2 
_ndb_struct_na_base_pair_step.shift 
_ndb_struct_na_base_pair_step.slide 
_ndb_struct_na_base_pair_step.rise 
_ndb_struct_na_base_pair_step.tilt 
_ndb_struct_na_base_pair_step.roll 
_ndb_struct_na_base_pair_step.twist 
_ndb_struct_na_base_pair_step.x_displacement 
_ndb_struct_na_base_pair_step.y_displacement 
_ndb_struct_na_base_pair_step.helical_rise 
_ndb_struct_na_base_pair_step.inclination 
_ndb_struct_na_base_pair_step.tip 
_ndb_struct_na_base_pair_step.helical_twist 
_ndb_struct_na_base_pair_step.step_number 
_ndb_struct_na_base_pair_step.step_name 
_ndb_struct_na_base_pair_step.i_auth_asym_id_1 
_ndb_struct_na_base_pair_step.i_auth_seq_id_1 
_ndb_struct_na_base_pair_step.i_PDB_ins_code_1 
_ndb_struct_na_base_pair_step.j_auth_asym_id_1 
_ndb_struct_na_base_pair_step.j_auth_seq_id_1 
_ndb_struct_na_base_pair_step.j_PDB_ins_code_1 
_ndb_struct_na_base_pair_step.i_auth_asym_id_2 
_ndb_struct_na_base_pair_step.i_auth_seq_id_2 
_ndb_struct_na_base_pair_step.i_PDB_ins_code_2 
_ndb_struct_na_base_pair_step.j_auth_asym_id_2 
_ndb_struct_na_base_pair_step.j_auth_seq_id_2 
_ndb_struct_na_base_pair_step.j_PDB_ins_code_2 
1 A DC 3 1_555 B DA 2 1_555 A DC 4 1_555 B DC 1 1_555 1.638 0.870  3.066  7.479   -6.600 -13.332  0.883 10.068 2.071  24.437 
27.692  -16.637  1 AA_DC3DC4:DC1DA2_BB A 3 ? B 2 ? A 4 ? B 1 ? 
1 A DC 4 1_555 B DC 1 1_555 A DC 1 1_555 B DC 4 1_555 1.759 -3.063 -0.020 -47.498 1.260  -178.505 1.532 0.880  -0.010 -0.630 
-23.751 -178.632 2 AA_DC4DC1:DC4DC1_BB A 4 ? B 1 ? A 1 ? B 4 ? 
# 
_pdbx_audit_support.funding_organization   'Ministry of Education, Culture, Sports, Science and Technology (Japan)' 
_pdbx_audit_support.country                Japan 
_pdbx_audit_support.grant_number           ? 
_pdbx_audit_support.ordinal                1 
# 
_pdbx_entity_instance_feature.ordinal        1 
_pdbx_entity_instance_feature.comp_id        AG 
_pdbx_entity_instance_feature.asym_id        ? 
_pdbx_entity_instance_feature.seq_num        ? 
_pdbx_entity_instance_feature.auth_comp_id   AG 
_pdbx_entity_instance_feature.auth_asym_id   ? 
_pdbx_entity_instance_feature.auth_seq_num   ? 
_pdbx_entity_instance_feature.feature_type   'SUBJECT OF INVESTIGATION' 
_pdbx_entity_instance_feature.details        ? 
# 
loop_
_pdbx_entity_nonpoly.entity_id 
_pdbx_entity_nonpoly.name 
_pdbx_entity_nonpoly.comp_id 
2 'SILVER ION' AG  
3 water        HOH 
# 
_pdbx_initial_refinement_model.id               1 
_pdbx_initial_refinement_model.entity_id_list   ? 
_pdbx_initial_refinement_model.type             'experimental model' 
_pdbx_initial_refinement_model.source_name      PDB 
_pdbx_initial_refinement_model.accession_code   6JR4 
_pdbx_initial_refinement_model.details          ? 
# 
_pdbx_struct_assembly_auth_evidence.id                     1 
_pdbx_struct_assembly_auth_evidence.assembly_id            1 
_pdbx_struct_assembly_auth_evidence.experimental_support   none 
_pdbx_struct_assembly_auth_evidence.details                ? 
# 
